data_7X3W
#
_entry.id   7X3W
#
_cell.length_a   1.00
_cell.length_b   1.00
_cell.length_c   1.00
_cell.angle_alpha   90.00
_cell.angle_beta   90.00
_cell.angle_gamma   90.00
#
_symmetry.space_group_name_H-M   'P 1'
#
loop_
_entity.id
_entity.type
_entity.pdbx_description
1 polymer 'Histone H3'
2 polymer 'Histone H4'
3 polymer 'Histone H2A'
4 polymer 'Histone H2B 1.1'
5 polymer 'DNA (146-MER)'
6 polymer 'DNA (146-MER)'
7 polymer 'ISWI chromatin-remodeling complex ATPase ISW1'
8 non-polymer "ADENOSINE-5'-DIPHOSPHATE"
9 non-polymer 'BERYLLIUM TRIFLUORIDE ION'
10 non-polymer 'MAGNESIUM ION'
#
loop_
_entity_poly.entity_id
_entity_poly.type
_entity_poly.pdbx_seq_one_letter_code
_entity_poly.pdbx_strand_id
1 'polypeptide(L)'
;MARTKQTARKSTGGKAPRKQLATKAARKSAPATGGVKKPHRYRPGTVALREIRRYQKSTELLIRKLPFQRLVREIAQDFK
TDLRFQSSAVMALQEASEAYLVALFEDTNLCAIHAKRVTIMPKDIQLARRIRGERA
;
A,E
2 'polypeptide(L)'
;MSGRGKGGKGLGKGGAKRHRKVLRDNIQGITKPAIRRLARRGGVKRISGLIYEETRGVLKVFLENVIRDAVTYTEHAKRK
TVTAMDVVYALKRQGRTLYGFGG
;
B,F
3 'polypeptide(L)'
;MSGRGKQGGKTRAKAKTRSSRAGLQFPVGRVHRLLRKGNYAERVGAGAPVYLAAVLEYLTAEILELAGNAARDNKKTRII
PRHLQLAVRNDEELNKLLGRVTIAQGGVLPNIQSVLLPKKTESSKSAKSK
;
C,G
4 'polypeptide(L)'
;MPEPAKSAPAPKKGSKKAVTKTQKKDGKKRRKSRKESYAIYVYKVLKQVHPDTGISSKAMSIMNSFVNDVFERIAGEASR
LAHYNKRSTITSREIQTAVRLLLPGELAKHAVSEGTKAVTKYTSAK
;
D,H
5 'polydeoxyribonucleotide'
;(DC)(DT)(DG)(DG)(DA)(DG)(DA)(DA)(DT)(DC)(DC)(DC)(DG)(DG)(DT)(DG)(DC)(DC)(DG)(DA)
(DG)(DG)(DC)(DC)(DG)(DC)(DT)(DC)(DA)(DA)(DT)(DT)(DG)(DG)(DT)(DC)(DG)(DT)(DA)(DG)
(DA)(DC)(DA)(DG)(DC)(DT)(DC)(DT)(DA)(DG)(DC)(DA)(DC)(DC)(DG)(DC)(DT)(DT)(DA)(DA)
(DA)(DC)(DG)(DC)(DA)(DC)(DG)(DT)(DA)(DC)(DG)(DC)(DG)(DC)(DT)(DG)(DT)(DC)(DC)(DC)
(DC)(DC)(DG)(DC)(DG)(DT)(DT)(DT)(DT)(DA)(DA)(DC)(DC)(DG)(DC)(DC)(DA)(DA)(DG)(DG)
(DG)(DG)(DA)(DT)(DT)(DA)(DC)(DT)(DC)(DC)(DC)(DT)(DA)(DG)(DT)(DC)(DT)(DC)(DC)(DA)
(DG)(DG)(DC)(DA)(DC)(DG)(DT)(DG)(DT)(DC)(DA)(DG)(DA)(DT)(DA)(DT)(DA)(DT)(DA)(DC)
(DA)(DT)(DC)(DC)(DT)(DG)(DA)
;
I
6 'polydeoxyribonucleotide'
;(DT)(DC)(DA)(DG)(DG)(DA)(DT)(DG)(DT)(DA)(DT)(DA)(DT)(DA)(DT)(DC)(DT)(DG)(DA)(DC)
(DA)(DC)(DG)(DT)(DG)(DC)(DC)(DT)(DG)(DG)(DA)(DG)(DA)(DC)(DT)(DA)(DG)(DG)(DG)(DA)
(DG)(DT)(DA)(DA)(DT)(DC)(DC)(DC)(DC)(DT)(DT)(DG)(DG)(DC)(DG)(DG)(DT)(DT)(DA)(DA)
(DA)(DA)(DC)(DG)(DC)(DG)(DG)(DG)(DG)(DG)(DA)(DC)(DA)(DG)(DC)(DG)(DC)(DG)(DT)(DA)
(DC)(DG)(DT)(DG)(DC)(DG)(DT)(DT)(DT)(DA)(DA)(DG)(DC)(DG)(DG)(DT)(DG)(DC)(DT)(DA)
(DG)(DA)(DG)(DC)(DT)(DG)(DT)(DC)(DT)(DA)(DC)(DG)(DA)(DC)(DC)(DA)(DA)(DT)(DT)(DG)
(DA)(DG)(DC)(DG)(DG)(DC)(DC)(DT)(DC)(DG)(DG)(DC)(DA)(DC)(DC)(DG)(DG)(DG)(DA)(DT)
(DT)(DC)(DT)(DC)(DC)(DA)
;
J
7 'polypeptide(L)'
;MENLKPFQVGLPPHDPESNKKRYLLKDANGKKFDLEGTTKRFEHLLSLSGLFKHFIESKAAKDPKFRQVLDVLEENKANG
KGKGKHQDVRRRKTEHEEDAELLKEEDSDDDESIEFQFRESPAYVNGQLRPYQIQGVNWLVSLHKNKIAGILADEMGLGK
TLQTISFLGYLRYIEKIPGPFLVIAPKSTLNNWLREINRWTPDVNAFILQGDKEERAELIQKKLLGCDFDVVIASYEIII
REKSPLKKINWEYIIIDEAHRIKNEESMLSQVLREFTSRNRLLITGTPLQNNLHELWALLNFLLPDIFSDAQDFDDWFSS
ESTEEDQDKIVKQLHTVLQPFLLRRIKSDVETSLLPKKELNLYVGMSSMQKKWYKKILEKDLDAVNGSNGSKESKTRLLN
IMMQLRKCCNHPYLFDGAEPGPPYTTDEHLVYNAAKLQVLDKLLKKLKEEGSRVLIFSQMSRLLDILEDYCYFRNYEYCR
IDGSTAHEDRIQAIDDYNAPDSKKFVFLLTTRAGGLGINLTSADVVVLYDSDWNPQADLQAMDRAHRIGQKKQVKVFRLV
TDNSVEEKILERATQKLRLDQLVIQQNRTSLKKKENKADSKDALLSMIQHGAADVFKSGTSTGSAGTPEPGSGEKGDDID
LDELLLKSENKTKSLNAKYETLGLDDLQKFNQDSAYEWNGQDFKKKIQRDIISPLLLNPTKRERKENYSIDNYYKDVLNT
GRSSTPSHPRMPKPHVFHSHQLQPPQLKVLYEKERMWTAKKTGYVPTMDDVKAAYGDISDEEEKKQKLELLKLSVNNSQP
LTEEEEKMKADWESEGFTNWNKLEFRKFITVSGKYGRNSIQAIARELAPGKTLEEVRAYAKAFWSNIERIEDYEKYLKII
ENEEEKIKRVKMQQEALRRKLSEYKNPFFDLKLKHPPSSNNKRTYSEEEDRFILLMLFKYGLDRDDVYELVRDEIRDCPL
FELDFYFRSRTPVELARRGNTLLQCLEKEFNAGIVLDDATKDRMKKEDENGKRIREEFADQTANEKENVDGVESKKAKIE
DTSNVGTEQLVAEKIPENETTH
;
K
#
# COMPACT_ATOMS: atom_id res chain seq x y z
N LYS A 38 -20.58 44.68 -1.18
CA LYS A 38 -19.27 44.14 -0.90
C LYS A 38 -19.34 42.64 -0.67
N PRO A 39 -18.39 41.90 -1.24
CA PRO A 39 -18.37 40.45 -1.05
C PRO A 39 -18.16 40.07 0.41
N HIS A 40 -18.76 38.95 0.79
CA HIS A 40 -18.75 38.50 2.19
C HIS A 40 -17.52 37.64 2.42
N ARG A 41 -16.49 38.23 3.01
CA ARG A 41 -15.27 37.51 3.35
C ARG A 41 -15.18 37.28 4.84
N TYR A 42 -14.69 36.10 5.21
CA TYR A 42 -14.41 35.78 6.59
C TYR A 42 -13.07 36.34 7.03
N ARG A 43 -12.97 36.63 8.32
CA ARG A 43 -11.72 37.10 8.89
C ARG A 43 -10.69 35.98 8.83
N PRO A 44 -9.43 36.28 8.54
CA PRO A 44 -8.43 35.21 8.45
C PRO A 44 -8.29 34.44 9.74
N GLY A 45 -8.33 33.12 9.63
CA GLY A 45 -8.29 32.22 10.77
C GLY A 45 -9.60 31.48 11.00
N THR A 46 -10.72 32.08 10.62
CA THR A 46 -12.00 31.42 10.80
C THR A 46 -12.07 30.14 9.98
N VAL A 47 -11.72 30.22 8.71
CA VAL A 47 -11.72 29.03 7.87
C VAL A 47 -10.68 28.04 8.37
N ALA A 48 -9.56 28.53 8.90
CA ALA A 48 -8.55 27.63 9.46
C ALA A 48 -9.13 26.81 10.60
N LEU A 49 -9.82 27.47 11.53
CA LEU A 49 -10.39 26.74 12.64
C LEU A 49 -11.47 25.78 12.17
N ARG A 50 -12.30 26.20 11.22
CA ARG A 50 -13.32 25.31 10.71
C ARG A 50 -12.72 24.07 10.07
N GLU A 51 -11.66 24.24 9.29
CA GLU A 51 -10.99 23.09 8.71
C GLU A 51 -10.38 22.22 9.77
N ILE A 52 -9.85 22.82 10.84
CA ILE A 52 -9.25 22.03 11.90
C ILE A 52 -10.29 21.13 12.53
N ARG A 53 -11.47 21.68 12.81
CA ARG A 53 -12.52 20.85 13.37
C ARG A 53 -12.94 19.75 12.40
N ARG A 54 -13.09 20.10 11.12
CA ARG A 54 -13.50 19.10 10.14
C ARG A 54 -12.53 17.94 10.09
N TYR A 55 -11.24 18.24 9.97
CA TYR A 55 -10.27 17.18 9.76
C TYR A 55 -9.94 16.43 11.03
N GLN A 56 -10.11 17.04 12.19
CA GLN A 56 -9.98 16.25 13.41
C GLN A 56 -11.23 15.45 13.70
N LYS A 57 -12.34 15.75 13.02
CA LYS A 57 -13.53 14.93 13.15
C LYS A 57 -13.47 13.72 12.22
N SER A 58 -12.93 13.89 11.02
CA SER A 58 -12.94 12.82 10.03
C SER A 58 -11.80 11.83 10.26
N THR A 59 -11.77 10.77 9.45
CA THR A 59 -10.71 9.78 9.54
C THR A 59 -10.14 9.32 8.19
N GLU A 60 -10.61 9.83 7.06
CA GLU A 60 -10.12 9.33 5.80
C GLU A 60 -8.68 9.75 5.57
N LEU A 61 -8.05 9.13 4.57
CA LEU A 61 -6.68 9.47 4.23
C LEU A 61 -6.63 10.80 3.51
N LEU A 62 -5.51 11.51 3.69
CA LEU A 62 -5.41 12.89 3.24
C LEU A 62 -4.42 13.08 2.10
N ILE A 63 -3.81 12.02 1.59
CA ILE A 63 -2.89 12.11 0.47
C ILE A 63 -3.45 11.30 -0.69
N ARG A 64 -3.29 11.82 -1.90
CA ARG A 64 -3.80 11.13 -3.07
C ARG A 64 -3.04 9.82 -3.31
N LYS A 65 -3.82 8.76 -3.56
CA LYS A 65 -3.27 7.41 -3.55
C LYS A 65 -2.30 7.18 -4.70
N LEU A 66 -2.64 7.62 -5.91
CA LEU A 66 -1.71 7.41 -7.01
C LEU A 66 -0.40 8.16 -6.84
N PRO A 67 -0.38 9.44 -6.50
CA PRO A 67 0.92 10.07 -6.25
C PRO A 67 1.69 9.38 -5.15
N PHE A 68 1.01 8.94 -4.08
CA PHE A 68 1.75 8.26 -3.04
C PHE A 68 2.34 6.95 -3.53
N GLN A 69 1.58 6.20 -4.31
CA GLN A 69 2.07 4.92 -4.81
C GLN A 69 3.23 5.10 -5.76
N ARG A 70 3.17 6.12 -6.61
CA ARG A 70 4.32 6.40 -7.47
C ARG A 70 5.55 6.72 -6.65
N LEU A 71 5.39 7.54 -5.60
CA LEU A 71 6.52 7.86 -4.75
C LEU A 71 7.11 6.60 -4.12
N VAL A 72 6.25 5.72 -3.62
CA VAL A 72 6.73 4.51 -2.95
C VAL A 72 7.50 3.64 -3.93
N ARG A 73 6.96 3.44 -5.12
CA ARG A 73 7.64 2.62 -6.11
C ARG A 73 8.98 3.22 -6.51
N GLU A 74 9.01 4.54 -6.69
CA GLU A 74 10.28 5.19 -7.04
C GLU A 74 11.32 5.01 -5.95
N ILE A 75 10.93 5.17 -4.69
CA ILE A 75 11.89 4.97 -3.61
C ILE A 75 12.37 3.53 -3.58
N ALA A 76 11.46 2.57 -3.77
CA ALA A 76 11.88 1.18 -3.75
C ALA A 76 12.85 0.86 -4.87
N GLN A 77 12.77 1.61 -5.98
CA GLN A 77 13.63 1.31 -7.12
C GLN A 77 15.11 1.38 -6.78
N ASP A 78 15.49 2.08 -5.72
CA ASP A 78 16.90 2.25 -5.39
C ASP A 78 17.45 1.12 -4.53
N PHE A 79 16.62 0.15 -4.15
CA PHE A 79 17.07 -0.94 -3.30
C PHE A 79 17.10 -2.26 -4.05
N LYS A 80 15.99 -2.69 -4.63
CA LYS A 80 15.98 -3.90 -5.42
C LYS A 80 15.16 -3.62 -6.67
N THR A 81 15.77 -3.83 -7.83
CA THR A 81 15.10 -3.52 -9.08
C THR A 81 13.96 -4.49 -9.32
N ASP A 82 12.86 -3.96 -9.84
CA ASP A 82 11.70 -4.74 -10.26
C ASP A 82 11.09 -5.50 -9.07
N LEU A 83 10.61 -4.72 -8.11
CA LEU A 83 9.79 -5.26 -7.04
C LEU A 83 8.33 -5.18 -7.46
N ARG A 84 7.43 -5.59 -6.57
CA ARG A 84 6.03 -5.71 -6.94
C ARG A 84 5.21 -5.63 -5.66
N PHE A 85 4.61 -4.48 -5.42
CA PHE A 85 3.94 -4.25 -4.16
C PHE A 85 2.53 -4.79 -4.18
N GLN A 86 2.03 -5.15 -3.00
CA GLN A 86 0.62 -5.41 -2.83
C GLN A 86 -0.11 -4.12 -2.54
N SER A 87 -1.37 -4.08 -2.93
CA SER A 87 -2.20 -2.91 -2.63
C SER A 87 -2.28 -2.69 -1.13
N SER A 88 -2.45 -3.76 -0.37
CA SER A 88 -2.50 -3.62 1.08
C SER A 88 -1.18 -3.13 1.63
N ALA A 89 -0.07 -3.53 1.03
CA ALA A 89 1.23 -3.03 1.47
C ALA A 89 1.32 -1.51 1.27
N VAL A 90 0.90 -1.03 0.10
CA VAL A 90 0.96 0.40 -0.13
C VAL A 90 0.02 1.14 0.81
N MET A 91 -1.15 0.56 1.09
CA MET A 91 -2.07 1.19 2.02
C MET A 91 -1.47 1.26 3.42
N ALA A 92 -0.79 0.21 3.85
CA ALA A 92 -0.16 0.24 5.17
C ALA A 92 0.90 1.32 5.22
N LEU A 93 1.71 1.44 4.18
CA LEU A 93 2.70 2.50 4.14
C LEU A 93 2.06 3.86 4.27
N GLN A 94 0.94 4.07 3.58
CA GLN A 94 0.31 5.38 3.63
C GLN A 94 -0.28 5.67 5.00
N GLU A 95 -0.94 4.69 5.61
CA GLU A 95 -1.44 4.86 6.97
C GLU A 95 -0.32 5.28 7.91
N ALA A 96 0.77 4.52 7.90
CA ALA A 96 1.87 4.82 8.81
C ALA A 96 2.45 6.20 8.55
N SER A 97 2.63 6.56 7.27
CA SER A 97 3.21 7.84 6.96
C SER A 97 2.35 8.99 7.44
N GLU A 98 1.04 8.89 7.20
CA GLU A 98 0.16 9.98 7.62
C GLU A 98 0.09 10.10 9.13
N ALA A 99 0.05 8.97 9.85
CA ALA A 99 0.08 9.06 11.30
C ALA A 99 1.36 9.75 11.79
N TYR A 100 2.49 9.36 11.20
CA TYR A 100 3.76 9.98 11.57
C TYR A 100 3.74 11.48 11.34
N LEU A 101 3.27 11.91 10.19
CA LEU A 101 3.28 13.34 9.88
C LEU A 101 2.34 14.11 10.78
N VAL A 102 1.19 13.54 11.12
CA VAL A 102 0.27 14.23 12.01
C VAL A 102 0.90 14.43 13.37
N ALA A 103 1.56 13.39 13.91
CA ALA A 103 2.20 13.56 15.21
C ALA A 103 3.32 14.59 15.14
N LEU A 104 4.09 14.57 14.05
CA LEU A 104 5.16 15.55 13.91
C LEU A 104 4.61 16.96 13.87
N PHE A 105 3.46 17.16 13.21
CA PHE A 105 2.90 18.50 13.17
C PHE A 105 2.36 18.94 14.51
N GLU A 106 1.83 18.02 15.31
CA GLU A 106 1.45 18.39 16.68
C GLU A 106 2.65 18.89 17.46
N ASP A 107 3.77 18.16 17.40
CA ASP A 107 4.97 18.61 18.10
C ASP A 107 5.46 19.94 17.57
N THR A 108 5.42 20.12 16.25
CA THR A 108 5.82 21.38 15.66
C THR A 108 4.96 22.52 16.18
N ASN A 109 3.67 22.27 16.33
CA ASN A 109 2.77 23.30 16.86
C ASN A 109 3.18 23.66 18.28
N LEU A 110 3.52 22.66 19.09
CA LEU A 110 3.95 22.97 20.45
C LEU A 110 5.19 23.84 20.46
N CYS A 111 6.17 23.52 19.62
CA CYS A 111 7.38 24.32 19.57
C CYS A 111 7.08 25.75 19.11
N ALA A 112 6.23 25.90 18.09
CA ALA A 112 5.91 27.23 17.60
C ALA A 112 5.21 28.05 18.67
N ILE A 113 4.27 27.45 19.40
CA ILE A 113 3.65 28.15 20.50
C ILE A 113 4.70 28.55 21.53
N HIS A 114 5.64 27.65 21.81
CA HIS A 114 6.67 27.94 22.79
C HIS A 114 7.46 29.18 22.41
N ALA A 115 7.70 29.38 21.12
CA ALA A 115 8.39 30.58 20.69
C ALA A 115 7.48 31.80 20.61
N LYS A 116 6.27 31.73 21.17
CA LYS A 116 5.30 32.82 21.14
C LYS A 116 4.91 33.21 19.71
N ARG A 117 4.75 32.23 18.85
CA ARG A 117 4.25 32.42 17.50
C ARG A 117 2.95 31.66 17.33
N VAL A 118 2.42 31.69 16.11
CA VAL A 118 1.30 30.82 15.75
C VAL A 118 1.61 30.19 14.41
N THR A 119 2.63 30.68 13.74
CA THR A 119 3.04 30.19 12.43
C THR A 119 4.14 29.16 12.61
N ILE A 120 3.90 27.94 12.17
CA ILE A 120 4.93 26.90 12.27
C ILE A 120 5.99 27.14 11.22
N MET A 121 7.24 26.85 11.56
CA MET A 121 8.36 27.17 10.70
C MET A 121 9.33 26.00 10.63
N PRO A 122 10.18 25.97 9.61
CA PRO A 122 11.11 24.85 9.49
C PRO A 122 11.99 24.67 10.70
N LYS A 123 12.38 25.75 11.35
CA LYS A 123 13.14 25.60 12.59
C LYS A 123 12.32 24.90 13.65
N ASP A 124 11.01 25.12 13.66
CA ASP A 124 10.16 24.40 14.60
C ASP A 124 10.14 22.92 14.31
N ILE A 125 10.02 22.55 13.04
CA ILE A 125 10.05 21.13 12.68
C ILE A 125 11.38 20.52 13.08
N GLN A 126 12.47 21.21 12.79
CA GLN A 126 13.79 20.67 13.09
C GLN A 126 13.98 20.51 14.59
N LEU A 127 13.48 21.45 15.38
CA LEU A 127 13.59 21.29 16.82
C LEU A 127 12.81 20.09 17.30
N ALA A 128 11.60 19.88 16.76
CA ALA A 128 10.82 18.72 17.17
C ALA A 128 11.56 17.44 16.87
N ARG A 129 12.10 17.31 15.66
CA ARG A 129 12.80 16.08 15.33
C ARG A 129 14.09 15.93 16.12
N ARG A 130 14.79 17.03 16.35
CA ARG A 130 16.02 16.97 17.14
C ARG A 130 15.76 16.49 18.55
N ILE A 131 14.69 16.97 19.19
CA ILE A 131 14.37 16.50 20.53
C ILE A 131 13.93 15.05 20.48
N ARG A 132 13.17 14.66 19.45
CA ARG A 132 12.75 13.27 19.35
C ARG A 132 13.94 12.33 19.18
N GLY A 133 15.02 12.82 18.57
CA GLY A 133 16.15 11.97 18.31
C GLY A 133 16.05 11.32 16.95
N GLU A 134 15.68 12.10 15.94
CA GLU A 134 15.54 11.61 14.59
C GLU A 134 16.42 12.34 13.59
N ARG A 135 17.21 13.31 14.04
CA ARG A 135 18.01 14.11 13.14
C ARG A 135 19.21 13.34 12.63
N GLY B 15 3.31 22.66 -33.41
CA GLY B 15 3.83 21.36 -33.02
C GLY B 15 4.75 21.42 -31.82
N ALA B 16 5.68 20.47 -31.74
CA ALA B 16 6.62 20.35 -30.63
C ALA B 16 5.88 20.29 -29.30
N LYS B 17 4.82 19.47 -29.25
CA LYS B 17 3.99 19.33 -28.07
C LYS B 17 4.15 18.00 -27.37
N ARG B 18 4.79 17.01 -27.99
CA ARG B 18 4.97 15.71 -27.36
C ARG B 18 5.90 15.76 -26.16
N HIS B 19 6.61 16.87 -25.97
CA HIS B 19 7.59 17.01 -24.90
C HIS B 19 7.28 18.21 -24.01
N ARG B 20 5.99 18.57 -23.91
CA ARG B 20 5.58 19.70 -23.09
C ARG B 20 5.36 19.34 -21.63
N LYS B 21 5.31 18.04 -21.29
CA LYS B 21 4.99 17.62 -19.93
C LYS B 21 5.94 16.46 -19.60
N VAL B 22 7.04 16.79 -18.90
CA VAL B 22 8.03 15.80 -18.50
C VAL B 22 8.42 16.00 -17.05
N LEU B 23 7.58 16.69 -16.29
CA LEU B 23 7.99 17.33 -15.04
C LEU B 23 7.30 16.75 -13.79
N ARG B 24 7.03 15.44 -13.78
CA ARG B 24 6.36 14.86 -12.62
C ARG B 24 7.14 15.05 -11.32
N ASP B 25 8.31 14.44 -11.21
CA ASP B 25 9.14 14.52 -10.01
C ASP B 25 8.33 14.09 -8.78
N ASN B 26 8.05 12.79 -8.75
CA ASN B 26 7.06 12.18 -7.86
C ASN B 26 6.97 12.80 -6.48
N ILE B 27 8.08 13.21 -5.88
CA ILE B 27 8.00 13.80 -4.55
C ILE B 27 7.15 15.05 -4.58
N GLN B 28 7.08 15.75 -5.72
CA GLN B 28 6.15 16.85 -5.84
C GLN B 28 4.71 16.39 -5.79
N GLY B 29 4.46 15.09 -5.95
CA GLY B 29 3.10 14.59 -5.90
C GLY B 29 2.42 14.81 -4.57
N ILE B 30 3.19 15.00 -3.51
CA ILE B 30 2.64 15.34 -2.21
C ILE B 30 2.38 16.84 -2.23
N THR B 31 1.20 17.24 -2.64
CA THR B 31 0.95 18.62 -3.01
C THR B 31 0.88 19.51 -1.78
N LYS B 32 0.89 20.81 -2.04
CA LYS B 32 0.69 21.79 -0.97
C LYS B 32 -0.63 21.59 -0.23
N PRO B 33 -1.77 21.46 -0.90
CA PRO B 33 -3.02 21.27 -0.14
C PRO B 33 -3.02 20.02 0.72
N ALA B 34 -2.38 18.94 0.28
CA ALA B 34 -2.35 17.73 1.11
C ALA B 34 -1.58 17.98 2.39
N ILE B 35 -0.43 18.63 2.29
CA ILE B 35 0.35 18.93 3.48
C ILE B 35 -0.43 19.84 4.40
N ARG B 36 -1.14 20.82 3.83
CA ARG B 36 -1.94 21.70 4.68
C ARG B 36 -3.05 20.94 5.38
N ARG B 37 -3.69 19.98 4.71
CA ARG B 37 -4.70 19.17 5.37
C ARG B 37 -4.09 18.37 6.51
N LEU B 38 -2.91 17.81 6.29
CA LEU B 38 -2.26 17.07 7.36
C LEU B 38 -1.99 17.95 8.55
N ALA B 39 -1.50 19.16 8.31
CA ALA B 39 -1.25 20.09 9.40
C ALA B 39 -2.54 20.46 10.12
N ARG B 40 -3.63 20.64 9.37
CA ARG B 40 -4.90 20.96 10.00
C ARG B 40 -5.33 19.84 10.92
N ARG B 41 -5.22 18.59 10.49
CA ARG B 41 -5.55 17.50 11.39
C ARG B 41 -4.63 17.48 12.58
N GLY B 42 -3.37 17.86 12.39
CA GLY B 42 -2.47 17.98 13.52
C GLY B 42 -2.84 19.11 14.47
N GLY B 43 -3.63 20.06 14.01
CA GLY B 43 -4.06 21.17 14.84
C GLY B 43 -3.39 22.48 14.58
N VAL B 44 -2.75 22.66 13.44
CA VAL B 44 -1.94 23.83 13.16
C VAL B 44 -2.82 24.92 12.56
N LYS B 45 -2.73 26.12 13.12
CA LYS B 45 -3.58 27.21 12.67
C LYS B 45 -3.00 28.01 11.52
N ARG B 46 -1.68 28.16 11.45
CA ARG B 46 -1.10 28.96 10.40
C ARG B 46 0.27 28.41 10.05
N ILE B 47 0.59 28.41 8.76
CA ILE B 47 1.70 27.63 8.21
C ILE B 47 2.60 28.54 7.40
N SER B 48 3.90 28.47 7.65
CA SER B 48 4.84 29.22 6.85
C SER B 48 4.93 28.63 5.45
N GLY B 49 5.55 29.38 4.55
CA GLY B 49 5.61 28.92 3.18
C GLY B 49 6.71 27.95 2.88
N LEU B 50 7.69 27.83 3.77
CA LEU B 50 8.81 26.93 3.57
C LEU B 50 8.56 25.55 4.15
N ILE B 51 7.42 25.37 4.82
CA ILE B 51 7.12 24.10 5.47
C ILE B 51 6.96 22.99 4.46
N TYR B 52 6.58 23.31 3.23
CA TYR B 52 6.23 22.26 2.28
C TYR B 52 7.46 21.48 1.83
N GLU B 53 8.53 22.17 1.49
CA GLU B 53 9.74 21.46 1.08
C GLU B 53 10.33 20.67 2.23
N GLU B 54 10.30 21.26 3.43
CA GLU B 54 10.81 20.57 4.61
C GLU B 54 10.02 19.30 4.90
N THR B 55 8.69 19.38 4.77
CA THR B 55 7.85 18.22 5.01
C THR B 55 8.11 17.15 3.97
N ARG B 56 8.31 17.54 2.72
CA ARG B 56 8.62 16.54 1.70
C ARG B 56 9.92 15.82 2.04
N GLY B 57 10.92 16.55 2.50
CA GLY B 57 12.17 15.91 2.90
C GLY B 57 11.98 14.94 4.05
N VAL B 58 11.22 15.34 5.07
CA VAL B 58 11.01 14.48 6.23
C VAL B 58 10.31 13.20 5.81
N LEU B 59 9.26 13.34 5.00
CA LEU B 59 8.53 12.17 4.55
C LEU B 59 9.42 11.26 3.73
N LYS B 60 10.26 11.82 2.88
CA LYS B 60 11.13 10.98 2.07
C LYS B 60 12.06 10.17 2.94
N VAL B 61 12.63 10.78 3.98
CA VAL B 61 13.53 10.03 4.85
C VAL B 61 12.79 8.90 5.56
N PHE B 62 11.62 9.21 6.11
CA PHE B 62 10.84 8.20 6.82
C PHE B 62 10.53 7.01 5.90
N LEU B 63 10.04 7.31 4.70
CA LEU B 63 9.70 6.24 3.77
C LEU B 63 10.92 5.44 3.38
N GLU B 64 12.06 6.10 3.19
CA GLU B 64 13.27 5.36 2.82
C GLU B 64 13.61 4.33 3.87
N ASN B 65 13.60 4.74 5.14
CA ASN B 65 13.93 3.79 6.20
C ASN B 65 12.96 2.61 6.21
N VAL B 66 11.66 2.91 6.22
CA VAL B 66 10.69 1.83 6.32
C VAL B 66 10.79 0.90 5.12
N ILE B 67 10.92 1.46 3.93
CA ILE B 67 10.93 0.65 2.72
C ILE B 67 12.19 -0.19 2.65
N ARG B 68 13.32 0.35 3.10
CA ARG B 68 14.54 -0.45 3.15
C ARG B 68 14.35 -1.68 4.01
N ASP B 69 13.75 -1.50 5.20
CA ASP B 69 13.55 -2.66 6.06
C ASP B 69 12.58 -3.66 5.44
N ALA B 70 11.48 -3.18 4.88
CA ALA B 70 10.50 -4.08 4.29
C ALA B 70 11.10 -4.87 3.14
N VAL B 71 11.87 -4.21 2.29
CA VAL B 71 12.48 -4.87 1.15
C VAL B 71 13.51 -5.89 1.61
N THR B 72 14.23 -5.59 2.68
CA THR B 72 15.17 -6.58 3.21
C THR B 72 14.44 -7.83 3.67
N TYR B 73 13.34 -7.66 4.40
CA TYR B 73 12.55 -8.83 4.81
C TYR B 73 12.10 -9.64 3.61
N THR B 74 11.51 -8.95 2.63
CA THR B 74 11.01 -9.63 1.44
C THR B 74 12.11 -10.40 0.73
N GLU B 75 13.23 -9.75 0.49
CA GLU B 75 14.31 -10.39 -0.25
C GLU B 75 14.90 -11.55 0.52
N HIS B 76 14.90 -11.48 1.85
CA HIS B 76 15.26 -12.65 2.65
C HIS B 76 14.31 -13.80 2.38
N ALA B 77 13.03 -13.50 2.28
CA ALA B 77 12.07 -14.58 2.08
C ALA B 77 12.06 -15.13 0.66
N LYS B 78 13.05 -14.78 -0.16
CA LYS B 78 13.10 -15.25 -1.54
C LYS B 78 11.82 -14.97 -2.30
N ARG B 79 11.27 -13.78 -2.10
CA ARG B 79 10.09 -13.37 -2.82
C ARG B 79 10.42 -12.19 -3.73
N LYS B 80 9.41 -11.76 -4.48
CA LYS B 80 9.51 -10.57 -5.31
C LYS B 80 8.33 -9.64 -5.10
N THR B 81 7.50 -9.91 -4.10
CA THR B 81 6.30 -9.14 -3.84
C THR B 81 6.32 -8.65 -2.41
N VAL B 82 6.45 -7.35 -2.22
CA VAL B 82 6.39 -6.78 -0.87
C VAL B 82 4.97 -6.91 -0.36
N THR B 83 4.82 -7.51 0.82
CA THR B 83 3.51 -7.78 1.36
C THR B 83 3.23 -6.94 2.59
N ALA B 84 1.94 -6.80 2.89
CA ALA B 84 1.52 -6.03 4.04
C ALA B 84 2.18 -6.53 5.30
N MET B 85 2.41 -7.83 5.41
CA MET B 85 3.08 -8.33 6.60
C MET B 85 4.51 -7.80 6.67
N ASP B 86 5.21 -7.80 5.54
CA ASP B 86 6.58 -7.29 5.52
C ASP B 86 6.62 -5.84 5.95
N VAL B 87 5.68 -5.04 5.46
CA VAL B 87 5.64 -3.64 5.87
C VAL B 87 5.36 -3.53 7.36
N VAL B 88 4.42 -4.34 7.86
CA VAL B 88 4.12 -4.30 9.28
C VAL B 88 5.35 -4.63 10.09
N TYR B 89 6.14 -5.61 9.65
CA TYR B 89 7.26 -6.01 10.49
C TYR B 89 8.35 -4.95 10.44
N ALA B 90 8.53 -4.31 9.29
CA ALA B 90 9.46 -3.20 9.22
C ALA B 90 9.08 -2.12 10.20
N LEU B 91 7.79 -1.76 10.21
CA LEU B 91 7.34 -0.72 11.15
C LEU B 91 7.59 -1.14 12.59
N LYS B 92 7.24 -2.38 12.92
CA LYS B 92 7.41 -2.84 14.28
C LYS B 92 8.87 -2.87 14.68
N ARG B 93 9.75 -3.16 13.73
CA ARG B 93 11.18 -3.12 14.00
C ARG B 93 11.66 -1.71 14.23
N GLN B 94 11.02 -0.73 13.62
CA GLN B 94 11.32 0.66 13.92
C GLN B 94 10.61 1.17 15.16
N GLY B 95 9.95 0.29 15.91
CA GLY B 95 9.21 0.74 17.08
C GLY B 95 8.01 1.59 16.75
N ARG B 96 7.31 1.27 15.67
CA ARG B 96 6.04 1.92 15.33
C ARG B 96 5.04 0.81 15.01
N THR B 97 4.43 0.26 16.04
CA THR B 97 3.51 -0.85 15.84
C THR B 97 2.23 -0.36 15.18
N LEU B 98 1.76 -1.12 14.19
CA LEU B 98 0.60 -0.75 13.41
C LEU B 98 -0.45 -1.84 13.52
N TYR B 99 -1.68 -1.46 13.86
CA TYR B 99 -2.78 -2.40 14.03
C TYR B 99 -3.74 -2.31 12.86
N GLY B 100 -4.24 -3.46 12.42
CA GLY B 100 -5.26 -3.50 11.40
C GLY B 100 -4.86 -4.13 10.09
N PHE B 101 -3.66 -4.71 9.99
CA PHE B 101 -3.22 -5.32 8.75
C PHE B 101 -2.70 -6.73 8.96
N GLY B 102 -3.06 -7.36 10.07
CA GLY B 102 -2.64 -8.72 10.33
C GLY B 102 -1.23 -8.81 10.90
N ALA C 13 42.19 -37.80 16.23
CA ALA C 13 43.47 -37.16 15.94
C ALA C 13 43.71 -35.98 16.88
N LYS C 14 44.53 -35.04 16.44
CA LYS C 14 44.77 -33.81 17.18
C LYS C 14 43.79 -32.75 16.70
N ALA C 15 43.04 -32.16 17.63
CA ALA C 15 41.99 -31.22 17.27
C ALA C 15 42.59 -29.89 16.82
N LYS C 16 41.81 -29.18 16.01
CA LYS C 16 42.16 -27.83 15.57
C LYS C 16 40.89 -27.01 15.69
N THR C 17 40.91 -26.01 16.56
CA THR C 17 39.68 -25.35 16.96
C THR C 17 39.00 -24.66 15.77
N ARG C 18 37.68 -24.63 15.83
CA ARG C 18 36.89 -24.03 14.77
C ARG C 18 37.28 -22.58 14.56
N SER C 19 37.57 -21.86 15.65
CA SER C 19 38.00 -20.49 15.51
C SER C 19 39.27 -20.41 14.67
N SER C 20 40.23 -21.29 14.96
CA SER C 20 41.48 -21.28 14.21
C SER C 20 41.24 -21.60 12.74
N ARG C 21 40.43 -22.63 12.46
CA ARG C 21 40.26 -22.97 11.06
C ARG C 21 39.37 -21.98 10.33
N ALA C 22 38.69 -21.09 11.05
CA ALA C 22 37.99 -19.99 10.39
C ALA C 22 38.83 -18.72 10.34
N GLY C 23 39.95 -18.67 11.04
CA GLY C 23 40.78 -17.49 11.04
C GLY C 23 40.32 -16.39 11.96
N LEU C 24 39.62 -16.74 13.03
CA LEU C 24 39.04 -15.78 13.95
C LEU C 24 39.80 -15.78 15.26
N GLN C 25 39.41 -14.86 16.14
CA GLN C 25 39.87 -14.86 17.52
C GLN C 25 38.77 -15.15 18.52
N PHE C 26 37.53 -14.83 18.19
CA PHE C 26 36.43 -15.13 19.10
C PHE C 26 36.12 -16.62 19.06
N PRO C 27 35.54 -17.15 20.13
CA PRO C 27 35.32 -18.60 20.23
C PRO C 27 34.09 -19.05 19.47
N VAL C 28 34.30 -19.80 18.39
CA VAL C 28 33.17 -20.30 17.61
C VAL C 28 32.39 -21.33 18.43
N GLY C 29 33.09 -22.18 19.16
CA GLY C 29 32.40 -23.19 19.96
C GLY C 29 31.53 -22.59 21.03
N ARG C 30 32.03 -21.55 21.70
CA ARG C 30 31.23 -20.90 22.74
C ARG C 30 30.00 -20.23 22.14
N VAL C 31 30.15 -19.60 21.00
CA VAL C 31 28.98 -18.99 20.36
C VAL C 31 27.98 -20.04 19.95
N HIS C 32 28.46 -21.19 19.47
CA HIS C 32 27.55 -22.28 19.13
C HIS C 32 26.78 -22.72 20.35
N ARG C 33 27.48 -22.87 21.48
CA ARG C 33 26.81 -23.28 22.70
C ARG C 33 25.78 -22.27 23.14
N LEU C 34 26.13 -20.99 23.09
CA LEU C 34 25.19 -19.95 23.53
C LEU C 34 23.97 -19.91 22.63
N LEU C 35 24.16 -20.07 21.31
CA LEU C 35 23.03 -20.13 20.41
C LEU C 35 22.12 -21.29 20.75
N ARG C 36 22.70 -22.46 21.04
CA ARG C 36 21.85 -23.61 21.30
C ARG C 36 21.12 -23.48 22.62
N LYS C 37 21.79 -22.98 23.64
CA LYS C 37 21.21 -22.88 24.98
C LYS C 37 20.45 -21.58 25.18
N GLY C 38 20.08 -20.90 24.10
CA GLY C 38 19.42 -19.62 24.24
C GLY C 38 17.99 -19.61 23.78
N ASN C 39 17.48 -20.78 23.37
CA ASN C 39 16.10 -20.93 22.93
C ASN C 39 15.77 -20.00 21.78
N TYR C 40 16.71 -19.86 20.84
CA TYR C 40 16.44 -19.02 19.69
C TYR C 40 15.76 -19.76 18.57
N ALA C 41 16.00 -21.06 18.45
CA ALA C 41 15.34 -21.89 17.46
C ALA C 41 15.51 -23.34 17.85
N GLU C 42 14.75 -24.21 17.20
CA GLU C 42 14.88 -25.64 17.48
C GLU C 42 16.26 -26.15 17.10
N ARG C 43 16.79 -25.69 15.98
CA ARG C 43 18.06 -26.18 15.46
C ARG C 43 18.97 -25.00 15.15
N VAL C 44 20.26 -25.26 15.08
CA VAL C 44 21.25 -24.22 14.80
C VAL C 44 22.18 -24.73 13.72
N GLY C 45 22.28 -23.99 12.62
CA GLY C 45 23.12 -24.40 11.52
C GLY C 45 24.58 -24.46 11.88
N ALA C 46 25.43 -24.85 10.93
CA ALA C 46 26.84 -25.00 11.21
C ALA C 46 27.65 -23.75 10.92
N GLY C 47 27.14 -22.87 10.07
CA GLY C 47 27.87 -21.67 9.73
C GLY C 47 27.38 -20.47 10.51
N ALA C 48 26.28 -20.64 11.22
CA ALA C 48 25.77 -19.54 12.04
C ALA C 48 26.78 -19.09 13.08
N PRO C 49 27.39 -19.96 13.87
CA PRO C 49 28.36 -19.47 14.86
C PRO C 49 29.58 -18.85 14.24
N VAL C 50 30.07 -19.40 13.13
CA VAL C 50 31.24 -18.82 12.49
C VAL C 50 30.92 -17.41 12.01
N TYR C 51 29.77 -17.25 11.36
CA TYR C 51 29.37 -15.93 10.90
C TYR C 51 29.24 -14.96 12.05
N LEU C 52 28.53 -15.37 13.10
CA LEU C 52 28.26 -14.46 14.20
C LEU C 52 29.53 -14.07 14.92
N ALA C 53 30.43 -15.03 15.13
CA ALA C 53 31.69 -14.72 15.79
C ALA C 53 32.53 -13.77 14.95
N ALA C 54 32.54 -13.96 13.63
CA ALA C 54 33.29 -13.03 12.79
C ALA C 54 32.74 -11.63 12.90
N VAL C 55 31.42 -11.48 12.90
CA VAL C 55 30.83 -10.15 13.01
C VAL C 55 31.15 -9.51 14.35
N LEU C 56 31.04 -10.28 15.43
CA LEU C 56 31.36 -9.74 16.74
C LEU C 56 32.82 -9.30 16.81
N GLU C 57 33.72 -10.09 16.24
CA GLU C 57 35.12 -9.70 16.21
C GLU C 57 35.32 -8.41 15.43
N TYR C 58 34.63 -8.28 14.31
CA TYR C 58 34.78 -7.06 13.52
C TYR C 58 34.36 -5.83 14.32
N LEU C 59 33.21 -5.91 14.98
CA LEU C 59 32.75 -4.75 15.74
C LEU C 59 33.70 -4.43 16.88
N THR C 60 34.15 -5.45 17.60
CA THR C 60 35.09 -5.23 18.69
C THR C 60 36.35 -4.56 18.19
N ALA C 61 36.90 -5.04 17.09
CA ALA C 61 38.12 -4.43 16.55
C ALA C 61 37.90 -2.98 16.16
N GLU C 62 36.73 -2.68 15.57
CA GLU C 62 36.44 -1.31 15.20
C GLU C 62 36.48 -0.39 16.41
N ILE C 63 35.70 -0.72 17.44
CA ILE C 63 35.67 0.14 18.62
C ILE C 63 37.05 0.21 19.25
N LEU C 64 37.77 -0.90 19.26
CA LEU C 64 39.07 -0.91 19.90
C LEU C 64 40.05 0.01 19.20
N GLU C 65 40.06 0.02 17.87
CA GLU C 65 41.01 0.91 17.22
C GLU C 65 40.64 2.36 17.42
N LEU C 66 39.35 2.67 17.43
CA LEU C 66 38.98 4.07 17.69
C LEU C 66 39.35 4.49 19.10
N ALA C 67 39.10 3.62 20.07
CA ALA C 67 39.44 3.95 21.45
C ALA C 67 40.94 4.05 21.64
N GLY C 68 41.71 3.21 20.94
CA GLY C 68 43.16 3.32 21.01
C GLY C 68 43.66 4.63 20.46
N ASN C 69 43.08 5.08 19.35
CA ASN C 69 43.46 6.39 18.83
C ASN C 69 43.15 7.49 19.83
N ALA C 70 41.98 7.42 20.46
CA ALA C 70 41.63 8.44 21.45
C ALA C 70 42.60 8.45 22.61
N ALA C 71 42.93 7.27 23.13
CA ALA C 71 43.85 7.19 24.26
C ALA C 71 45.22 7.73 23.89
N ARG C 72 45.67 7.44 22.67
CA ARG C 72 46.96 7.97 22.23
C ARG C 72 46.91 9.48 22.11
N ASP C 73 45.81 10.02 21.60
CA ASP C 73 45.66 11.48 21.55
C ASP C 73 45.69 12.08 22.94
N ASN C 74 45.24 11.34 23.94
CA ASN C 74 45.27 11.81 25.31
C ASN C 74 46.59 11.48 25.99
N LYS C 75 47.55 10.92 25.26
CA LYS C 75 48.87 10.56 25.80
C LYS C 75 48.76 9.60 26.98
N LYS C 76 47.86 8.63 26.89
CA LYS C 76 47.80 7.52 27.82
C LYS C 76 48.05 6.22 27.06
N THR C 77 48.48 5.20 27.79
CA THR C 77 48.73 3.90 27.21
C THR C 77 47.68 2.87 27.56
N ARG C 78 46.65 3.25 28.30
CA ARG C 78 45.59 2.33 28.67
C ARG C 78 44.26 2.92 28.27
N ILE C 79 43.35 2.07 27.89
CA ILE C 79 42.03 2.50 27.44
C ILE C 79 41.10 2.57 28.64
N ILE C 80 40.25 3.59 28.66
CA ILE C 80 39.34 3.82 29.78
C ILE C 80 37.97 4.17 29.23
N PRO C 81 36.93 4.08 30.08
CA PRO C 81 35.58 4.36 29.60
C PRO C 81 35.43 5.71 28.93
N ARG C 82 36.21 6.70 29.35
CA ARG C 82 36.18 7.99 28.66
C ARG C 82 36.57 7.83 27.20
N HIS C 83 37.61 7.04 26.94
CA HIS C 83 38.05 6.85 25.56
C HIS C 83 37.04 6.06 24.76
N LEU C 84 36.43 5.05 25.39
CA LEU C 84 35.35 4.34 24.69
C LEU C 84 34.23 5.28 24.32
N GLN C 85 33.84 6.15 25.24
CA GLN C 85 32.79 7.12 24.98
C GLN C 85 33.17 8.04 23.83
N LEU C 86 34.40 8.56 23.84
CA LEU C 86 34.81 9.49 22.80
C LEU C 86 34.76 8.81 21.44
N ALA C 87 35.30 7.59 21.35
CA ALA C 87 35.29 6.88 20.08
C ALA C 87 33.88 6.68 19.57
N VAL C 88 33.01 6.15 20.43
CA VAL C 88 31.65 5.82 20.01
C VAL C 88 30.91 7.07 19.57
N ARG C 89 31.00 8.14 20.36
CA ARG C 89 30.21 9.32 20.06
C ARG C 89 30.80 10.16 18.94
N ASN C 90 32.06 9.97 18.61
CA ASN C 90 32.62 10.68 17.47
C ASN C 90 32.45 9.92 16.17
N ASP C 91 32.26 8.60 16.21
CA ASP C 91 31.92 7.87 14.99
C ASP C 91 30.40 7.85 14.87
N GLU C 92 29.87 8.36 13.75
CA GLU C 92 28.43 8.57 13.66
C GLU C 92 27.68 7.26 13.51
N GLU C 93 28.25 6.28 12.80
CA GLU C 93 27.55 5.02 12.65
C GLU C 93 27.52 4.25 13.96
N LEU C 94 28.65 4.22 14.68
CA LEU C 94 28.64 3.60 16.00
C LEU C 94 27.70 4.33 16.94
N ASN C 95 27.65 5.66 16.85
CA ASN C 95 26.75 6.41 17.70
C ASN C 95 25.30 6.06 17.41
N LYS C 96 24.96 5.91 16.13
CA LYS C 96 23.61 5.47 15.77
C LYS C 96 23.33 4.09 16.33
N LEU C 97 24.30 3.20 16.24
CA LEU C 97 24.12 1.85 16.77
C LEU C 97 23.87 1.87 18.27
N LEU C 98 24.73 2.56 19.01
CA LEU C 98 24.62 2.66 20.46
C LEU C 98 23.87 3.92 20.88
N GLY C 99 22.69 4.15 20.30
CA GLY C 99 21.99 5.39 20.56
C GLY C 99 21.30 5.44 21.90
N ARG C 100 20.87 4.30 22.41
CA ARG C 100 20.16 4.21 23.67
C ARG C 100 21.01 3.52 24.73
N VAL C 101 22.29 3.83 24.77
CA VAL C 101 23.25 3.17 25.64
C VAL C 101 23.94 4.20 26.49
N THR C 102 24.08 3.92 27.78
CA THR C 102 24.84 4.75 28.71
C THR C 102 26.10 3.99 29.09
N ILE C 103 27.24 4.64 28.94
CA ILE C 103 28.53 4.05 29.27
C ILE C 103 28.97 4.60 30.61
N ALA C 104 29.11 3.71 31.59
CA ALA C 104 29.45 4.14 32.95
C ALA C 104 30.81 4.83 32.96
N GLN C 105 30.91 5.91 33.73
CA GLN C 105 32.11 6.73 33.79
C GLN C 105 32.53 7.19 32.41
N GLY C 106 31.55 7.59 31.61
CA GLY C 106 31.81 7.98 30.25
C GLY C 106 32.00 9.47 30.04
N GLY C 107 31.12 10.28 30.60
CA GLY C 107 31.16 11.70 30.36
C GLY C 107 30.34 12.09 29.16
N VAL C 108 30.61 13.30 28.66
CA VAL C 108 29.91 13.82 27.50
C VAL C 108 30.93 14.46 26.57
N LEU C 109 30.55 14.59 25.30
CA LEU C 109 31.40 15.29 24.34
C LEU C 109 31.49 16.77 24.70
N PRO C 110 32.66 17.38 24.54
CA PRO C 110 32.78 18.83 24.76
C PRO C 110 32.01 19.58 23.68
N ASN C 111 31.04 20.38 24.11
CA ASN C 111 30.14 21.05 23.18
C ASN C 111 29.46 22.22 23.85
N ILE C 112 29.58 23.39 23.26
CA ILE C 112 28.88 24.59 23.73
C ILE C 112 28.18 25.22 22.53
N GLN C 113 26.94 25.65 22.72
CA GLN C 113 26.21 26.30 21.64
C GLN C 113 26.87 27.62 21.27
N SER C 114 26.70 28.00 20.00
CA SER C 114 27.36 29.20 19.49
C SER C 114 26.83 30.46 20.17
N VAL C 115 25.53 30.55 20.38
CA VAL C 115 24.92 31.75 20.90
C VAL C 115 25.39 32.05 22.32
N LEU C 116 25.82 31.05 23.06
CA LEU C 116 26.27 31.27 24.43
C LEU C 116 27.67 31.87 24.50
N LEU C 117 28.49 31.61 23.49
CA LEU C 117 29.86 32.10 23.50
C LEU C 117 29.89 33.61 23.34
N PRO C 118 30.81 34.29 24.02
CA PRO C 118 30.84 35.76 23.93
C PRO C 118 31.22 36.24 22.56
N LYS C 119 30.72 37.42 22.21
CA LYS C 119 31.00 38.03 20.93
C LYS C 119 32.08 39.11 21.07
N SER D 33 32.35 -20.11 41.96
CA SER D 33 32.06 -20.80 40.72
C SER D 33 32.74 -20.15 39.53
N ARG D 34 32.85 -20.90 38.43
CA ARG D 34 33.54 -20.42 37.24
C ARG D 34 32.57 -19.59 36.40
N LYS D 35 32.85 -18.29 36.28
CA LYS D 35 32.06 -17.39 35.47
C LYS D 35 32.89 -16.95 34.27
N GLU D 36 32.29 -16.96 33.08
CA GLU D 36 33.00 -16.76 31.83
C GLU D 36 32.62 -15.44 31.17
N SER D 37 33.51 -14.96 30.32
CA SER D 37 33.31 -13.70 29.62
C SER D 37 34.12 -13.73 28.32
N TYR D 38 34.26 -12.57 27.70
CA TYR D 38 35.00 -12.44 26.45
C TYR D 38 36.32 -11.70 26.65
N ALA D 39 36.81 -11.64 27.88
CA ALA D 39 37.94 -10.76 28.16
C ALA D 39 39.17 -11.16 27.38
N ILE D 40 39.49 -12.45 27.35
CA ILE D 40 40.74 -12.85 26.71
C ILE D 40 40.67 -12.59 25.21
N TYR D 41 39.50 -12.83 24.60
CA TYR D 41 39.39 -12.61 23.16
C TYR D 41 39.44 -11.14 22.83
N VAL D 42 38.78 -10.31 23.63
CA VAL D 42 38.87 -8.86 23.42
C VAL D 42 40.31 -8.41 23.55
N TYR D 43 41.05 -9.01 24.48
CA TYR D 43 42.43 -8.60 24.67
C TYR D 43 43.30 -9.04 23.50
N LYS D 44 43.05 -10.21 22.95
CA LYS D 44 43.76 -10.64 21.75
C LYS D 44 43.50 -9.71 20.59
N VAL D 45 42.24 -9.31 20.40
CA VAL D 45 41.92 -8.38 19.32
C VAL D 45 42.64 -7.05 19.55
N LEU D 46 42.69 -6.59 20.79
CA LEU D 46 43.37 -5.34 21.08
C LEU D 46 44.85 -5.44 20.75
N LYS D 47 45.49 -6.53 21.15
CA LYS D 47 46.89 -6.69 20.81
C LYS D 47 47.12 -6.88 19.32
N GLN D 48 46.09 -7.28 18.57
CA GLN D 48 46.23 -7.28 17.13
C GLN D 48 46.10 -5.88 16.53
N VAL D 49 45.29 -5.03 17.15
CA VAL D 49 45.00 -3.72 16.57
C VAL D 49 46.05 -2.69 17.00
N HIS D 50 46.13 -2.43 18.30
CA HIS D 50 47.16 -1.59 18.88
C HIS D 50 48.09 -2.46 19.69
N PRO D 51 49.30 -2.75 19.20
CA PRO D 51 50.10 -3.81 19.81
C PRO D 51 50.67 -3.48 21.18
N ASP D 52 50.68 -2.21 21.59
CA ASP D 52 51.31 -1.84 22.85
C ASP D 52 50.39 -0.94 23.67
N THR D 53 49.13 -1.32 23.76
CA THR D 53 48.14 -0.56 24.50
C THR D 53 47.42 -1.51 25.44
N GLY D 54 47.25 -1.11 26.70
CA GLY D 54 46.51 -1.89 27.66
C GLY D 54 45.07 -1.43 27.74
N ILE D 55 44.36 -1.97 28.73
CA ILE D 55 42.97 -1.60 28.95
C ILE D 55 42.63 -1.83 30.41
N SER D 56 41.90 -0.89 31.00
CA SER D 56 41.58 -0.96 32.40
C SER D 56 40.40 -1.91 32.64
N SER D 57 40.18 -2.23 33.91
CA SER D 57 39.15 -3.19 34.27
C SER D 57 37.75 -2.69 33.94
N LYS D 58 37.47 -1.43 34.23
CA LYS D 58 36.13 -0.90 33.95
C LYS D 58 35.85 -0.88 32.46
N ALA D 59 36.84 -0.47 31.66
CA ALA D 59 36.66 -0.50 30.21
C ALA D 59 36.47 -1.93 29.74
N MET D 60 37.19 -2.86 30.34
CA MET D 60 37.07 -4.26 29.93
C MET D 60 35.66 -4.75 30.20
N SER D 61 35.11 -4.41 31.35
CA SER D 61 33.74 -4.79 31.67
C SER D 61 32.76 -4.15 30.71
N ILE D 62 32.99 -2.89 30.35
CA ILE D 62 32.11 -2.23 29.39
C ILE D 62 32.11 -2.97 28.07
N MET D 63 33.28 -3.37 27.59
CA MET D 63 33.29 -4.03 26.30
C MET D 63 32.72 -5.43 26.37
N ASN D 64 32.87 -6.10 27.50
CA ASN D 64 32.16 -7.35 27.71
C ASN D 64 30.66 -7.15 27.56
N SER D 65 30.14 -6.11 28.20
CA SER D 65 28.71 -5.82 28.10
C SER D 65 28.32 -5.54 26.66
N PHE D 66 29.16 -4.80 25.95
CA PHE D 66 28.87 -4.47 24.57
C PHE D 66 28.73 -5.72 23.71
N VAL D 67 29.68 -6.64 23.86
CA VAL D 67 29.66 -7.85 23.04
C VAL D 67 28.42 -8.67 23.37
N ASN D 68 28.09 -8.80 24.65
CA ASN D 68 26.89 -9.54 25.01
C ASN D 68 25.64 -8.90 24.40
N ASP D 69 25.54 -7.58 24.47
CA ASP D 69 24.35 -6.90 24.00
C ASP D 69 24.19 -7.07 22.49
N VAL D 70 25.27 -6.88 21.73
CA VAL D 70 25.19 -7.04 20.29
C VAL D 70 24.86 -8.48 19.92
N PHE D 71 25.51 -9.44 20.58
CA PHE D 71 25.19 -10.84 20.36
C PHE D 71 23.70 -11.07 20.51
N GLU D 72 23.13 -10.60 21.62
CA GLU D 72 21.74 -10.90 21.90
C GLU D 72 20.83 -10.22 20.89
N ARG D 73 21.14 -8.99 20.49
CA ARG D 73 20.31 -8.34 19.47
C ARG D 73 20.27 -9.16 18.20
N ILE D 74 21.45 -9.54 17.69
CA ILE D 74 21.50 -10.26 16.42
C ILE D 74 20.79 -11.60 16.54
N ALA D 75 21.03 -12.32 17.63
CA ALA D 75 20.40 -13.62 17.78
C ALA D 75 18.89 -13.50 17.85
N GLY D 76 18.38 -12.50 18.56
CA GLY D 76 16.94 -12.32 18.63
C GLY D 76 16.34 -12.01 17.28
N GLU D 77 16.99 -11.15 16.51
CA GLU D 77 16.45 -10.83 15.20
C GLU D 77 16.46 -12.04 14.29
N ALA D 78 17.53 -12.83 14.34
CA ALA D 78 17.58 -14.05 13.53
C ALA D 78 16.49 -15.01 13.94
N SER D 79 16.24 -15.15 15.24
CA SER D 79 15.18 -16.02 15.71
C SER D 79 13.83 -15.58 15.16
N ARG D 80 13.56 -14.27 15.19
CA ARG D 80 12.28 -13.80 14.72
C ARG D 80 12.15 -14.00 13.21
N LEU D 81 13.22 -13.79 12.46
CA LEU D 81 13.19 -14.08 11.03
C LEU D 81 12.85 -15.54 10.77
N ALA D 82 13.54 -16.45 11.47
CA ALA D 82 13.33 -17.87 11.25
C ALA D 82 11.89 -18.26 11.55
N HIS D 83 11.33 -17.74 12.65
CA HIS D 83 9.93 -18.03 12.91
C HIS D 83 9.02 -17.38 11.88
N TYR D 84 9.43 -16.24 11.33
CA TYR D 84 8.60 -15.52 10.38
C TYR D 84 8.39 -16.35 9.14
N ASN D 85 9.45 -17.02 8.69
CA ASN D 85 9.37 -17.85 7.50
C ASN D 85 9.03 -19.29 7.81
N LYS D 86 8.50 -19.56 8.99
CA LYS D 86 8.07 -20.90 9.40
C LYS D 86 9.19 -21.93 9.31
N ARG D 87 10.43 -21.49 9.33
CA ARG D 87 11.56 -22.42 9.41
C ARG D 87 11.92 -22.65 10.86
N SER D 88 12.77 -23.64 11.10
CA SER D 88 13.15 -24.01 12.45
C SER D 88 14.63 -24.27 12.53
N THR D 89 15.43 -23.39 11.94
CA THR D 89 16.87 -23.57 11.90
C THR D 89 17.51 -22.24 11.59
N ILE D 90 18.30 -21.72 12.52
CA ILE D 90 19.01 -20.48 12.28
C ILE D 90 20.27 -20.79 11.49
N THR D 91 20.39 -20.21 10.31
CA THR D 91 21.53 -20.45 9.43
C THR D 91 22.26 -19.15 9.20
N SER D 92 23.41 -19.26 8.53
CA SER D 92 24.21 -18.09 8.26
C SER D 92 23.45 -17.08 7.41
N ARG D 93 22.44 -17.51 6.66
CA ARG D 93 21.66 -16.55 5.90
C ARG D 93 20.78 -15.70 6.80
N GLU D 94 20.14 -16.31 7.80
CA GLU D 94 19.40 -15.50 8.76
C GLU D 94 20.33 -14.61 9.56
N ILE D 95 21.52 -15.09 9.90
CA ILE D 95 22.47 -14.22 10.58
C ILE D 95 22.83 -13.03 9.70
N GLN D 96 23.04 -13.27 8.41
CA GLN D 96 23.40 -12.18 7.52
C GLN D 96 22.27 -11.17 7.41
N THR D 97 21.04 -11.65 7.28
CA THR D 97 19.92 -10.73 7.18
C THR D 97 19.76 -9.91 8.46
N ALA D 98 19.91 -10.55 9.62
CA ALA D 98 19.80 -9.82 10.87
C ALA D 98 20.90 -8.77 10.99
N VAL D 99 22.10 -9.09 10.53
CA VAL D 99 23.18 -8.10 10.52
C VAL D 99 22.79 -6.92 9.65
N ARG D 100 22.24 -7.19 8.47
CA ARG D 100 21.86 -6.11 7.56
C ARG D 100 20.73 -5.27 8.13
N LEU D 101 19.85 -5.87 8.94
CA LEU D 101 18.79 -5.10 9.55
C LEU D 101 19.31 -4.22 10.68
N LEU D 102 20.20 -4.76 11.53
CA LEU D 102 20.62 -4.02 12.71
C LEU D 102 21.70 -2.99 12.40
N LEU D 103 22.80 -3.41 11.80
CA LEU D 103 23.94 -2.51 11.70
C LEU D 103 23.66 -1.39 10.70
N PRO D 104 24.15 -0.19 10.97
CA PRO D 104 23.81 0.95 10.11
C PRO D 104 24.75 1.13 8.94
N GLY D 105 24.18 1.28 7.75
CA GLY D 105 24.89 1.78 6.59
C GLY D 105 26.21 1.12 6.26
N GLU D 106 27.29 1.88 6.38
CA GLU D 106 28.60 1.42 5.95
C GLU D 106 29.14 0.31 6.84
N LEU D 107 28.65 0.21 8.07
CA LEU D 107 29.06 -0.89 8.94
C LEU D 107 28.55 -2.22 8.42
N ALA D 108 27.35 -2.24 7.86
CA ALA D 108 26.74 -3.49 7.43
C ALA D 108 27.56 -4.15 6.33
N LYS D 109 28.06 -3.37 5.38
CA LYS D 109 28.81 -3.97 4.28
C LYS D 109 30.06 -4.66 4.80
N HIS D 110 30.82 -3.98 5.66
CA HIS D 110 32.03 -4.60 6.19
C HIS D 110 31.71 -5.80 7.06
N ALA D 111 30.63 -5.71 7.85
CA ALA D 111 30.29 -6.85 8.69
C ALA D 111 29.95 -8.07 7.85
N VAL D 112 29.10 -7.90 6.84
CA VAL D 112 28.74 -9.06 6.04
C VAL D 112 29.94 -9.55 5.25
N SER D 113 30.84 -8.66 4.85
CA SER D 113 32.03 -9.13 4.16
C SER D 113 32.90 -9.99 5.07
N GLU D 114 33.06 -9.56 6.32
CA GLU D 114 33.86 -10.36 7.25
C GLU D 114 33.21 -11.70 7.54
N GLY D 115 31.89 -11.71 7.72
CA GLY D 115 31.21 -12.96 7.96
C GLY D 115 31.32 -13.91 6.79
N THR D 116 31.13 -13.41 5.58
CA THR D 116 31.25 -14.25 4.40
C THR D 116 32.65 -14.81 4.28
N LYS D 117 33.65 -13.98 4.49
CA LYS D 117 35.03 -14.46 4.41
C LYS D 117 35.27 -15.57 5.41
N ALA D 118 34.81 -15.39 6.65
CA ALA D 118 35.04 -16.39 7.67
C ALA D 118 34.36 -17.70 7.33
N VAL D 119 33.11 -17.64 6.90
CA VAL D 119 32.39 -18.88 6.60
C VAL D 119 33.03 -19.59 5.42
N THR D 120 33.42 -18.84 4.40
CA THR D 120 34.08 -19.43 3.24
C THR D 120 35.35 -20.16 3.64
N LYS D 121 36.19 -19.51 4.45
CA LYS D 121 37.42 -20.17 4.87
C LYS D 121 37.12 -21.40 5.73
N TYR D 122 36.12 -21.29 6.59
CA TYR D 122 35.78 -22.41 7.47
C TYR D 122 35.35 -23.62 6.67
N THR D 123 34.54 -23.42 5.63
CA THR D 123 34.08 -24.54 4.84
C THR D 123 35.18 -25.07 3.94
N SER D 124 36.02 -24.18 3.39
CA SER D 124 37.11 -24.65 2.54
C SER D 124 38.12 -25.46 3.32
N ALA D 125 38.32 -25.14 4.59
CA ALA D 125 39.25 -25.89 5.42
C ALA D 125 38.65 -26.17 6.79
N ARG E 41 36.50 41.58 39.85
CA ARG E 41 35.40 40.63 39.71
C ARG E 41 35.23 40.24 38.26
N TYR E 42 34.76 39.03 38.03
CA TYR E 42 34.48 38.59 36.66
C TYR E 42 33.07 38.99 36.27
N ARG E 43 32.89 39.35 35.01
CA ARG E 43 31.58 39.73 34.55
C ARG E 43 30.67 38.50 34.49
N PRO E 44 29.38 38.67 34.76
CA PRO E 44 28.48 37.52 34.81
C PRO E 44 28.49 36.75 33.50
N GLY E 45 28.56 35.43 33.61
CA GLY E 45 28.63 34.57 32.46
C GLY E 45 30.03 34.12 32.09
N THR E 46 31.04 34.45 32.88
CA THR E 46 32.39 34.00 32.61
C THR E 46 32.76 32.77 33.42
N VAL E 47 32.59 32.84 34.74
CA VAL E 47 32.81 31.67 35.57
C VAL E 47 31.88 30.55 35.15
N ALA E 48 30.69 30.89 34.67
CA ALA E 48 29.76 29.87 34.20
C ALA E 48 30.31 29.13 33.00
N LEU E 49 30.86 29.86 32.03
CA LEU E 49 31.47 29.18 30.88
C LEU E 49 32.67 28.36 31.29
N ARG E 50 33.47 28.87 32.22
CA ARG E 50 34.60 28.11 32.71
C ARG E 50 34.16 26.82 33.36
N GLU E 51 33.09 26.88 34.15
CA GLU E 51 32.54 25.66 34.76
C GLU E 51 32.00 24.72 33.70
N ILE E 52 31.40 25.26 32.64
CA ILE E 52 30.92 24.42 31.56
C ILE E 52 32.07 23.61 30.99
N ARG E 53 33.18 24.28 30.68
CA ARG E 53 34.32 23.56 30.13
C ARG E 53 34.84 22.53 31.12
N ARG E 54 34.97 22.90 32.37
CA ARG E 54 35.52 21.99 33.37
C ARG E 54 34.65 20.74 33.50
N TYR E 55 33.35 20.91 33.72
CA TYR E 55 32.51 19.77 33.95
C TYR E 55 32.22 18.96 32.70
N GLN E 56 32.38 19.53 31.52
CA GLN E 56 32.32 18.69 30.33
C GLN E 56 33.61 17.96 30.09
N LYS E 57 34.72 18.46 30.61
CA LYS E 57 35.97 17.72 30.51
C LYS E 57 36.04 16.59 31.53
N SER E 58 35.36 16.72 32.66
CA SER E 58 35.49 15.73 33.71
C SER E 58 34.60 14.52 33.44
N THR E 59 34.66 13.54 34.34
CA THR E 59 33.94 12.29 34.19
C THR E 59 33.23 11.81 35.46
N GLU E 60 33.64 12.23 36.64
CA GLU E 60 33.11 11.68 37.88
C GLU E 60 31.63 12.00 38.04
N LEU E 61 31.04 11.46 39.10
CA LEU E 61 29.66 11.80 39.42
C LEU E 61 29.58 13.21 39.96
N LEU E 62 28.35 13.74 39.99
CA LEU E 62 28.13 15.12 40.37
C LEU E 62 27.17 15.27 41.54
N ILE E 63 26.61 14.19 42.06
CA ILE E 63 25.71 14.23 43.21
C ILE E 63 26.39 13.50 44.35
N ARG E 64 26.18 14.00 45.57
CA ARG E 64 26.75 13.38 46.75
C ARG E 64 26.16 12.00 47.03
N LYS E 65 27.05 11.07 47.35
CA LYS E 65 26.73 9.65 47.43
C LYS E 65 25.66 9.38 48.48
N LEU E 66 25.93 9.78 49.72
CA LEU E 66 24.99 9.50 50.79
C LEU E 66 23.63 10.18 50.63
N PRO E 67 23.54 11.45 50.25
CA PRO E 67 22.22 12.00 49.97
C PRO E 67 21.47 11.22 48.91
N PHE E 68 22.14 10.85 47.82
CA PHE E 68 21.46 10.07 46.80
C PHE E 68 21.02 8.72 47.34
N GLN E 69 21.86 8.08 48.15
CA GLN E 69 21.52 6.77 48.69
C GLN E 69 20.33 6.83 49.63
N ARG E 70 20.29 7.83 50.50
CA ARG E 70 19.14 7.99 51.37
C ARG E 70 17.88 8.21 50.56
N LEU E 71 17.98 9.01 49.50
CA LEU E 71 16.83 9.22 48.63
C LEU E 71 16.35 7.91 48.02
N VAL E 72 17.29 7.10 47.55
CA VAL E 72 16.93 5.84 46.92
C VAL E 72 16.23 4.92 47.91
N ARG E 73 16.77 4.81 49.11
CA ARG E 73 16.15 3.94 50.10
C ARG E 73 14.77 4.42 50.49
N GLU E 74 14.61 5.74 50.63
CA GLU E 74 13.29 6.28 50.95
C GLU E 74 12.29 5.97 49.86
N ILE E 75 12.69 6.11 48.61
CA ILE E 75 11.76 5.82 47.51
C ILE E 75 11.39 4.36 47.50
N ALA E 76 12.38 3.47 47.61
CA ALA E 76 12.08 2.04 47.59
C ALA E 76 11.28 1.61 48.79
N GLN E 77 11.27 2.40 49.86
CA GLN E 77 10.48 2.07 51.04
C GLN E 77 9.00 1.94 50.73
N ASP E 78 8.52 2.56 49.66
CA ASP E 78 7.09 2.58 49.33
C ASP E 78 6.63 1.38 48.53
N PHE E 79 7.54 0.53 48.06
CA PHE E 79 7.17 -0.61 47.24
C PHE E 79 7.20 -1.91 48.02
N LYS E 80 8.31 -2.21 48.65
CA LYS E 80 8.38 -3.30 49.61
C LYS E 80 9.14 -2.79 50.81
N THR E 81 8.78 -3.23 52.00
CA THR E 81 9.47 -2.78 53.18
C THR E 81 10.69 -3.65 53.45
N ASP E 82 11.70 -3.05 54.06
CA ASP E 82 12.91 -3.75 54.49
C ASP E 82 13.65 -4.38 53.32
N LEU E 83 13.92 -3.58 52.31
CA LEU E 83 14.83 -4.00 51.25
C LEU E 83 16.26 -3.92 51.76
N ARG E 84 17.19 -4.10 50.85
CA ARG E 84 18.59 -4.16 51.18
C ARG E 84 19.33 -4.03 49.85
N PHE E 85 20.26 -3.11 49.72
CA PHE E 85 20.81 -2.76 48.43
C PHE E 85 22.28 -3.15 48.37
N GLN E 86 22.70 -3.64 47.21
CA GLN E 86 24.12 -3.76 46.93
C GLN E 86 24.69 -2.39 46.57
N SER E 87 25.92 -2.16 47.01
CA SER E 87 26.59 -0.92 46.69
C SER E 87 26.63 -0.68 45.19
N SER E 88 26.90 -1.73 44.42
CA SER E 88 26.92 -1.56 42.97
C SER E 88 25.53 -1.27 42.43
N ALA E 89 24.49 -1.76 43.09
CA ALA E 89 23.14 -1.41 42.66
C ALA E 89 22.91 0.07 42.81
N VAL E 90 23.27 0.63 43.97
CA VAL E 90 23.06 2.05 44.18
C VAL E 90 23.92 2.86 43.22
N MET E 91 25.15 2.43 42.99
CA MET E 91 26.01 3.14 42.05
C MET E 91 25.41 3.13 40.66
N ALA E 92 24.83 2.01 40.23
CA ALA E 92 24.19 1.95 38.93
C ALA E 92 23.04 2.91 38.84
N LEU E 93 22.22 2.97 39.89
CA LEU E 93 21.12 3.93 39.90
C LEU E 93 21.64 5.34 39.74
N GLN E 94 22.74 5.67 40.42
CA GLN E 94 23.26 7.02 40.33
C GLN E 94 23.78 7.32 38.94
N GLU E 95 24.50 6.38 38.33
CA GLU E 95 25.01 6.61 36.99
C GLU E 95 23.87 6.86 36.02
N ALA E 96 22.83 6.03 36.09
CA ALA E 96 21.70 6.19 35.18
C ALA E 96 20.99 7.52 35.40
N SER E 97 20.77 7.89 36.67
CA SER E 97 20.05 9.13 36.95
C SER E 97 20.82 10.33 36.45
N GLU E 98 22.13 10.36 36.68
CA GLU E 98 22.90 11.50 36.23
C GLU E 98 22.93 11.59 34.71
N ALA E 99 23.10 10.46 34.03
CA ALA E 99 23.07 10.50 32.57
C ALA E 99 21.74 11.04 32.07
N TYR E 100 20.65 10.58 32.67
CA TYR E 100 19.32 11.04 32.27
C TYR E 100 19.20 12.53 32.44
N LEU E 101 19.58 13.05 33.61
CA LEU E 101 19.43 14.48 33.86
C LEU E 101 20.29 15.31 32.93
N VAL E 102 21.50 14.85 32.63
CA VAL E 102 22.36 15.62 31.74
C VAL E 102 21.74 15.72 30.35
N ALA E 103 21.25 14.61 29.82
CA ALA E 103 20.63 14.68 28.50
C ALA E 103 19.39 15.56 28.52
N LEU E 104 18.60 15.46 29.59
CA LEU E 104 17.42 16.31 29.71
C LEU E 104 17.80 17.78 29.72
N PHE E 105 18.93 18.11 30.36
CA PHE E 105 19.34 19.51 30.40
C PHE E 105 19.83 19.98 29.04
N GLU E 106 20.46 19.11 28.26
CA GLU E 106 20.77 19.51 26.88
C GLU E 106 19.51 19.84 26.10
N ASP E 107 18.48 19.01 26.21
CA ASP E 107 17.23 19.28 25.49
C ASP E 107 16.58 20.57 25.98
N THR E 108 16.57 20.78 27.30
CA THR E 108 16.02 22.01 27.84
C THR E 108 16.77 23.22 27.31
N ASN E 109 18.09 23.14 27.22
CA ASN E 109 18.87 24.23 26.67
C ASN E 109 18.45 24.52 25.24
N LEU E 110 18.22 23.47 24.45
CA LEU E 110 17.80 23.70 23.08
C LEU E 110 16.48 24.44 23.02
N CYS E 111 15.51 24.04 23.86
CA CYS E 111 14.24 24.74 23.86
C CYS E 111 14.41 26.21 24.25
N ALA E 112 15.21 26.46 25.28
CA ALA E 112 15.42 27.83 25.74
C ALA E 112 16.00 28.68 24.63
N ILE E 113 17.01 28.18 23.93
CA ILE E 113 17.55 28.91 22.79
C ILE E 113 16.47 29.13 21.75
N HIS E 114 15.60 28.14 21.56
CA HIS E 114 14.58 28.28 20.53
C HIS E 114 13.64 29.43 20.84
N ALA E 115 13.38 29.69 22.11
CA ALA E 115 12.54 30.84 22.45
C ALA E 115 13.30 32.14 22.48
N LYS E 116 14.52 32.19 21.95
CA LYS E 116 15.37 33.38 22.01
C LYS E 116 15.63 33.81 23.46
N ARG E 117 16.18 32.89 24.24
CA ARG E 117 16.62 33.18 25.60
C ARG E 117 17.98 32.51 25.82
N VAL E 118 18.51 32.68 27.02
CA VAL E 118 19.71 31.96 27.43
C VAL E 118 19.46 31.39 28.82
N THR E 119 18.24 31.52 29.31
CA THR E 119 17.89 31.13 30.67
C THR E 119 16.89 29.99 30.58
N ILE E 120 17.32 28.78 30.96
CA ILE E 120 16.39 27.67 30.96
C ILE E 120 15.32 27.93 32.00
N MET E 121 14.16 27.32 31.82
CA MET E 121 13.00 27.61 32.64
C MET E 121 12.16 26.36 32.78
N PRO E 122 11.28 26.32 33.79
CA PRO E 122 10.42 25.15 33.95
C PRO E 122 9.62 24.81 32.71
N LYS E 123 9.12 25.81 31.99
CA LYS E 123 8.34 25.46 30.81
C LYS E 123 9.24 24.89 29.72
N ASP E 124 10.51 25.27 29.70
CA ASP E 124 11.44 24.61 28.79
C ASP E 124 11.58 23.14 29.13
N ILE E 125 11.72 22.83 30.42
CA ILE E 125 11.80 21.41 30.80
C ILE E 125 10.53 20.68 30.39
N GLN E 126 9.39 21.29 30.67
CA GLN E 126 8.12 20.63 30.35
C GLN E 126 7.99 20.39 28.86
N LEU E 127 8.38 21.36 28.03
CA LEU E 127 8.32 21.17 26.59
C LEU E 127 9.23 20.02 26.17
N ALA E 128 10.44 19.97 26.71
CA ALA E 128 11.35 18.91 26.32
C ALA E 128 10.77 17.54 26.64
N ARG E 129 10.22 17.39 27.84
CA ARG E 129 9.68 16.09 28.22
C ARG E 129 8.44 15.76 27.41
N ARG E 130 7.61 16.75 27.11
CA ARG E 130 6.42 16.50 26.30
C ARG E 130 6.80 16.05 24.90
N ILE E 131 7.81 16.67 24.31
CA ILE E 131 8.24 16.24 22.99
C ILE E 131 8.80 14.83 23.05
N ARG E 132 9.61 14.51 24.06
CA ARG E 132 10.11 13.15 24.16
C ARG E 132 9.00 12.15 24.45
N GLY E 133 7.86 12.61 24.95
CA GLY E 133 6.77 11.70 25.24
C GLY E 133 6.78 11.10 26.62
N GLU E 134 7.51 11.69 27.56
CA GLU E 134 7.50 11.20 28.93
C GLU E 134 6.28 11.66 29.71
N ARG E 135 5.47 12.53 29.15
CA ARG E 135 4.29 13.02 29.84
C ARG E 135 3.17 11.99 29.79
N ARG F 24 11.75 11.49 54.36
CA ARG F 24 12.03 12.62 55.22
C ARG F 24 12.97 13.61 54.53
N ASP F 25 12.37 14.55 53.78
CA ASP F 25 13.03 15.67 53.10
C ASP F 25 14.36 15.26 52.48
N ASN F 26 14.43 14.00 52.02
CA ASN F 26 15.67 13.51 51.45
C ASN F 26 15.88 14.05 50.06
N ILE F 27 14.80 14.38 49.36
CA ILE F 27 14.93 14.96 48.03
C ILE F 27 15.65 16.29 48.09
N GLN F 28 15.51 17.01 49.20
CA GLN F 28 16.29 18.23 49.39
C GLN F 28 17.77 17.94 49.53
N GLY F 29 18.14 16.68 49.78
CA GLY F 29 19.53 16.31 49.75
C GLY F 29 20.17 16.47 48.40
N ILE F 30 19.37 16.51 47.34
CA ILE F 30 19.87 16.87 46.02
C ILE F 30 19.96 18.39 46.00
N THR F 31 21.11 18.91 46.39
CA THR F 31 21.24 20.32 46.70
C THR F 31 21.16 21.17 45.44
N LYS F 32 21.13 22.47 45.63
CA LYS F 32 21.21 23.39 44.50
C LYS F 32 22.52 23.30 43.74
N PRO F 33 23.69 23.29 44.37
CA PRO F 33 24.92 23.20 43.58
C PRO F 33 25.03 21.93 42.76
N ALA F 34 24.49 20.82 43.24
CA ALA F 34 24.53 19.60 42.45
C ALA F 34 23.77 19.76 41.14
N ILE F 35 22.58 20.35 41.23
CA ILE F 35 21.80 20.59 40.03
C ILE F 35 22.53 21.55 39.11
N ARG F 36 23.18 22.57 39.66
CA ARG F 36 23.92 23.49 38.81
C ARG F 36 25.08 22.78 38.12
N ARG F 37 25.73 21.85 38.81
CA ARG F 37 26.81 21.08 38.18
C ARG F 37 26.28 20.23 37.03
N LEU F 38 25.14 19.58 37.25
CA LEU F 38 24.54 18.79 36.18
C LEU F 38 24.17 19.68 35.00
N ALA F 39 23.61 20.85 35.28
CA ALA F 39 23.25 21.77 34.21
C ALA F 39 24.48 22.22 33.44
N ARG F 40 25.57 22.52 34.15
CA ARG F 40 26.78 22.94 33.46
C ARG F 40 27.32 21.84 32.58
N ARG F 41 27.32 20.60 33.05
CA ARG F 41 27.76 19.52 32.19
C ARG F 41 26.85 19.40 30.97
N GLY F 42 25.56 19.63 31.15
CA GLY F 42 24.67 19.65 30.01
C GLY F 42 24.87 20.86 29.11
N GLY F 43 25.54 21.88 29.59
CA GLY F 43 25.84 23.05 28.79
C GLY F 43 25.00 24.28 29.07
N VAL F 44 24.26 24.32 30.17
CA VAL F 44 23.39 25.44 30.47
C VAL F 44 24.22 26.57 31.04
N LYS F 45 24.20 27.73 30.38
CA LYS F 45 25.02 28.84 30.83
C LYS F 45 24.36 29.59 31.99
N ARG F 46 23.06 29.85 31.88
CA ARG F 46 22.35 30.64 32.87
C ARG F 46 21.06 29.94 33.24
N ILE F 47 20.79 29.82 34.52
CA ILE F 47 19.74 28.96 35.04
C ILE F 47 18.73 29.81 35.78
N SER F 48 17.45 29.48 35.62
CA SER F 48 16.41 30.18 36.33
C SER F 48 16.45 29.79 37.81
N GLY F 49 15.47 30.21 38.57
CA GLY F 49 15.45 29.91 39.98
C GLY F 49 14.41 28.87 40.33
N LEU F 50 13.41 28.72 39.48
CA LEU F 50 12.38 27.71 39.67
C LEU F 50 12.79 26.35 39.17
N ILE F 51 13.96 26.24 38.54
CA ILE F 51 14.41 24.99 37.96
C ILE F 51 14.59 23.92 39.02
N TYR F 52 14.89 24.31 40.24
CA TYR F 52 15.36 23.35 41.22
C TYR F 52 14.24 22.41 41.66
N GLU F 53 13.08 22.95 41.98
CA GLU F 53 11.96 22.09 42.36
C GLU F 53 11.52 21.23 41.17
N GLU F 54 11.51 21.81 39.98
CA GLU F 54 11.12 21.05 38.79
C GLU F 54 12.04 19.86 38.60
N THR F 55 13.34 20.07 38.71
CA THR F 55 14.29 18.99 38.50
C THR F 55 14.18 17.96 39.61
N ARG F 56 13.91 18.39 40.83
CA ARG F 56 13.73 17.43 41.91
C ARG F 56 12.54 16.53 41.62
N GLY F 57 11.44 17.10 41.12
CA GLY F 57 10.29 16.28 40.78
C GLY F 57 10.58 15.31 39.65
N VAL F 58 11.27 15.77 38.62
CA VAL F 58 11.62 14.91 37.50
C VAL F 58 12.46 13.74 37.99
N LEU F 59 13.47 14.03 38.82
CA LEU F 59 14.33 12.98 39.32
C LEU F 59 13.54 11.97 40.15
N LYS F 60 12.64 12.45 40.99
CA LYS F 60 11.84 11.53 41.78
C LYS F 60 11.02 10.60 40.91
N VAL F 61 10.41 11.12 39.85
CA VAL F 61 9.59 10.27 38.99
C VAL F 61 10.45 9.20 38.31
N PHE F 62 11.60 9.61 37.78
CA PHE F 62 12.48 8.65 37.11
C PHE F 62 12.89 7.55 38.08
N LEU F 63 13.32 7.94 39.27
CA LEU F 63 13.74 6.97 40.27
C LEU F 63 12.60 6.04 40.64
N GLU F 64 11.39 6.59 40.78
CA GLU F 64 10.26 5.75 41.15
C GLU F 64 10.05 4.64 40.13
N ASN F 65 10.03 5.02 38.85
CA ASN F 65 9.80 4.00 37.82
C ASN F 65 10.88 2.92 37.87
N VAL F 66 12.16 3.35 37.87
CA VAL F 66 13.23 2.37 37.78
C VAL F 66 13.25 1.47 39.00
N ILE F 67 13.08 2.05 40.19
CA ILE F 67 13.14 1.25 41.40
C ILE F 67 11.96 0.30 41.48
N ARG F 68 10.78 0.72 41.01
CA ARG F 68 9.66 -0.20 41.05
C ARG F 68 9.93 -1.42 40.18
N ASP F 69 10.47 -1.22 38.98
CA ASP F 69 10.80 -2.38 38.16
C ASP F 69 11.87 -3.24 38.82
N ALA F 70 12.90 -2.61 39.39
CA ALA F 70 13.97 -3.37 40.00
C ALA F 70 13.46 -4.20 41.17
N VAL F 71 12.58 -3.64 41.98
CA VAL F 71 12.02 -4.37 43.10
C VAL F 71 11.11 -5.49 42.61
N THR F 72 10.43 -5.29 41.48
CA THR F 72 9.65 -6.40 40.92
C THR F 72 10.55 -7.57 40.58
N TYR F 73 11.68 -7.30 39.91
CA TYR F 73 12.60 -8.39 39.61
C TYR F 73 13.11 -9.05 40.88
N THR F 74 13.49 -8.24 41.87
CA THR F 74 14.02 -8.79 43.11
C THR F 74 13.00 -9.67 43.81
N GLU F 75 11.78 -9.19 43.94
CA GLU F 75 10.75 -9.95 44.62
C GLU F 75 10.41 -11.22 43.88
N HIS F 76 10.41 -11.17 42.54
CA HIS F 76 10.21 -12.40 41.78
C HIS F 76 11.31 -13.41 42.04
N ALA F 77 12.55 -12.95 42.11
CA ALA F 77 13.61 -13.90 42.39
C ALA F 77 13.58 -14.42 43.81
N LYS F 78 12.63 -13.96 44.63
CA LYS F 78 12.50 -14.36 46.02
C LYS F 78 13.76 -14.04 46.81
N ARG F 79 14.41 -12.94 46.45
CA ARG F 79 15.52 -12.38 47.22
C ARG F 79 15.00 -11.30 48.15
N LYS F 80 15.90 -10.78 48.98
CA LYS F 80 15.61 -9.62 49.80
C LYS F 80 16.67 -8.55 49.64
N THR F 81 17.53 -8.66 48.64
CA THR F 81 18.58 -7.70 48.36
C THR F 81 18.49 -7.30 46.90
N VAL F 82 18.51 -6.00 46.64
CA VAL F 82 18.44 -5.52 45.27
C VAL F 82 19.85 -5.54 44.68
N THR F 83 20.06 -6.38 43.69
CA THR F 83 21.37 -6.52 43.10
C THR F 83 21.55 -5.53 41.96
N ALA F 84 22.80 -5.36 41.54
CA ALA F 84 23.06 -4.48 40.40
C ALA F 84 22.40 -5.00 39.15
N MET F 85 22.26 -6.32 39.03
CA MET F 85 21.66 -6.88 37.83
C MET F 85 20.19 -6.53 37.74
N ASP F 86 19.49 -6.44 38.87
CA ASP F 86 18.10 -6.02 38.82
C ASP F 86 17.95 -4.63 38.26
N VAL F 87 18.81 -3.71 38.70
CA VAL F 87 18.78 -2.34 38.18
C VAL F 87 19.10 -2.34 36.70
N VAL F 88 20.10 -3.13 36.30
CA VAL F 88 20.45 -3.17 34.88
C VAL F 88 19.27 -3.67 34.06
N TYR F 89 18.61 -4.72 34.53
CA TYR F 89 17.47 -5.26 33.80
C TYR F 89 16.34 -4.24 33.72
N ALA F 90 16.05 -3.56 34.82
CA ALA F 90 14.97 -2.58 34.81
C ALA F 90 15.26 -1.45 33.85
N LEU F 91 16.49 -0.95 33.84
CA LEU F 91 16.85 0.09 32.88
C LEU F 91 16.70 -0.41 31.46
N LYS F 92 17.17 -1.63 31.19
CA LYS F 92 17.03 -2.18 29.86
C LYS F 92 15.58 -2.27 29.45
N ARG F 93 14.71 -2.66 30.38
CA ARG F 93 13.30 -2.76 30.08
C ARG F 93 12.71 -1.41 29.73
N GLN F 94 13.07 -0.37 30.47
CA GLN F 94 12.56 0.96 30.14
C GLN F 94 13.23 1.55 28.92
N GLY F 95 14.30 0.97 28.42
CA GLY F 95 14.90 1.41 27.18
C GLY F 95 16.22 2.13 27.34
N ARG F 96 16.74 2.22 28.56
CA ARG F 96 18.03 2.85 28.82
C ARG F 96 19.06 1.78 29.16
N THR F 97 19.66 1.20 28.14
CA THR F 97 20.70 0.21 28.37
C THR F 97 21.89 0.86 29.08
N LEU F 98 22.50 0.13 29.99
CA LEU F 98 23.61 0.64 30.79
C LEU F 98 24.77 -0.35 30.72
N TYR F 99 25.91 0.11 30.23
CA TYR F 99 27.10 -0.73 30.12
C TYR F 99 28.04 -0.47 31.28
N GLY F 100 28.57 -1.53 31.85
CA GLY F 100 29.67 -1.43 32.79
C GLY F 100 29.39 -1.99 34.16
N PHE F 101 28.18 -2.44 34.45
CA PHE F 101 27.85 -2.98 35.77
C PHE F 101 27.54 -4.47 35.69
N GLY F 102 28.26 -5.18 34.84
CA GLY F 102 28.10 -6.61 34.76
C GLY F 102 27.08 -7.02 33.72
N GLY F 103 27.54 -7.70 32.68
CA GLY F 103 26.67 -8.23 31.64
C GLY F 103 25.79 -7.21 30.96
N ALA G 13 -13.76 -41.04 29.77
CA ALA G 13 -14.58 -40.07 30.48
C ALA G 13 -15.36 -39.21 29.49
N LYS G 14 -15.67 -37.98 29.90
CA LYS G 14 -16.40 -37.04 29.06
C LYS G 14 -15.57 -35.77 28.90
N ALA G 15 -15.42 -35.32 27.66
CA ALA G 15 -14.57 -34.17 27.38
C ALA G 15 -15.19 -32.90 27.94
N LYS G 16 -14.39 -32.13 28.67
CA LYS G 16 -14.78 -30.82 29.15
C LYS G 16 -13.58 -29.90 29.00
N THR G 17 -13.73 -28.83 28.25
CA THR G 17 -12.59 -28.01 27.87
C THR G 17 -12.00 -27.27 29.05
N ARG G 18 -10.69 -27.03 28.96
CA ARG G 18 -10.00 -26.31 30.03
C ARG G 18 -10.50 -24.90 30.17
N SER G 19 -10.90 -24.26 29.07
CA SER G 19 -11.49 -22.93 29.17
C SER G 19 -12.76 -22.99 30.00
N SER G 20 -13.60 -24.00 29.77
CA SER G 20 -14.81 -24.16 30.57
C SER G 20 -14.46 -24.40 32.03
N ARG G 21 -13.46 -25.24 32.30
CA ARG G 21 -13.08 -25.51 33.68
C ARG G 21 -12.63 -24.25 34.38
N ALA G 22 -11.83 -23.44 33.72
CA ALA G 22 -11.38 -22.18 34.31
C ALA G 22 -12.46 -21.12 34.31
N GLY G 23 -13.56 -21.34 33.60
CA GLY G 23 -14.60 -20.33 33.55
C GLY G 23 -14.26 -19.15 32.69
N LEU G 24 -13.52 -19.37 31.60
CA LEU G 24 -13.08 -18.31 30.71
C LEU G 24 -13.84 -18.38 29.40
N GLN G 25 -13.50 -17.46 28.51
CA GLN G 25 -13.97 -17.51 27.14
C GLN G 25 -12.87 -17.75 26.13
N PHE G 26 -11.63 -17.39 26.44
CA PHE G 26 -10.54 -17.58 25.49
C PHE G 26 -10.05 -19.02 25.51
N PRO G 27 -9.42 -19.46 24.42
CA PRO G 27 -9.01 -20.87 24.33
C PRO G 27 -7.73 -21.17 25.09
N VAL G 28 -7.86 -21.84 26.22
CA VAL G 28 -6.69 -22.22 27.00
C VAL G 28 -5.82 -23.17 26.20
N GLY G 29 -6.43 -24.10 25.47
CA GLY G 29 -5.66 -25.03 24.67
C GLY G 29 -4.87 -24.35 23.58
N ARG G 30 -5.50 -23.40 22.89
CA ARG G 30 -4.78 -22.67 21.85
C ARG G 30 -3.64 -21.85 22.43
N VAL G 31 -3.89 -21.19 23.55
CA VAL G 31 -2.83 -20.40 24.15
C VAL G 31 -1.69 -21.30 24.58
N HIS G 32 -2.01 -22.49 25.10
CA HIS G 32 -0.97 -23.41 25.53
C HIS G 32 -0.14 -23.89 24.35
N ARG G 33 -0.80 -24.18 23.23
CA ARG G 33 -0.07 -24.56 22.02
C ARG G 33 0.83 -23.43 21.56
N LEU G 34 0.33 -22.20 21.58
CA LEU G 34 1.14 -21.08 21.09
C LEU G 34 2.34 -20.83 22.00
N LEU G 35 2.15 -20.95 23.31
CA LEU G 35 3.29 -20.85 24.22
C LEU G 35 4.27 -21.99 23.99
N ARG G 36 3.77 -23.16 23.63
CA ARG G 36 4.65 -24.30 23.38
C ARG G 36 5.51 -24.06 22.15
N LYS G 37 4.89 -23.70 21.03
CA LYS G 37 5.63 -23.61 19.78
C LYS G 37 6.35 -22.29 19.63
N GLY G 38 6.14 -21.34 20.53
CA GLY G 38 6.78 -20.05 20.38
C GLY G 38 8.22 -20.01 20.77
N ASN G 39 8.75 -21.10 21.31
CA ASN G 39 10.13 -21.17 21.77
C ASN G 39 10.42 -20.07 22.78
N TYR G 40 9.61 -20.03 23.82
CA TYR G 40 9.81 -19.10 24.91
C TYR G 40 10.59 -19.70 26.06
N ALA G 41 10.43 -20.99 26.30
CA ALA G 41 11.23 -21.72 27.26
C ALA G 41 11.24 -23.18 26.82
N GLU G 42 11.96 -24.00 27.58
CA GLU G 42 12.01 -25.41 27.25
C GLU G 42 10.73 -26.14 27.64
N ARG G 43 10.09 -25.73 28.73
CA ARG G 43 8.88 -26.37 29.23
C ARG G 43 7.83 -25.30 29.49
N VAL G 44 6.59 -25.73 29.59
CA VAL G 44 5.47 -24.85 29.90
C VAL G 44 4.65 -25.47 31.02
N GLY G 45 4.47 -24.72 32.10
CA GLY G 45 3.68 -25.19 33.21
C GLY G 45 2.24 -25.42 32.82
N ALA G 46 1.47 -25.90 33.78
CA ALA G 46 0.06 -26.19 33.53
C ALA G 46 -0.86 -25.03 33.82
N GLY G 47 -0.44 -24.08 34.67
CA GLY G 47 -1.27 -22.95 35.00
C GLY G 47 -0.94 -21.71 34.19
N ALA G 48 0.18 -21.75 33.48
CA ALA G 48 0.55 -20.61 32.65
C ALA G 48 -0.48 -20.29 31.58
N PRO G 49 -0.97 -21.26 30.79
CA PRO G 49 -2.00 -20.90 29.81
C PRO G 49 -3.27 -20.36 30.43
N VAL G 50 -3.67 -20.90 31.59
CA VAL G 50 -4.88 -20.40 32.23
C VAL G 50 -4.70 -18.95 32.65
N TYR G 51 -3.57 -18.65 33.28
CA TYR G 51 -3.30 -17.28 33.71
C TYR G 51 -3.28 -16.34 32.52
N LEU G 52 -2.59 -16.73 31.45
CA LEU G 52 -2.45 -15.85 30.30
C LEU G 52 -3.79 -15.63 29.61
N ALA G 53 -4.61 -16.67 29.49
CA ALA G 53 -5.92 -16.50 28.89
C ALA G 53 -6.79 -15.58 29.73
N ALA G 54 -6.73 -15.71 31.06
CA ALA G 54 -7.52 -14.81 31.89
C ALA G 54 -7.09 -13.38 31.70
N VAL G 55 -5.78 -13.12 31.62
CA VAL G 55 -5.30 -11.75 31.45
C VAL G 55 -5.76 -11.20 30.11
N LEU G 56 -5.61 -11.98 29.04
CA LEU G 56 -6.00 -11.51 27.72
C LEU G 56 -7.49 -11.22 27.66
N GLU G 57 -8.29 -12.08 28.27
CA GLU G 57 -9.73 -11.83 28.30
C GLU G 57 -10.04 -10.55 29.06
N TYR G 58 -9.36 -10.32 30.19
CA TYR G 58 -9.63 -9.11 30.94
C TYR G 58 -9.36 -7.87 30.10
N LEU G 59 -8.19 -7.81 29.46
CA LEU G 59 -7.86 -6.63 28.68
C LEU G 59 -8.83 -6.45 27.51
N THR G 60 -9.17 -7.54 26.83
CA THR G 60 -10.11 -7.44 25.72
C THR G 60 -11.44 -6.91 26.19
N ALA G 61 -11.96 -7.43 27.30
CA ALA G 61 -13.25 -6.97 27.79
C ALA G 61 -13.19 -5.51 28.19
N GLU G 62 -12.08 -5.09 28.78
CA GLU G 62 -11.94 -3.69 29.17
C GLU G 62 -12.04 -2.77 27.97
N ILE G 63 -11.26 -3.05 26.92
CA ILE G 63 -11.31 -2.16 25.76
C ILE G 63 -12.64 -2.26 25.05
N LEU G 64 -13.22 -3.45 24.97
CA LEU G 64 -14.52 -3.55 24.31
C LEU G 64 -15.58 -2.76 25.04
N GLU G 65 -15.55 -2.79 26.37
CA GLU G 65 -16.54 -2.02 27.12
C GLU G 65 -16.38 -0.53 26.85
N LEU G 66 -15.14 -0.04 26.90
CA LEU G 66 -14.93 1.39 26.64
C LEU G 66 -15.34 1.76 25.22
N ALA G 67 -14.98 0.94 24.23
CA ALA G 67 -15.32 1.26 22.86
C ALA G 67 -16.82 1.18 22.62
N GLY G 68 -17.50 0.26 23.30
CA GLY G 68 -18.94 0.20 23.19
C GLY G 68 -19.61 1.45 23.72
N ASN G 69 -19.10 1.95 24.85
CA ASN G 69 -19.60 3.23 25.34
C ASN G 69 -19.35 4.34 24.34
N ALA G 70 -18.16 4.36 23.74
CA ALA G 70 -17.86 5.39 22.76
C ALA G 70 -18.80 5.31 21.56
N ALA G 71 -19.08 4.10 21.10
CA ALA G 71 -19.97 3.93 19.96
C ALA G 71 -21.39 4.36 20.30
N ARG G 72 -21.87 3.99 21.49
CA ARG G 72 -23.20 4.41 21.90
C ARG G 72 -23.26 5.92 22.10
N ASP G 73 -22.12 6.54 22.39
CA ASP G 73 -22.05 7.97 22.59
C ASP G 73 -22.24 8.74 21.28
N ASN G 74 -22.08 8.08 20.13
CA ASN G 74 -22.36 8.69 18.85
C ASN G 74 -23.66 8.18 18.23
N LYS G 75 -24.53 7.58 19.04
CA LYS G 75 -25.79 7.04 18.56
C LYS G 75 -25.58 6.00 17.45
N LYS G 76 -24.52 5.21 17.59
CA LYS G 76 -24.23 4.11 16.70
C LYS G 76 -24.47 2.79 17.42
N THR G 77 -24.44 1.70 16.66
CA THR G 77 -24.58 0.37 17.24
C THR G 77 -23.52 -0.61 16.80
N ARG G 78 -22.51 -0.18 16.06
CA ARG G 78 -21.42 -1.05 15.70
C ARG G 78 -20.10 -0.35 15.97
N ILE G 79 -19.15 -1.10 16.51
CA ILE G 79 -17.87 -0.55 16.89
C ILE G 79 -16.98 -0.48 15.67
N ILE G 80 -16.31 0.65 15.50
CA ILE G 80 -15.41 0.86 14.36
C ILE G 80 -14.08 1.40 14.85
N PRO G 81 -13.03 1.38 14.03
CA PRO G 81 -11.71 1.80 14.51
C PRO G 81 -11.70 3.18 15.10
N ARG G 82 -12.54 4.09 14.64
CA ARG G 82 -12.62 5.39 15.27
C ARG G 82 -13.05 5.26 16.72
N HIS G 83 -14.03 4.40 16.98
CA HIS G 83 -14.49 4.20 18.36
C HIS G 83 -13.41 3.57 19.20
N LEU G 84 -12.69 2.60 18.64
CA LEU G 84 -11.57 2.02 19.39
C LEU G 84 -10.53 3.07 19.73
N GLN G 85 -10.19 3.92 18.76
CA GLN G 85 -9.23 4.98 18.99
C GLN G 85 -9.69 5.91 20.10
N LEU G 86 -10.96 6.31 20.06
CA LEU G 86 -11.48 7.20 21.09
C LEU G 86 -11.37 6.58 22.47
N ALA G 87 -11.79 5.32 22.60
CA ALA G 87 -11.74 4.66 23.90
C ALA G 87 -10.32 4.58 24.42
N VAL G 88 -9.40 4.13 23.56
CA VAL G 88 -8.02 3.93 24.00
C VAL G 88 -7.39 5.25 24.40
N ARG G 89 -7.53 6.27 23.56
CA ARG G 89 -6.85 7.52 23.84
C ARG G 89 -7.52 8.33 24.93
N ASN G 90 -8.77 8.01 25.28
CA ASN G 90 -9.40 8.70 26.38
C ASN G 90 -9.15 8.04 27.72
N ASP G 91 -8.92 6.73 27.75
CA ASP G 91 -8.53 6.08 28.99
C ASP G 91 -7.02 6.16 29.12
N GLU G 92 -6.54 6.68 30.26
CA GLU G 92 -5.12 6.97 30.41
C GLU G 92 -4.27 5.72 30.60
N GLU G 93 -4.77 4.69 31.29
CA GLU G 93 -4.01 3.45 31.40
C GLU G 93 -3.80 2.82 30.03
N LEU G 94 -4.86 2.73 29.24
CA LEU G 94 -4.73 2.14 27.91
C LEU G 94 -3.90 3.04 27.00
N ASN G 95 -3.98 4.35 27.17
CA ASN G 95 -3.12 5.24 26.40
C ASN G 95 -1.66 4.98 26.73
N LYS G 96 -1.36 4.76 28.00
CA LYS G 96 0.03 4.46 28.39
C LYS G 96 0.46 3.11 27.86
N LEU G 97 -0.46 2.13 27.85
CA LEU G 97 -0.11 0.81 27.34
C LEU G 97 0.16 0.85 25.84
N LEU G 98 -0.79 1.35 25.06
CA LEU G 98 -0.66 1.45 23.62
C LEU G 98 -0.08 2.80 23.21
N GLY G 99 1.05 3.16 23.80
CA GLY G 99 1.64 4.45 23.51
C GLY G 99 2.37 4.49 22.20
N ARG G 100 2.86 3.35 21.72
CA ARG G 100 3.60 3.29 20.47
C ARG G 100 2.78 2.69 19.35
N VAL G 101 1.48 2.51 19.54
CA VAL G 101 0.65 1.79 18.60
C VAL G 101 -0.14 2.77 17.75
N THR G 102 -0.15 2.54 16.44
CA THR G 102 -1.00 3.27 15.52
C THR G 102 -2.19 2.39 15.16
N ILE G 103 -3.39 2.94 15.31
CA ILE G 103 -4.61 2.23 14.96
C ILE G 103 -5.04 2.72 13.58
N ALA G 104 -5.07 1.81 12.61
CA ALA G 104 -5.38 2.19 11.24
C ALA G 104 -6.80 2.72 11.14
N GLN G 105 -6.96 3.80 10.38
CA GLN G 105 -8.23 4.49 10.21
C GLN G 105 -8.78 5.00 11.53
N GLY G 106 -7.92 5.23 12.51
CA GLY G 106 -8.38 5.64 13.82
C GLY G 106 -8.65 7.12 13.96
N GLY G 107 -7.90 7.94 13.24
CA GLY G 107 -8.05 9.37 13.38
C GLY G 107 -7.41 9.88 14.65
N VAL G 108 -7.79 11.10 15.02
CA VAL G 108 -7.17 11.83 16.11
C VAL G 108 -8.25 12.32 17.05
N LEU G 109 -7.90 12.45 18.32
CA LEU G 109 -8.79 13.11 19.27
C LEU G 109 -8.97 14.58 18.90
N PRO G 110 -10.16 15.15 19.05
CA PRO G 110 -10.35 16.58 18.78
C PRO G 110 -9.66 17.41 19.85
N ASN G 111 -8.77 18.30 19.43
CA ASN G 111 -8.03 19.13 20.36
C ASN G 111 -7.45 20.32 19.62
N ILE G 112 -7.87 21.53 19.99
CA ILE G 112 -7.28 22.76 19.47
C ILE G 112 -6.61 23.48 20.64
N GLN G 113 -5.42 24.02 20.38
CA GLN G 113 -4.62 24.62 21.42
C GLN G 113 -5.31 25.85 22.02
N SER G 114 -4.91 26.18 23.24
CA SER G 114 -5.60 27.22 24.00
C SER G 114 -5.49 28.58 23.32
N VAL G 115 -4.30 28.91 22.81
CA VAL G 115 -4.06 30.25 22.26
C VAL G 115 -4.53 30.40 20.83
N LEU G 116 -4.88 29.30 20.15
CA LEU G 116 -5.31 29.40 18.77
C LEU G 116 -6.73 29.91 18.67
N LEU G 117 -7.53 29.65 19.68
CA LEU G 117 -8.96 29.96 19.63
C LEU G 117 -9.18 31.47 19.65
N PRO G 118 -10.29 31.95 19.10
CA PRO G 118 -10.57 33.38 19.12
C PRO G 118 -10.93 33.84 20.52
N LYS G 119 -10.32 34.95 20.94
CA LYS G 119 -10.47 35.44 22.30
C LYS G 119 -11.77 36.21 22.47
N SER H 33 -6.66 -23.42 2.66
CA SER H 33 -5.74 -23.29 3.78
C SER H 33 -6.44 -22.66 4.98
N ARG H 34 -6.29 -23.29 6.15
CA ARG H 34 -6.88 -22.79 7.37
C ARG H 34 -6.06 -21.64 7.93
N LYS H 35 -6.74 -20.63 8.43
CA LYS H 35 -6.09 -19.49 9.10
C LYS H 35 -6.89 -19.18 10.35
N GLU H 36 -6.22 -19.23 11.50
CA GLU H 36 -6.86 -19.12 12.80
C GLU H 36 -6.67 -17.73 13.39
N SER H 37 -7.65 -17.30 14.16
CA SER H 37 -7.64 -15.97 14.75
C SER H 37 -8.47 -15.99 16.02
N TYR H 38 -8.78 -14.81 16.55
CA TYR H 38 -9.50 -14.66 17.80
C TYR H 38 -10.89 -14.09 17.60
N ALA H 39 -11.46 -14.21 16.40
CA ALA H 39 -12.71 -13.53 16.11
C ALA H 39 -13.84 -14.03 17.01
N ILE H 40 -14.02 -15.34 17.10
CA ILE H 40 -15.16 -15.86 17.82
C ILE H 40 -15.07 -15.51 19.30
N TYR H 41 -13.86 -15.51 19.85
CA TYR H 41 -13.68 -15.25 21.27
C TYR H 41 -13.89 -13.78 21.58
N VAL H 42 -13.33 -12.90 20.76
CA VAL H 42 -13.60 -11.48 20.94
C VAL H 42 -15.08 -11.21 20.84
N TYR H 43 -15.76 -11.93 19.95
CA TYR H 43 -17.19 -11.71 19.80
C TYR H 43 -17.96 -12.19 21.02
N LYS H 44 -17.56 -13.31 21.61
CA LYS H 44 -18.25 -13.77 22.82
C LYS H 44 -18.05 -12.78 23.96
N VAL H 45 -16.84 -12.25 24.10
CA VAL H 45 -16.60 -11.25 25.13
C VAL H 45 -17.45 -10.00 24.87
N LEU H 46 -17.55 -9.60 23.61
CA LEU H 46 -18.38 -8.44 23.28
C LEU H 46 -19.82 -8.67 23.65
N LYS H 47 -20.33 -9.87 23.39
CA LYS H 47 -21.72 -10.13 23.73
C LYS H 47 -21.95 -10.22 25.22
N GLN H 48 -20.92 -10.57 25.99
CA GLN H 48 -21.08 -10.45 27.44
C GLN H 48 -21.11 -9.01 27.88
N VAL H 49 -20.27 -8.15 27.31
CA VAL H 49 -20.16 -6.79 27.81
C VAL H 49 -21.32 -5.93 27.33
N HIS H 50 -21.45 -5.77 26.00
CA HIS H 50 -22.54 -5.02 25.41
C HIS H 50 -23.44 -5.99 24.66
N PRO H 51 -24.57 -6.40 25.23
CA PRO H 51 -25.31 -7.53 24.66
C PRO H 51 -25.84 -7.31 23.27
N ASP H 52 -25.98 -6.06 22.82
CA ASP H 52 -26.60 -5.79 21.53
C ASP H 52 -25.68 -5.10 20.54
N THR H 53 -24.57 -4.52 20.97
CA THR H 53 -23.66 -3.84 20.06
C THR H 53 -22.98 -4.84 19.13
N GLY H 54 -22.86 -4.46 17.86
CA GLY H 54 -22.12 -5.25 16.90
C GLY H 54 -20.67 -4.83 16.83
N ILE H 55 -19.99 -5.28 15.79
CA ILE H 55 -18.61 -4.89 15.57
C ILE H 55 -18.28 -5.11 14.11
N SER H 56 -17.57 -4.16 13.52
CA SER H 56 -17.29 -4.18 12.10
C SER H 56 -16.17 -5.18 11.82
N SER H 57 -15.65 -5.16 10.60
CA SER H 57 -14.60 -6.10 10.24
C SER H 57 -13.21 -5.53 10.47
N LYS H 58 -13.00 -4.26 10.14
CA LYS H 58 -11.71 -3.64 10.43
C LYS H 58 -11.49 -3.52 11.92
N ALA H 59 -12.53 -3.22 12.68
CA ALA H 59 -12.39 -3.20 14.13
C ALA H 59 -12.00 -4.56 14.65
N MET H 60 -12.59 -5.62 14.10
CA MET H 60 -12.21 -6.95 14.54
C MET H 60 -10.77 -7.27 14.18
N SER H 61 -10.32 -6.84 13.01
CA SER H 61 -8.92 -7.04 12.67
C SER H 61 -8.02 -6.32 13.66
N ILE H 62 -8.41 -5.11 14.08
CA ILE H 62 -7.62 -4.38 15.06
C ILE H 62 -7.59 -5.12 16.38
N MET H 63 -8.73 -5.64 16.81
CA MET H 63 -8.76 -6.37 18.08
C MET H 63 -7.90 -7.62 18.03
N ASN H 64 -7.93 -8.32 16.90
CA ASN H 64 -7.07 -9.48 16.71
C ASN H 64 -5.60 -9.08 16.83
N SER H 65 -5.22 -8.00 16.17
CA SER H 65 -3.85 -7.52 16.27
C SER H 65 -3.49 -7.19 17.70
N PHE H 66 -4.41 -6.54 18.42
CA PHE H 66 -4.15 -6.15 19.79
C PHE H 66 -3.89 -7.35 20.67
N VAL H 67 -4.73 -8.39 20.54
CA VAL H 67 -4.57 -9.58 21.35
C VAL H 67 -3.24 -10.24 21.05
N ASN H 68 -2.89 -10.35 19.77
CA ASN H 68 -1.61 -10.96 19.43
C ASN H 68 -0.46 -10.18 20.02
N ASP H 69 -0.50 -8.86 19.94
CA ASP H 69 0.58 -8.03 20.45
C ASP H 69 0.77 -8.21 21.95
N VAL H 70 -0.33 -8.15 22.70
CA VAL H 70 -0.21 -8.28 24.15
C VAL H 70 0.28 -9.67 24.53
N PHE H 71 -0.21 -10.70 23.83
CA PHE H 71 0.31 -12.04 24.04
C PHE H 71 1.81 -12.06 23.90
N GLU H 72 2.32 -11.52 22.79
CA GLU H 72 3.75 -11.57 22.53
C GLU H 72 4.54 -10.83 23.59
N ARG H 73 4.07 -9.64 23.99
CA ARG H 73 4.78 -8.89 25.00
C ARG H 73 4.90 -9.67 26.29
N ILE H 74 3.77 -10.17 26.80
CA ILE H 74 3.79 -10.89 28.07
C ILE H 74 4.66 -12.13 27.98
N ALA H 75 4.51 -12.89 26.89
CA ALA H 75 5.27 -14.12 26.77
C ALA H 75 6.76 -13.86 26.69
N GLY H 76 7.18 -12.84 25.95
CA GLY H 76 8.59 -12.53 25.87
C GLY H 76 9.16 -12.10 27.21
N GLU H 77 8.41 -11.28 27.95
CA GLU H 77 8.89 -10.87 29.26
C GLU H 77 9.02 -12.06 30.19
N ALA H 78 8.04 -12.96 30.19
CA ALA H 78 8.13 -14.15 31.03
C ALA H 78 9.31 -15.02 30.62
N SER H 79 9.55 -15.14 29.32
CA SER H 79 10.69 -15.90 28.84
C SER H 79 11.98 -15.38 29.43
N ARG H 80 12.20 -14.06 29.32
CA ARG H 80 13.45 -13.52 29.83
C ARG H 80 13.52 -13.60 31.35
N LEU H 81 12.39 -13.53 32.05
CA LEU H 81 12.42 -13.77 33.49
C LEU H 81 12.94 -15.16 33.80
N ALA H 82 12.38 -16.16 33.12
CA ALA H 82 12.81 -17.54 33.35
C ALA H 82 14.29 -17.70 33.05
N HIS H 83 14.76 -17.09 31.96
CA HIS H 83 16.18 -17.19 31.64
C HIS H 83 17.05 -16.49 32.69
N TYR H 84 16.59 -15.34 33.20
CA TYR H 84 17.37 -14.62 34.19
C TYR H 84 17.54 -15.47 35.45
N ASN H 85 16.48 -16.14 35.88
CA ASN H 85 16.57 -16.94 37.08
C ASN H 85 17.07 -18.35 36.82
N LYS H 86 17.62 -18.59 35.63
CA LYS H 86 18.17 -19.91 35.28
C LYS H 86 17.16 -21.02 35.51
N ARG H 87 15.91 -20.77 35.11
CA ARG H 87 14.89 -21.79 35.10
C ARG H 87 14.61 -22.22 33.67
N SER H 88 13.90 -23.33 33.53
CA SER H 88 13.57 -23.86 32.22
C SER H 88 12.08 -24.03 32.03
N THR H 89 11.26 -23.44 32.89
CA THR H 89 9.82 -23.60 32.84
C THR H 89 9.16 -22.24 32.99
N ILE H 90 8.12 -22.00 32.21
CA ILE H 90 7.28 -20.81 32.35
C ILE H 90 6.06 -21.20 33.17
N THR H 91 5.95 -20.64 34.35
CA THR H 91 4.86 -20.96 35.27
C THR H 91 3.99 -19.74 35.48
N SER H 92 2.91 -19.94 36.24
CA SER H 92 2.02 -18.83 36.54
C SER H 92 2.71 -17.74 37.33
N ARG H 93 3.76 -18.09 38.08
CA ARG H 93 4.50 -17.04 38.78
C ARG H 93 5.22 -16.14 37.79
N GLU H 94 5.83 -16.73 36.75
CA GLU H 94 6.43 -15.90 35.71
C GLU H 94 5.40 -15.08 34.98
N ILE H 95 4.25 -15.65 34.66
CA ILE H 95 3.23 -14.89 33.96
C ILE H 95 2.75 -13.73 34.82
N GLN H 96 2.57 -13.97 36.11
CA GLN H 96 2.13 -12.90 37.00
C GLN H 96 3.15 -11.79 37.07
N THR H 97 4.42 -12.15 37.21
CA THR H 97 5.44 -11.11 37.28
C THR H 97 5.51 -10.32 35.98
N ALA H 98 5.38 -10.99 34.84
CA ALA H 98 5.40 -10.29 33.56
C ALA H 98 4.23 -9.34 33.42
N VAL H 99 3.05 -9.75 33.88
CA VAL H 99 1.91 -8.85 33.87
C VAL H 99 2.20 -7.64 34.73
N ARG H 100 2.75 -7.87 35.91
CA ARG H 100 3.03 -6.76 36.82
C ARG H 100 4.07 -5.81 36.23
N LEU H 101 4.99 -6.33 35.42
CA LEU H 101 6.00 -5.49 34.78
C LEU H 101 5.44 -4.72 33.60
N LEU H 102 4.48 -5.29 32.87
CA LEU H 102 4.00 -4.65 31.65
C LEU H 102 2.81 -3.72 31.89
N LEU H 103 1.78 -4.18 32.55
CA LEU H 103 0.58 -3.38 32.64
C LEU H 103 0.73 -2.26 33.67
N PRO H 104 0.11 -1.11 33.43
CA PRO H 104 0.20 0.00 34.38
C PRO H 104 -0.90 0.01 35.44
N GLY H 105 -0.52 0.11 36.70
CA GLY H 105 -1.45 0.49 37.75
C GLY H 105 -2.67 -0.42 37.89
N GLU H 106 -3.85 0.18 37.75
CA GLU H 106 -5.09 -0.55 37.96
C GLU H 106 -5.23 -1.72 37.00
N LEU H 107 -4.73 -1.57 35.77
CA LEU H 107 -4.75 -2.70 34.85
C LEU H 107 -3.97 -3.87 35.42
N ALA H 108 -2.79 -3.60 35.97
CA ALA H 108 -1.99 -4.66 36.57
C ALA H 108 -2.74 -5.31 37.73
N LYS H 109 -3.35 -4.49 38.59
CA LYS H 109 -4.02 -5.05 39.76
C LYS H 109 -5.17 -5.96 39.37
N HIS H 110 -6.07 -5.46 38.53
CA HIS H 110 -7.21 -6.30 38.13
C HIS H 110 -6.79 -7.48 37.28
N ALA H 111 -5.77 -7.34 36.43
CA ALA H 111 -5.32 -8.48 35.64
C ALA H 111 -4.75 -9.57 36.54
N VAL H 112 -3.98 -9.19 37.55
CA VAL H 112 -3.48 -10.17 38.51
C VAL H 112 -4.64 -10.86 39.21
N SER H 113 -5.64 -10.07 39.62
CA SER H 113 -6.79 -10.65 40.29
C SER H 113 -7.49 -11.67 39.40
N GLU H 114 -7.70 -11.32 38.13
CA GLU H 114 -8.41 -12.22 37.22
C GLU H 114 -7.61 -13.49 36.96
N GLY H 115 -6.31 -13.35 36.71
CA GLY H 115 -5.50 -14.53 36.47
C GLY H 115 -5.48 -15.46 37.66
N THR H 116 -5.35 -14.91 38.86
CA THR H 116 -5.34 -15.73 40.06
C THR H 116 -6.69 -16.42 40.24
N LYS H 117 -7.78 -15.70 39.98
CA LYS H 117 -9.10 -16.30 40.07
C LYS H 117 -9.22 -17.48 39.14
N ALA H 118 -8.79 -17.32 37.90
CA ALA H 118 -8.91 -18.40 36.92
C ALA H 118 -8.07 -19.60 37.31
N VAL H 119 -6.85 -19.37 37.78
CA VAL H 119 -6.00 -20.50 38.15
C VAL H 119 -6.58 -21.24 39.34
N THR H 120 -7.09 -20.50 40.33
CA THR H 120 -7.71 -21.14 41.48
C THR H 120 -8.89 -21.98 41.07
N LYS H 121 -9.76 -21.44 40.21
CA LYS H 121 -10.91 -22.22 39.76
C LYS H 121 -10.46 -23.44 38.99
N TYR H 122 -9.44 -23.29 38.16
CA TYR H 122 -8.97 -24.40 37.33
C TYR H 122 -8.46 -25.55 38.20
N THR H 123 -7.66 -25.24 39.22
CA THR H 123 -7.15 -26.31 40.06
C THR H 123 -8.24 -26.91 40.93
N SER H 124 -9.05 -26.06 41.57
CA SER H 124 -10.07 -26.60 42.48
C SER H 124 -11.13 -27.41 41.73
N ALA H 125 -11.34 -27.11 40.46
CA ALA H 125 -12.34 -27.83 39.67
C ALA H 125 -11.68 -28.56 38.51
N ASP K 34 -46.31 -12.26 -18.56
CA ASP K 34 -45.13 -12.86 -17.97
C ASP K 34 -45.06 -14.34 -18.30
N LEU K 35 -45.72 -15.16 -17.47
CA LEU K 35 -45.83 -16.58 -17.77
C LEU K 35 -46.63 -16.81 -19.05
N GLU K 36 -47.62 -15.96 -19.31
CA GLU K 36 -48.26 -15.97 -20.62
C GLU K 36 -47.27 -15.63 -21.72
N GLY K 37 -46.40 -14.65 -21.46
CA GLY K 37 -45.31 -14.38 -22.38
C GLY K 37 -44.34 -15.54 -22.50
N THR K 38 -44.11 -16.27 -21.41
CA THR K 38 -43.26 -17.45 -21.46
C THR K 38 -43.86 -18.52 -22.38
N THR K 39 -45.17 -18.76 -22.24
CA THR K 39 -45.84 -19.71 -23.12
C THR K 39 -45.80 -19.25 -24.57
N LYS K 40 -46.01 -17.96 -24.80
CA LYS K 40 -45.91 -17.43 -26.16
C LYS K 40 -44.51 -17.63 -26.73
N ARG K 41 -43.48 -17.39 -25.93
CA ARG K 41 -42.11 -17.60 -26.39
C ARG K 41 -41.88 -19.07 -26.73
N PHE K 42 -42.31 -19.98 -25.85
CA PHE K 42 -42.14 -21.40 -26.13
C PHE K 42 -42.95 -21.85 -27.33
N GLU K 43 -44.03 -21.14 -27.67
CA GLU K 43 -44.77 -21.45 -28.89
C GLU K 43 -43.87 -21.43 -30.12
N HIS K 44 -42.88 -20.53 -30.14
CA HIS K 44 -41.95 -20.42 -31.25
C HIS K 44 -40.61 -21.10 -30.98
N LEU K 45 -40.18 -21.16 -29.72
CA LEU K 45 -38.95 -21.85 -29.37
C LEU K 45 -39.10 -23.36 -29.56
N LEU K 46 -40.17 -23.93 -29.03
CA LEU K 46 -40.48 -25.34 -29.25
C LEU K 46 -40.85 -25.62 -30.69
N SER K 47 -41.21 -24.58 -31.45
CA SER K 47 -41.38 -24.73 -32.89
C SER K 47 -40.05 -25.02 -33.58
N LEU K 48 -38.94 -24.75 -32.91
CA LEU K 48 -37.63 -25.20 -33.34
C LEU K 48 -37.41 -26.62 -32.81
N SER K 49 -36.18 -27.11 -32.88
CA SER K 49 -35.89 -28.47 -32.45
C SER K 49 -36.22 -28.65 -30.97
N GLY K 50 -36.37 -29.91 -30.57
CA GLY K 50 -36.65 -30.24 -29.17
C GLY K 50 -35.43 -30.05 -28.29
N LEU K 51 -34.44 -29.35 -28.83
CA LEU K 51 -33.24 -29.02 -28.08
C LEU K 51 -33.54 -28.07 -26.93
N PHE K 52 -34.52 -27.17 -27.10
CA PHE K 52 -34.96 -26.35 -25.97
C PHE K 52 -35.56 -27.21 -24.88
N LYS K 53 -36.33 -28.23 -25.26
CA LYS K 53 -36.82 -29.19 -24.28
C LYS K 53 -35.65 -29.89 -23.58
N HIS K 54 -34.62 -30.26 -24.34
CA HIS K 54 -33.47 -30.92 -23.71
C HIS K 54 -32.78 -30.00 -22.72
N PHE K 55 -32.62 -28.73 -23.08
CA PHE K 55 -32.03 -27.76 -22.16
C PHE K 55 -32.87 -27.58 -20.91
N ILE K 56 -34.20 -27.56 -21.05
CA ILE K 56 -35.05 -27.49 -19.88
C ILE K 56 -34.90 -28.74 -19.03
N GLU K 57 -34.71 -29.89 -19.67
CA GLU K 57 -34.60 -31.18 -19.01
C GLU K 57 -33.16 -31.55 -18.66
N SER K 58 -32.19 -30.72 -19.01
CA SER K 58 -30.81 -30.89 -18.57
C SER K 58 -30.49 -30.01 -17.36
N LYS K 59 -31.47 -29.28 -16.85
CA LYS K 59 -31.25 -28.45 -15.68
C LYS K 59 -31.13 -29.31 -14.43
N ALA K 60 -30.12 -29.04 -13.61
CA ALA K 60 -29.89 -29.82 -12.40
C ALA K 60 -30.13 -28.97 -11.15
N ASP K 63 -35.50 -26.99 -10.72
CA ASP K 63 -36.25 -26.57 -11.90
C ASP K 63 -37.58 -25.95 -11.51
N PRO K 64 -37.75 -24.66 -11.83
CA PRO K 64 -39.00 -23.97 -11.46
C PRO K 64 -40.18 -24.40 -12.31
N LYS K 65 -41.31 -23.71 -12.15
CA LYS K 65 -42.56 -24.08 -12.80
C LYS K 65 -42.58 -23.80 -14.31
N PHE K 66 -41.47 -23.46 -14.98
CA PHE K 66 -41.49 -23.43 -16.44
C PHE K 66 -41.84 -24.79 -17.00
N ARG K 67 -41.47 -25.86 -16.30
CA ARG K 67 -41.90 -27.20 -16.70
C ARG K 67 -43.41 -27.33 -16.70
N GLN K 68 -44.10 -26.59 -15.84
CA GLN K 68 -45.55 -26.69 -15.76
C GLN K 68 -46.20 -26.24 -17.07
N VAL K 69 -45.72 -25.15 -17.65
CA VAL K 69 -46.25 -24.73 -18.95
C VAL K 69 -45.58 -25.49 -20.09
N LEU K 70 -44.42 -26.11 -19.86
CA LEU K 70 -43.80 -26.92 -20.90
C LEU K 70 -44.59 -28.21 -21.14
N ASP K 71 -45.08 -28.83 -20.06
CA ASP K 71 -45.68 -30.16 -20.17
C ASP K 71 -46.95 -30.14 -21.00
N VAL K 72 -47.80 -29.12 -20.81
CA VAL K 72 -49.06 -29.06 -21.53
C VAL K 72 -48.81 -28.92 -23.04
N LEU K 73 -47.85 -28.07 -23.42
CA LEU K 73 -47.53 -27.92 -24.83
C LEU K 73 -46.83 -29.15 -25.38
N GLU K 74 -46.05 -29.84 -24.54
CA GLU K 74 -45.40 -31.08 -24.96
C GLU K 74 -46.43 -32.15 -25.29
N GLU K 75 -47.43 -32.32 -24.43
CA GLU K 75 -48.44 -33.34 -24.66
C GLU K 75 -49.49 -32.91 -25.67
N ASN K 76 -49.60 -31.61 -25.94
CA ASN K 76 -50.55 -31.12 -26.94
C ASN K 76 -49.88 -30.15 -27.91
N GLN K 117 -44.05 -10.44 -43.50
CA GLN K 117 -45.03 -9.37 -43.72
C GLN K 117 -44.35 -8.00 -43.74
N PHE K 118 -44.98 -7.05 -44.44
CA PHE K 118 -44.43 -5.72 -44.66
C PHE K 118 -43.09 -5.79 -45.40
N ARG K 119 -43.16 -6.28 -46.64
CA ARG K 119 -42.02 -6.41 -47.53
C ARG K 119 -42.05 -5.36 -48.65
N GLU K 120 -42.46 -4.13 -48.31
CA GLU K 120 -42.66 -3.09 -49.30
C GLU K 120 -41.81 -1.84 -49.04
N SER K 121 -40.90 -1.89 -48.06
CA SER K 121 -40.14 -0.70 -47.65
C SER K 121 -41.11 0.40 -47.27
N PRO K 122 -41.79 0.29 -46.12
CA PRO K 122 -42.88 1.21 -45.81
C PRO K 122 -42.43 2.66 -45.78
N ALA K 123 -43.33 3.55 -46.19
CA ALA K 123 -42.97 4.90 -46.61
C ALA K 123 -42.96 5.92 -45.47
N TYR K 124 -43.20 5.50 -44.23
CA TYR K 124 -43.02 6.45 -43.12
C TYR K 124 -41.56 6.87 -42.98
N VAL K 125 -40.63 6.10 -43.54
CA VAL K 125 -39.23 6.51 -43.62
C VAL K 125 -39.10 7.53 -44.74
N ASN K 126 -37.99 8.25 -44.76
CA ASN K 126 -37.70 9.22 -45.81
C ASN K 126 -36.46 8.72 -46.54
N GLY K 127 -36.66 7.85 -47.51
CA GLY K 127 -35.58 7.23 -48.25
C GLY K 127 -36.05 5.91 -48.83
N GLN K 128 -35.08 5.05 -49.10
CA GLN K 128 -35.34 3.72 -49.64
C GLN K 128 -34.71 2.67 -48.75
N LEU K 129 -35.40 1.54 -48.59
CA LEU K 129 -34.86 0.42 -47.85
C LEU K 129 -34.25 -0.60 -48.80
N ARG K 130 -33.08 -1.12 -48.44
CA ARG K 130 -32.44 -2.14 -49.24
C ARG K 130 -33.15 -3.47 -49.05
N PRO K 131 -32.97 -4.41 -49.97
CA PRO K 131 -33.70 -5.69 -49.84
C PRO K 131 -33.35 -6.46 -48.57
N TYR K 132 -32.06 -6.64 -48.29
CA TYR K 132 -31.68 -7.31 -47.06
C TYR K 132 -32.07 -6.49 -45.84
N GLN K 133 -32.14 -5.16 -45.99
CA GLN K 133 -32.64 -4.33 -44.91
C GLN K 133 -34.10 -4.64 -44.60
N ILE K 134 -34.92 -4.75 -45.64
CA ILE K 134 -36.32 -5.11 -45.45
C ILE K 134 -36.42 -6.51 -44.85
N GLN K 135 -35.58 -7.43 -45.31
CA GLN K 135 -35.58 -8.78 -44.76
C GLN K 135 -35.21 -8.78 -43.29
N GLY K 136 -34.22 -7.97 -42.90
CA GLY K 136 -33.87 -7.87 -41.50
C GLY K 136 -34.99 -7.28 -40.67
N VAL K 137 -35.67 -6.26 -41.20
CA VAL K 137 -36.82 -5.68 -40.50
C VAL K 137 -37.89 -6.74 -40.31
N ASN K 138 -38.13 -7.55 -41.33
CA ASN K 138 -39.12 -8.62 -41.23
C ASN K 138 -38.71 -9.65 -40.19
N TRP K 139 -37.43 -10.00 -40.14
CA TRP K 139 -36.95 -10.93 -39.12
C TRP K 139 -37.19 -10.35 -37.74
N LEU K 140 -36.90 -9.06 -37.57
CA LEU K 140 -37.05 -8.41 -36.28
C LEU K 140 -38.51 -8.37 -35.85
N VAL K 141 -39.42 -8.06 -36.79
CA VAL K 141 -40.83 -8.01 -36.43
C VAL K 141 -41.36 -9.42 -36.17
N SER K 142 -40.79 -10.44 -36.83
CA SER K 142 -41.13 -11.81 -36.49
C SER K 142 -40.71 -12.13 -35.06
N LEU K 143 -39.52 -11.69 -34.67
CA LEU K 143 -39.09 -11.87 -33.29
C LEU K 143 -40.03 -11.15 -32.33
N HIS K 144 -40.44 -9.94 -32.69
CA HIS K 144 -41.35 -9.17 -31.84
C HIS K 144 -42.68 -9.89 -31.67
N LYS K 145 -43.25 -10.39 -32.77
CA LYS K 145 -44.52 -11.10 -32.68
C LYS K 145 -44.38 -12.38 -31.87
N ASN K 146 -43.29 -13.12 -32.10
CA ASN K 146 -42.97 -14.26 -31.24
C ASN K 146 -42.56 -13.83 -29.84
N LYS K 147 -42.32 -12.54 -29.62
CA LYS K 147 -41.86 -12.00 -28.35
C LYS K 147 -40.54 -12.65 -27.94
N ILE K 148 -39.68 -12.91 -28.93
CA ILE K 148 -38.39 -13.54 -28.72
C ILE K 148 -37.29 -12.60 -29.19
N ALA K 149 -36.08 -12.86 -28.69
CA ALA K 149 -34.96 -11.96 -28.90
C ALA K 149 -34.04 -12.48 -29.99
N GLY K 150 -32.93 -11.78 -30.18
CA GLY K 150 -31.97 -12.14 -31.22
C GLY K 150 -30.80 -11.19 -31.21
N ILE K 151 -30.00 -11.27 -32.27
CA ILE K 151 -28.82 -10.43 -32.42
C ILE K 151 -28.66 -10.05 -33.89
N LEU K 152 -28.69 -8.76 -34.19
CA LEU K 152 -28.41 -8.28 -35.54
C LEU K 152 -26.90 -8.35 -35.74
N ALA K 153 -26.41 -9.54 -36.11
CA ALA K 153 -24.99 -9.75 -36.33
C ALA K 153 -24.56 -9.41 -37.74
N ASP K 154 -25.37 -8.65 -38.47
CA ASP K 154 -25.02 -8.27 -39.84
C ASP K 154 -23.72 -7.48 -39.83
N GLU K 155 -22.90 -7.73 -40.84
CA GLU K 155 -21.60 -7.08 -40.94
C GLU K 155 -21.77 -5.56 -40.92
N MET K 156 -20.76 -4.87 -40.40
CA MET K 156 -20.87 -3.45 -40.14
C MET K 156 -20.94 -2.66 -41.45
N GLY K 157 -21.61 -1.52 -41.40
CA GLY K 157 -21.73 -0.68 -42.58
C GLY K 157 -22.69 -1.21 -43.62
N LEU K 158 -23.66 -2.02 -43.21
CA LEU K 158 -24.69 -2.54 -44.09
C LEU K 158 -26.02 -1.83 -43.87
N GLY K 159 -25.97 -0.55 -43.51
CA GLY K 159 -27.19 0.19 -43.24
C GLY K 159 -27.98 -0.38 -42.08
N LYS K 160 -27.32 -1.03 -41.13
CA LYS K 160 -28.03 -1.55 -39.97
C LYS K 160 -28.60 -0.42 -39.12
N THR K 161 -28.00 0.76 -39.15
CA THR K 161 -28.67 1.91 -38.56
C THR K 161 -30.00 2.18 -39.24
N LEU K 162 -30.03 2.08 -40.56
CA LEU K 162 -31.28 2.23 -41.30
C LEU K 162 -32.27 1.14 -40.94
N GLN K 163 -31.79 -0.09 -40.78
CA GLN K 163 -32.65 -1.18 -40.35
C GLN K 163 -33.30 -0.85 -39.00
N THR K 164 -32.49 -0.38 -38.06
CA THR K 164 -32.99 -0.02 -36.74
C THR K 164 -33.98 1.13 -36.81
N ILE K 165 -33.70 2.14 -37.62
CA ILE K 165 -34.58 3.30 -37.71
C ILE K 165 -35.90 2.91 -38.35
N SER K 166 -35.86 2.08 -39.38
CA SER K 166 -37.11 1.61 -39.98
C SER K 166 -37.87 0.70 -39.03
N PHE K 167 -37.17 -0.08 -38.20
CA PHE K 167 -37.85 -0.92 -37.23
C PHE K 167 -38.53 -0.10 -36.14
N LEU K 168 -37.86 0.94 -35.65
CA LEU K 168 -38.50 1.81 -34.67
C LEU K 168 -39.65 2.56 -35.30
N GLY K 169 -39.54 2.91 -36.58
CA GLY K 169 -40.69 3.45 -37.30
C GLY K 169 -41.82 2.44 -37.42
N TYR K 170 -41.49 1.17 -37.59
CA TYR K 170 -42.50 0.11 -37.59
C TYR K 170 -43.26 0.10 -36.27
N LEU K 171 -42.52 0.08 -35.16
CA LEU K 171 -43.16 0.13 -33.85
C LEU K 171 -43.92 1.44 -33.64
N ARG K 172 -43.46 2.52 -34.28
CA ARG K 172 -44.13 3.81 -34.14
C ARG K 172 -45.45 3.85 -34.89
N TYR K 173 -45.51 3.24 -36.06
CA TYR K 173 -46.65 3.43 -36.96
C TYR K 173 -47.54 2.21 -37.10
N ILE K 174 -46.98 1.05 -37.44
CA ILE K 174 -47.83 -0.13 -37.65
C ILE K 174 -48.53 -0.53 -36.35
N GLU K 175 -47.80 -0.58 -35.25
CA GLU K 175 -48.46 -0.80 -33.97
C GLU K 175 -48.91 0.48 -33.30
N LYS K 176 -48.55 1.64 -33.86
CA LYS K 176 -48.94 2.93 -33.31
C LYS K 176 -48.47 3.09 -31.86
N ILE K 177 -47.26 2.61 -31.57
CA ILE K 177 -46.74 2.66 -30.21
C ILE K 177 -45.35 3.31 -30.21
N PRO K 178 -45.26 4.64 -30.30
CA PRO K 178 -44.02 5.31 -29.92
C PRO K 178 -43.97 5.53 -28.41
N GLY K 179 -43.11 4.80 -27.72
CA GLY K 179 -43.03 4.86 -26.28
C GLY K 179 -41.63 5.13 -25.77
N PRO K 180 -41.30 4.60 -24.59
CA PRO K 180 -39.95 4.76 -24.06
C PRO K 180 -38.98 3.76 -24.69
N PHE K 181 -37.89 4.27 -25.24
CA PHE K 181 -36.88 3.46 -25.88
C PHE K 181 -35.49 3.91 -25.45
N LEU K 182 -34.55 2.97 -25.42
CA LEU K 182 -33.21 3.24 -24.92
C LEU K 182 -32.19 2.70 -25.90
N VAL K 183 -31.25 3.55 -26.30
CA VAL K 183 -30.19 3.19 -27.22
C VAL K 183 -28.84 3.61 -26.62
N ILE K 184 -27.81 2.81 -26.90
CA ILE K 184 -26.50 2.97 -26.30
C ILE K 184 -25.46 2.95 -27.40
N ALA K 185 -24.56 3.93 -27.40
CA ALA K 185 -23.55 4.05 -28.44
C ALA K 185 -22.26 4.57 -27.84
N PRO K 186 -21.12 4.26 -28.47
CA PRO K 186 -19.85 4.87 -28.06
C PRO K 186 -19.83 6.38 -28.29
N LYS K 187 -18.94 7.04 -27.55
CA LYS K 187 -18.99 8.49 -27.41
C LYS K 187 -18.79 9.19 -28.75
N SER K 188 -17.86 8.69 -29.57
CA SER K 188 -17.68 9.25 -30.90
C SER K 188 -18.91 9.03 -31.77
N THR K 189 -19.82 8.14 -31.36
CA THR K 189 -20.94 7.73 -32.19
C THR K 189 -22.30 8.19 -31.68
N LEU K 190 -22.37 8.84 -30.52
CA LEU K 190 -23.65 9.39 -30.10
C LEU K 190 -24.18 10.42 -31.10
N ASN K 191 -23.31 11.05 -31.87
CA ASN K 191 -23.77 12.00 -32.89
C ASN K 191 -24.50 11.29 -34.02
N ASN K 192 -23.95 10.17 -34.49
CA ASN K 192 -24.40 9.57 -35.74
C ASN K 192 -25.84 9.09 -35.63
N TRP K 193 -26.20 8.48 -34.50
CA TRP K 193 -27.56 7.97 -34.35
C TRP K 193 -28.58 9.10 -34.40
N LEU K 194 -28.31 10.20 -33.68
CA LEU K 194 -29.25 11.32 -33.71
C LEU K 194 -29.30 11.94 -35.10
N ARG K 195 -28.16 12.07 -35.77
CA ARG K 195 -28.18 12.64 -37.12
C ARG K 195 -29.02 11.81 -38.07
N GLU K 196 -28.85 10.48 -38.03
CA GLU K 196 -29.58 9.65 -38.98
C GLU K 196 -31.06 9.55 -38.62
N ILE K 197 -31.39 9.52 -37.32
CA ILE K 197 -32.80 9.47 -36.96
C ILE K 197 -33.49 10.76 -37.35
N ASN K 198 -32.80 11.89 -37.26
CA ASN K 198 -33.36 13.14 -37.74
C ASN K 198 -33.48 13.14 -39.26
N ARG K 199 -32.47 12.62 -39.96
CA ARG K 199 -32.50 12.58 -41.41
C ARG K 199 -33.65 11.73 -41.93
N TRP K 200 -34.02 10.68 -41.21
CA TRP K 200 -34.95 9.70 -41.74
C TRP K 200 -36.35 9.78 -41.14
N THR K 201 -36.50 9.79 -39.82
CA THR K 201 -37.81 9.87 -39.18
C THR K 201 -37.79 11.02 -38.19
N PRO K 202 -37.96 12.26 -38.67
CA PRO K 202 -37.94 13.42 -37.77
C PRO K 202 -39.11 13.46 -36.79
N ASP K 203 -39.96 12.45 -36.77
CA ASP K 203 -41.10 12.39 -35.86
C ASP K 203 -40.75 11.77 -34.52
N VAL K 204 -39.47 11.47 -34.27
CA VAL K 204 -39.03 10.80 -33.06
C VAL K 204 -38.32 11.79 -32.16
N ASN K 205 -38.71 11.82 -30.89
CA ASN K 205 -38.09 12.68 -29.89
C ASN K 205 -36.90 11.95 -29.30
N ALA K 206 -35.70 12.39 -29.65
CA ALA K 206 -34.47 11.73 -29.23
C ALA K 206 -33.52 12.75 -28.61
N PHE K 207 -32.79 12.31 -27.59
CA PHE K 207 -31.80 13.14 -26.92
C PHE K 207 -30.43 12.48 -26.98
N ILE K 208 -29.39 13.31 -27.01
CA ILE K 208 -28.06 12.90 -26.64
C ILE K 208 -27.86 13.36 -25.20
N LEU K 209 -28.00 12.42 -24.26
CA LEU K 209 -27.96 12.73 -22.83
C LEU K 209 -26.51 12.94 -22.43
N GLN K 210 -26.00 14.13 -22.74
CA GLN K 210 -24.63 14.49 -22.40
C GLN K 210 -24.61 15.70 -21.48
N GLY K 211 -23.41 16.03 -21.03
CA GLY K 211 -23.20 17.14 -20.12
C GLY K 211 -22.75 16.65 -18.75
N ASP K 212 -22.44 17.62 -17.89
CA ASP K 212 -21.95 17.32 -16.56
C ASP K 212 -23.11 16.87 -15.69
N LYS K 213 -22.92 16.89 -14.37
CA LYS K 213 -24.00 16.50 -13.49
C LYS K 213 -25.20 17.41 -13.66
N GLU K 214 -24.97 18.72 -13.77
CA GLU K 214 -26.07 19.67 -13.88
C GLU K 214 -26.72 19.63 -15.26
N GLU K 215 -25.92 19.54 -16.33
CA GLU K 215 -26.53 19.39 -17.65
C GLU K 215 -27.32 18.11 -17.76
N ARG K 216 -26.90 17.06 -17.04
CA ARG K 216 -27.76 15.90 -16.92
C ARG K 216 -28.88 16.15 -15.92
N ALA K 217 -28.69 17.06 -14.96
CA ALA K 217 -29.70 17.28 -13.95
C ALA K 217 -30.96 17.86 -14.55
N GLU K 218 -30.85 18.93 -15.36
CA GLU K 218 -32.11 19.47 -15.89
C GLU K 218 -32.67 18.57 -16.98
N LEU K 219 -31.80 17.83 -17.69
CA LEU K 219 -32.29 16.88 -18.67
C LEU K 219 -33.15 15.81 -18.02
N ILE K 220 -32.70 15.28 -16.89
CA ILE K 220 -33.49 14.28 -16.16
C ILE K 220 -34.76 14.93 -15.61
N GLN K 221 -34.62 16.10 -15.00
CA GLN K 221 -35.74 16.68 -14.27
C GLN K 221 -36.86 17.13 -15.21
N LYS K 222 -36.50 17.81 -16.30
CA LYS K 222 -37.49 18.44 -17.15
C LYS K 222 -38.12 17.45 -18.12
N LYS K 223 -37.30 16.87 -19.00
CA LYS K 223 -37.85 16.05 -20.08
C LYS K 223 -37.91 14.57 -19.74
N LEU K 224 -36.84 14.03 -19.16
CA LEU K 224 -36.84 12.61 -18.81
C LEU K 224 -37.87 12.30 -17.72
N LEU K 225 -37.98 13.17 -16.72
CA LEU K 225 -39.05 13.00 -15.74
C LEU K 225 -40.40 13.44 -16.29
N GLY K 226 -40.40 14.43 -17.19
CA GLY K 226 -41.63 14.89 -17.79
C GLY K 226 -42.22 13.97 -18.84
N CYS K 227 -41.53 12.88 -19.16
CA CYS K 227 -41.99 11.92 -20.16
C CYS K 227 -42.29 12.61 -21.49
N ASP K 228 -41.32 13.41 -21.94
CA ASP K 228 -41.45 14.24 -23.13
C ASP K 228 -40.51 13.77 -24.24
N PHE K 229 -40.45 12.46 -24.45
CA PHE K 229 -39.48 11.90 -25.39
C PHE K 229 -39.99 10.56 -25.88
N ASP K 230 -39.28 10.02 -26.87
CA ASP K 230 -39.49 8.65 -27.33
C ASP K 230 -38.25 7.80 -27.14
N VAL K 231 -37.09 8.25 -27.62
CA VAL K 231 -35.84 7.53 -27.49
C VAL K 231 -34.81 8.48 -26.89
N VAL K 232 -33.80 7.90 -26.24
CA VAL K 232 -32.72 8.66 -25.62
C VAL K 232 -31.41 7.99 -25.98
N ILE K 233 -30.45 8.79 -26.46
CA ILE K 233 -29.15 8.29 -26.90
C ILE K 233 -28.11 8.69 -25.85
N ALA K 234 -27.42 7.69 -25.29
CA ALA K 234 -26.46 7.88 -24.22
C ALA K 234 -25.15 7.20 -24.60
N SER K 235 -24.15 7.32 -23.72
CA SER K 235 -22.87 6.67 -23.91
C SER K 235 -22.75 5.50 -22.95
N TYR K 236 -21.61 4.79 -23.04
CA TYR K 236 -21.40 3.60 -22.24
C TYR K 236 -21.55 3.89 -20.75
N GLU K 237 -20.85 4.90 -20.26
CA GLU K 237 -20.74 5.16 -18.83
C GLU K 237 -21.88 5.97 -18.27
N ILE K 238 -22.53 6.79 -19.10
CA ILE K 238 -23.57 7.68 -18.59
C ILE K 238 -24.72 6.88 -18.01
N ILE K 239 -25.03 5.73 -18.59
CA ILE K 239 -26.09 4.90 -18.02
C ILE K 239 -25.68 4.36 -16.67
N ILE K 240 -24.39 4.05 -16.49
CA ILE K 240 -23.91 3.65 -15.18
C ILE K 240 -24.06 4.80 -14.19
N ARG K 241 -23.85 6.03 -14.66
CA ARG K 241 -23.98 7.18 -13.78
C ARG K 241 -25.45 7.47 -13.46
N GLU K 242 -26.36 7.13 -14.34
CA GLU K 242 -27.76 7.51 -14.21
C GLU K 242 -28.69 6.31 -14.12
N LYS K 243 -28.21 5.22 -13.51
CA LYS K 243 -29.04 4.02 -13.40
C LYS K 243 -30.32 4.30 -12.62
N SER K 244 -30.20 4.96 -11.46
CA SER K 244 -31.37 5.18 -10.63
C SER K 244 -32.44 6.05 -11.28
N PRO K 245 -32.12 7.17 -11.95
CA PRO K 245 -33.18 7.89 -12.68
C PRO K 245 -33.63 7.20 -13.95
N LEU K 246 -32.99 6.09 -14.34
CA LEU K 246 -33.39 5.35 -15.52
C LEU K 246 -34.11 4.05 -15.21
N LYS K 247 -33.80 3.42 -14.07
CA LYS K 247 -34.57 2.27 -13.63
C LYS K 247 -36.04 2.61 -13.45
N LYS K 248 -36.33 3.84 -13.00
CA LYS K 248 -37.72 4.22 -12.77
C LYS K 248 -38.54 4.26 -14.07
N ILE K 249 -37.87 4.28 -15.21
CA ILE K 249 -38.55 4.27 -16.51
C ILE K 249 -38.46 2.87 -17.08
N ASN K 250 -39.59 2.15 -17.07
CA ASN K 250 -39.67 0.87 -17.76
C ASN K 250 -39.70 1.10 -19.25
N TRP K 251 -38.90 0.34 -19.99
CA TRP K 251 -38.61 0.62 -21.38
C TRP K 251 -39.32 -0.36 -22.30
N GLU K 252 -39.18 -0.11 -23.59
CA GLU K 252 -39.49 -1.07 -24.64
C GLU K 252 -38.24 -1.75 -25.15
N TYR K 253 -37.25 -0.97 -25.60
CA TYR K 253 -36.01 -1.49 -26.14
C TYR K 253 -34.83 -0.92 -25.37
N ILE K 254 -33.84 -1.78 -25.15
CA ILE K 254 -32.52 -1.32 -24.75
C ILE K 254 -31.55 -1.59 -25.89
N ILE K 255 -31.41 -0.62 -26.78
CA ILE K 255 -30.65 -0.81 -28.01
C ILE K 255 -29.18 -0.65 -27.69
N ILE K 256 -28.39 -1.68 -28.01
CA ILE K 256 -27.00 -1.74 -27.60
C ILE K 256 -26.15 -1.85 -28.85
N ASP K 257 -25.59 -0.73 -29.29
CA ASP K 257 -24.70 -0.77 -30.44
C ASP K 257 -23.34 -1.28 -30.02
N GLU K 258 -22.65 -1.94 -30.95
CA GLU K 258 -21.28 -2.39 -30.75
C GLU K 258 -21.15 -3.20 -29.46
N ALA K 259 -22.01 -4.20 -29.31
CA ALA K 259 -22.12 -4.85 -28.00
C ALA K 259 -20.87 -5.65 -27.67
N HIS K 260 -19.77 -4.94 -27.45
CA HIS K 260 -18.50 -5.56 -27.09
C HIS K 260 -18.18 -5.45 -25.62
N ARG K 261 -18.81 -4.52 -24.91
CA ARG K 261 -18.60 -4.43 -23.47
C ARG K 261 -19.24 -5.60 -22.73
N ILE K 262 -20.24 -6.24 -23.34
CA ILE K 262 -20.98 -7.32 -22.70
C ILE K 262 -20.20 -8.62 -22.61
N LYS K 263 -19.13 -8.78 -23.41
CA LYS K 263 -18.36 -10.03 -23.40
C LYS K 263 -17.96 -10.49 -22.01
N ASN K 264 -17.91 -9.61 -21.03
CA ASN K 264 -17.58 -9.99 -19.67
C ASN K 264 -18.84 -9.95 -18.81
N GLU K 265 -19.01 -10.95 -17.96
CA GLU K 265 -20.17 -10.97 -17.07
C GLU K 265 -20.03 -9.99 -15.91
N GLU K 266 -18.82 -9.83 -15.39
CA GLU K 266 -18.61 -8.93 -14.27
C GLU K 266 -18.47 -7.48 -14.68
N SER K 267 -18.53 -7.19 -15.98
CA SER K 267 -18.52 -5.82 -16.45
C SER K 267 -19.70 -5.07 -15.84
N MET K 268 -19.41 -3.89 -15.29
CA MET K 268 -20.46 -3.11 -14.63
C MET K 268 -21.58 -2.75 -15.59
N LEU K 269 -21.29 -2.60 -16.88
CA LEU K 269 -22.35 -2.35 -17.84
C LEU K 269 -23.33 -3.51 -17.89
N SER K 270 -22.81 -4.73 -17.93
CA SER K 270 -23.68 -5.90 -17.84
C SER K 270 -24.38 -5.95 -16.49
N GLN K 271 -23.65 -5.63 -15.42
CA GLN K 271 -24.21 -5.68 -14.08
C GLN K 271 -25.41 -4.75 -13.94
N VAL K 272 -25.37 -3.61 -14.62
CA VAL K 272 -26.47 -2.66 -14.54
C VAL K 272 -27.52 -2.92 -15.61
N LEU K 273 -27.18 -3.62 -16.69
CA LEU K 273 -28.17 -3.97 -17.68
C LEU K 273 -28.93 -5.24 -17.37
N ARG K 274 -28.49 -6.03 -16.38
CA ARG K 274 -29.45 -7.01 -15.89
C ARG K 274 -30.51 -6.37 -15.00
N GLU K 275 -30.40 -5.06 -14.73
CA GLU K 275 -31.34 -4.41 -13.84
C GLU K 275 -32.51 -3.76 -14.56
N PHE K 276 -32.32 -3.30 -15.79
CA PHE K 276 -33.42 -2.62 -16.44
C PHE K 276 -34.42 -3.62 -17.02
N THR K 277 -35.68 -3.18 -17.11
CA THR K 277 -36.78 -4.02 -17.54
C THR K 277 -37.45 -3.36 -18.74
N SER K 278 -37.03 -3.77 -19.93
CA SER K 278 -37.70 -3.40 -21.15
C SER K 278 -38.49 -4.59 -21.68
N ARG K 279 -39.56 -4.30 -22.41
CA ARG K 279 -40.38 -5.35 -22.99
C ARG K 279 -39.57 -6.23 -23.92
N ASN K 280 -38.66 -5.64 -24.69
CA ASN K 280 -37.77 -6.37 -25.56
C ASN K 280 -36.35 -5.86 -25.36
N ARG K 281 -35.39 -6.63 -25.86
CA ARG K 281 -33.97 -6.35 -25.65
C ARG K 281 -33.22 -6.68 -26.93
N LEU K 282 -33.09 -5.68 -27.80
CA LEU K 282 -32.54 -5.86 -29.14
C LEU K 282 -31.04 -5.64 -29.08
N LEU K 283 -30.29 -6.72 -28.95
CA LEU K 283 -28.84 -6.65 -28.99
C LEU K 283 -28.39 -6.45 -30.44
N ILE K 284 -27.37 -5.61 -30.63
CA ILE K 284 -26.81 -5.33 -31.94
C ILE K 284 -25.30 -5.46 -31.83
N THR K 285 -24.64 -5.73 -32.94
CA THR K 285 -23.19 -5.79 -32.95
C THR K 285 -22.67 -5.34 -34.31
N GLY K 286 -21.36 -5.13 -34.38
CA GLY K 286 -20.68 -4.91 -35.63
C GLY K 286 -20.04 -6.20 -36.10
N THR K 287 -19.42 -6.91 -35.16
CA THR K 287 -18.92 -8.26 -35.38
C THR K 287 -19.37 -9.15 -34.23
N PRO K 288 -19.57 -10.44 -34.51
CA PRO K 288 -19.96 -11.38 -33.44
C PRO K 288 -18.84 -11.66 -32.46
N LEU K 289 -19.04 -12.68 -31.62
CA LEU K 289 -18.17 -13.02 -30.48
C LEU K 289 -16.69 -12.93 -30.82
N GLN K 290 -15.86 -12.61 -29.84
CA GLN K 290 -14.44 -12.44 -30.10
C GLN K 290 -13.63 -13.72 -29.88
N ASN K 291 -13.86 -14.41 -28.77
CA ASN K 291 -12.91 -15.50 -28.51
C ASN K 291 -13.55 -16.87 -28.31
N ASN K 292 -14.64 -16.95 -27.55
CA ASN K 292 -15.02 -18.23 -26.98
C ASN K 292 -16.53 -18.45 -27.08
N LEU K 293 -16.91 -19.72 -26.95
CA LEU K 293 -18.26 -20.03 -26.53
C LEU K 293 -18.58 -19.33 -25.22
N HIS K 294 -17.56 -19.16 -24.36
CA HIS K 294 -17.75 -18.36 -23.15
C HIS K 294 -18.25 -16.97 -23.51
N GLU K 295 -17.56 -16.32 -24.44
CA GLU K 295 -17.99 -15.02 -24.92
C GLU K 295 -19.41 -15.10 -25.47
N LEU K 296 -19.68 -16.14 -26.26
CA LEU K 296 -20.98 -16.29 -26.90
C LEU K 296 -22.10 -16.28 -25.88
N TRP K 297 -22.01 -17.14 -24.87
CA TRP K 297 -23.09 -17.15 -23.89
C TRP K 297 -23.05 -15.95 -22.97
N ALA K 298 -21.89 -15.29 -22.84
CA ALA K 298 -21.85 -14.02 -22.12
C ALA K 298 -22.71 -12.97 -22.80
N LEU K 299 -22.64 -12.87 -24.13
CA LEU K 299 -23.58 -12.00 -24.83
C LEU K 299 -25.00 -12.56 -24.74
N LEU K 300 -25.14 -13.88 -24.85
CA LEU K 300 -26.44 -14.48 -25.05
C LEU K 300 -27.32 -14.37 -23.81
N ASN K 301 -26.73 -14.45 -22.61
CA ASN K 301 -27.53 -14.54 -21.40
C ASN K 301 -28.48 -13.37 -21.25
N PHE K 302 -28.05 -12.18 -21.66
CA PHE K 302 -28.83 -10.97 -21.49
C PHE K 302 -29.88 -10.80 -22.57
N LEU K 303 -29.95 -11.73 -23.52
CA LEU K 303 -31.08 -11.75 -24.44
C LEU K 303 -32.32 -12.34 -23.77
N LEU K 304 -32.24 -13.60 -23.37
CA LEU K 304 -33.36 -14.35 -22.80
C LEU K 304 -32.87 -15.02 -21.53
N PRO K 305 -32.86 -14.29 -20.41
CA PRO K 305 -32.20 -14.80 -19.20
C PRO K 305 -33.00 -15.84 -18.45
N ASP K 306 -34.31 -15.62 -18.32
CA ASP K 306 -35.16 -16.59 -17.63
C ASP K 306 -35.20 -17.92 -18.35
N ILE K 307 -34.84 -17.94 -19.64
CA ILE K 307 -34.78 -19.18 -20.38
C ILE K 307 -33.50 -19.94 -20.05
N PHE K 308 -32.34 -19.26 -20.09
CA PHE K 308 -31.08 -19.94 -19.82
C PHE K 308 -30.79 -19.94 -18.32
N SER K 309 -30.59 -18.76 -17.74
CA SER K 309 -30.31 -18.60 -16.31
C SER K 309 -29.26 -19.59 -15.80
N ASP K 310 -28.39 -20.06 -16.70
CA ASP K 310 -27.44 -21.10 -16.37
C ASP K 310 -26.07 -20.69 -16.90
N ALA K 311 -25.02 -21.18 -16.24
CA ALA K 311 -23.68 -20.67 -16.50
C ALA K 311 -22.78 -21.67 -17.21
N GLN K 312 -22.54 -22.84 -16.62
CA GLN K 312 -21.66 -23.82 -17.24
C GLN K 312 -22.43 -24.91 -17.95
N ASP K 313 -23.74 -24.98 -17.72
CA ASP K 313 -24.58 -25.88 -18.49
C ASP K 313 -24.44 -25.59 -19.98
N PHE K 314 -24.51 -24.32 -20.35
CA PHE K 314 -24.44 -23.96 -21.76
C PHE K 314 -23.11 -24.35 -22.37
N ASP K 315 -22.01 -24.18 -21.61
CA ASP K 315 -20.70 -24.55 -22.11
C ASP K 315 -20.55 -26.05 -22.26
N ASP K 316 -20.66 -26.79 -21.15
CA ASP K 316 -20.38 -28.22 -21.17
C ASP K 316 -21.45 -29.01 -21.93
N TRP K 317 -22.60 -28.39 -22.21
CA TRP K 317 -23.61 -29.02 -23.05
C TRP K 317 -23.18 -29.07 -24.50
N PHE K 318 -22.47 -28.04 -24.99
CA PHE K 318 -21.97 -28.04 -26.35
C PHE K 318 -20.54 -28.57 -26.48
N SER K 319 -19.77 -28.54 -25.39
CA SER K 319 -18.43 -29.11 -25.34
C SER K 319 -17.44 -28.43 -26.29
N SER K 320 -17.67 -27.15 -26.58
CA SER K 320 -16.67 -26.26 -27.19
C SER K 320 -16.15 -26.85 -28.52
N GLU K 321 -17.05 -26.86 -29.51
CA GLU K 321 -16.74 -27.27 -30.88
C GLU K 321 -16.16 -28.70 -30.92
N SER K 322 -16.67 -29.55 -30.03
CA SER K 322 -16.12 -30.89 -29.82
C SER K 322 -14.62 -30.80 -29.53
N THR K 323 -14.30 -30.12 -28.43
CA THR K 323 -12.92 -29.80 -28.12
C THR K 323 -12.04 -31.04 -27.97
N GLU K 324 -12.62 -32.20 -27.64
CA GLU K 324 -11.84 -33.40 -27.41
C GLU K 324 -11.90 -34.39 -28.57
N GLU K 325 -13.08 -34.69 -29.09
CA GLU K 325 -13.19 -35.63 -30.20
C GLU K 325 -12.96 -34.97 -31.55
N ASP K 326 -13.06 -33.64 -31.63
CA ASP K 326 -12.92 -32.90 -32.89
C ASP K 326 -13.87 -33.44 -33.96
N GLN K 327 -15.09 -33.77 -33.54
CA GLN K 327 -16.09 -34.28 -34.49
C GLN K 327 -16.45 -33.22 -35.52
N ASP K 328 -16.56 -31.96 -35.09
CA ASP K 328 -16.97 -30.83 -35.93
C ASP K 328 -18.35 -31.05 -36.54
N LYS K 329 -19.12 -31.99 -36.00
CA LYS K 329 -20.50 -32.23 -36.44
C LYS K 329 -21.54 -31.83 -35.42
N ILE K 330 -21.19 -31.85 -34.12
CA ILE K 330 -22.10 -31.37 -33.10
C ILE K 330 -22.26 -29.86 -33.16
N VAL K 331 -21.37 -29.18 -33.88
CA VAL K 331 -21.51 -27.75 -34.08
C VAL K 331 -22.81 -27.42 -34.81
N LYS K 332 -23.33 -28.39 -35.57
CA LYS K 332 -24.58 -28.17 -36.28
C LYS K 332 -25.75 -27.94 -35.34
N GLN K 333 -25.75 -28.60 -34.18
CA GLN K 333 -26.81 -28.38 -33.19
C GLN K 333 -26.87 -26.91 -32.79
N LEU K 334 -25.76 -26.39 -32.31
CA LEU K 334 -25.65 -24.98 -31.96
C LEU K 334 -26.00 -24.10 -33.15
N HIS K 335 -25.51 -24.47 -34.33
CA HIS K 335 -25.61 -23.58 -35.48
C HIS K 335 -27.05 -23.46 -35.95
N THR K 336 -27.79 -24.58 -35.91
CA THR K 336 -29.20 -24.58 -36.25
C THR K 336 -30.03 -23.91 -35.16
N VAL K 337 -29.61 -24.03 -33.90
CA VAL K 337 -30.28 -23.28 -32.84
C VAL K 337 -30.17 -21.79 -33.10
N LEU K 338 -28.98 -21.32 -33.48
CA LEU K 338 -28.75 -19.89 -33.61
C LEU K 338 -29.14 -19.33 -34.98
N GLN K 339 -29.31 -20.18 -36.00
CA GLN K 339 -29.57 -19.66 -37.33
C GLN K 339 -30.88 -18.86 -37.41
N PRO K 340 -32.02 -19.35 -36.92
CA PRO K 340 -33.21 -18.48 -36.83
C PRO K 340 -33.18 -17.57 -35.61
N PHE K 341 -32.22 -17.78 -34.73
CA PHE K 341 -32.11 -17.07 -33.46
C PHE K 341 -31.08 -15.94 -33.57
N LEU K 342 -30.59 -15.69 -34.78
CA LEU K 342 -29.60 -14.68 -35.10
C LEU K 342 -29.74 -14.37 -36.58
N LEU K 343 -29.22 -13.21 -37.00
CA LEU K 343 -29.31 -12.80 -38.40
C LEU K 343 -28.01 -12.08 -38.78
N ARG K 344 -27.17 -12.77 -39.56
CA ARG K 344 -25.88 -12.24 -39.99
C ARG K 344 -25.77 -12.31 -41.51
N ARG K 345 -25.36 -11.20 -42.12
CA ARG K 345 -25.11 -11.12 -43.56
C ARG K 345 -23.74 -10.51 -43.82
N ILE K 346 -23.21 -10.76 -45.00
CA ILE K 346 -21.88 -10.31 -45.38
C ILE K 346 -21.99 -9.20 -46.41
N LYS K 347 -21.04 -8.26 -46.35
CA LYS K 347 -20.96 -7.20 -47.36
C LYS K 347 -20.68 -7.78 -48.74
N SER K 348 -19.92 -8.87 -48.81
CA SER K 348 -19.52 -9.42 -50.11
C SER K 348 -20.73 -9.96 -50.88
N ASP K 349 -21.66 -10.62 -50.19
CA ASP K 349 -22.81 -11.19 -50.87
C ASP K 349 -23.70 -10.09 -51.44
N VAL K 350 -24.24 -9.24 -50.57
CA VAL K 350 -25.00 -8.07 -51.00
C VAL K 350 -24.01 -6.90 -50.95
N GLU K 351 -23.39 -6.63 -52.10
CA GLU K 351 -22.32 -5.65 -52.17
C GLU K 351 -22.74 -4.32 -51.59
N THR K 352 -23.74 -3.68 -52.19
CA THR K 352 -24.25 -2.36 -51.82
C THR K 352 -23.21 -1.28 -52.11
N SER K 353 -22.03 -1.71 -52.54
CA SER K 353 -20.98 -0.83 -53.02
C SER K 353 -20.25 -1.39 -54.24
N LEU K 354 -20.31 -2.69 -54.47
CA LEU K 354 -19.76 -3.33 -55.66
C LEU K 354 -18.26 -3.12 -55.78
N LEU K 355 -17.56 -3.06 -54.64
CA LEU K 355 -16.13 -2.80 -54.67
C LEU K 355 -15.46 -3.34 -53.41
N PRO K 356 -14.57 -4.31 -53.53
CA PRO K 356 -13.89 -4.87 -52.36
C PRO K 356 -12.77 -3.95 -51.87
N LYS K 357 -12.02 -4.46 -50.89
CA LYS K 357 -10.92 -3.73 -50.28
C LYS K 357 -9.61 -4.48 -50.45
N LYS K 358 -8.53 -3.76 -50.71
CA LYS K 358 -7.21 -4.36 -50.77
C LYS K 358 -6.55 -4.32 -49.40
N GLU K 359 -5.51 -5.14 -49.24
CA GLU K 359 -4.82 -5.27 -47.96
C GLU K 359 -3.35 -5.51 -48.20
N LEU K 360 -2.51 -4.73 -47.52
CA LEU K 360 -1.05 -4.90 -47.58
C LEU K 360 -0.47 -4.83 -46.18
N ASN K 361 0.49 -5.70 -45.90
CA ASN K 361 1.22 -5.71 -44.63
C ASN K 361 2.64 -5.24 -44.93
N LEU K 362 2.91 -3.98 -44.64
CA LEU K 362 4.18 -3.35 -45.00
C LEU K 362 5.23 -3.74 -43.96
N TYR K 363 5.76 -4.95 -44.12
CA TYR K 363 6.79 -5.43 -43.20
C TYR K 363 8.04 -4.58 -43.35
N VAL K 364 8.33 -3.76 -42.35
CA VAL K 364 9.48 -2.87 -42.37
C VAL K 364 10.47 -3.31 -41.30
N GLY K 365 11.74 -3.04 -41.56
CA GLY K 365 12.77 -3.39 -40.60
C GLY K 365 12.78 -2.44 -39.42
N MET K 366 13.15 -3.00 -38.26
CA MET K 366 13.24 -2.21 -37.04
C MET K 366 14.48 -1.32 -37.09
N SER K 367 14.29 -0.04 -36.75
CA SER K 367 15.25 1.00 -37.13
C SER K 367 16.63 0.75 -36.56
N SER K 368 17.64 1.13 -37.35
CA SER K 368 19.02 0.82 -36.98
C SER K 368 19.43 1.54 -35.70
N MET K 369 19.03 2.80 -35.54
CA MET K 369 19.42 3.51 -34.33
C MET K 369 18.80 2.85 -33.11
N GLN K 370 17.49 2.60 -33.17
CA GLN K 370 16.82 1.98 -32.04
C GLN K 370 17.17 0.51 -31.87
N LYS K 371 17.94 -0.07 -32.79
CA LYS K 371 18.49 -1.40 -32.53
C LYS K 371 19.26 -1.41 -31.22
N LYS K 372 20.01 -0.34 -30.95
CA LYS K 372 20.80 -0.26 -29.73
C LYS K 372 19.92 -0.24 -28.49
N TRP K 373 18.87 0.61 -28.49
CA TRP K 373 17.97 0.62 -27.35
C TRP K 373 17.15 -0.66 -27.24
N TYR K 374 16.85 -1.30 -28.37
CA TYR K 374 16.13 -2.57 -28.30
C TYR K 374 17.01 -3.63 -27.66
N LYS K 375 18.31 -3.60 -27.94
CA LYS K 375 19.26 -4.42 -27.20
C LYS K 375 19.29 -4.05 -25.73
N LYS K 376 19.25 -2.74 -25.44
CA LYS K 376 19.24 -2.26 -24.07
C LYS K 376 18.02 -2.76 -23.30
N ILE K 377 16.93 -3.02 -24.01
CA ILE K 377 15.73 -3.55 -23.39
C ILE K 377 15.79 -5.08 -23.26
N LEU K 378 16.31 -5.75 -24.30
CA LEU K 378 16.40 -7.20 -24.26
C LEU K 378 17.38 -7.68 -23.18
N GLU K 379 18.58 -7.12 -23.18
CA GLU K 379 19.61 -7.50 -22.22
C GLU K 379 19.59 -6.63 -20.97
N LYS K 380 18.60 -5.74 -20.84
CA LYS K 380 18.41 -4.92 -19.65
C LYS K 380 19.59 -3.97 -19.44
N ASP K 381 20.22 -3.55 -20.54
CA ASP K 381 21.43 -2.75 -20.48
C ASP K 381 21.19 -1.40 -19.82
N GLU K 393 17.06 3.32 -20.47
CA GLU K 393 18.36 2.76 -20.81
C GLU K 393 18.80 1.80 -19.72
N SER K 394 18.95 2.31 -18.49
CA SER K 394 19.20 1.50 -17.32
C SER K 394 18.47 2.10 -16.14
N LYS K 395 18.41 1.34 -15.04
CA LYS K 395 17.88 1.82 -13.76
C LYS K 395 16.43 2.27 -13.88
N THR K 396 15.67 1.62 -14.76
CA THR K 396 14.26 1.89 -14.97
C THR K 396 13.48 0.60 -14.86
N ARG K 397 12.18 0.72 -14.66
CA ARG K 397 11.32 -0.44 -14.44
C ARG K 397 10.96 -1.11 -15.76
N LEU K 398 10.71 -2.41 -15.68
CA LEU K 398 10.35 -3.22 -16.85
C LEU K 398 9.24 -4.20 -16.49
N LEU K 399 8.28 -3.77 -15.67
CA LEU K 399 7.34 -4.72 -15.06
C LEU K 399 6.41 -5.36 -16.07
N ASN K 400 6.30 -4.83 -17.28
CA ASN K 400 5.53 -5.49 -18.34
C ASN K 400 6.39 -5.47 -19.59
N ILE K 401 7.24 -6.49 -19.73
CA ILE K 401 8.16 -6.59 -20.85
C ILE K 401 7.39 -6.55 -22.16
N MET K 402 6.18 -7.12 -22.17
CA MET K 402 5.28 -7.00 -23.31
C MET K 402 5.18 -5.56 -23.76
N MET K 403 4.69 -4.70 -22.86
CA MET K 403 4.41 -3.32 -23.19
C MET K 403 5.68 -2.57 -23.52
N GLN K 404 6.77 -2.88 -22.81
CA GLN K 404 8.03 -2.18 -23.08
C GLN K 404 8.52 -2.46 -24.49
N LEU K 405 8.58 -3.75 -24.86
CA LEU K 405 8.98 -4.11 -26.20
C LEU K 405 8.01 -3.58 -27.24
N ARG K 406 6.73 -3.50 -26.90
CA ARG K 406 5.73 -3.00 -27.84
C ARG K 406 5.91 -1.51 -28.08
N LYS K 407 6.25 -0.76 -27.03
CA LYS K 407 6.60 0.65 -27.19
C LYS K 407 7.84 0.80 -28.05
N CYS K 408 8.84 -0.07 -27.84
CA CYS K 408 10.05 0.01 -28.64
C CYS K 408 9.75 -0.29 -30.11
N CYS K 409 8.93 -1.29 -30.36
CA CYS K 409 8.53 -1.63 -31.72
C CYS K 409 7.71 -0.52 -32.37
N ASN K 410 6.93 0.20 -31.57
CA ASN K 410 6.17 1.33 -32.11
C ASN K 410 7.10 2.48 -32.46
N HIS K 411 7.82 3.00 -31.48
CA HIS K 411 8.56 4.22 -31.71
C HIS K 411 9.59 4.46 -30.61
N PRO K 412 10.80 4.91 -30.96
CA PRO K 412 11.89 4.91 -29.96
C PRO K 412 11.72 5.97 -28.88
N TYR K 413 11.22 7.14 -29.25
CA TYR K 413 11.30 8.31 -28.38
C TYR K 413 10.34 8.25 -27.18
N LEU K 414 9.46 7.26 -27.12
CA LEU K 414 8.51 7.20 -26.00
C LEU K 414 9.18 6.93 -24.67
N PHE K 415 10.40 6.40 -24.67
CA PHE K 415 11.08 5.95 -23.46
C PHE K 415 11.76 7.08 -22.72
N ASP K 416 11.34 8.34 -22.94
CA ASP K 416 11.72 9.47 -22.10
C ASP K 416 13.25 9.67 -22.11
N GLY K 417 13.74 10.09 -23.27
CA GLY K 417 15.14 10.47 -23.38
C GLY K 417 15.82 10.17 -24.70
N ALA K 418 15.15 9.43 -25.58
CA ALA K 418 15.72 9.18 -26.89
C ALA K 418 15.84 10.45 -27.73
N GLU K 419 15.13 11.52 -27.35
CA GLU K 419 15.17 12.78 -28.05
C GLU K 419 16.17 13.71 -27.36
N PRO K 420 17.42 13.76 -27.82
CA PRO K 420 18.47 14.41 -27.03
C PRO K 420 18.39 15.93 -27.02
N GLY K 421 17.75 16.54 -28.02
CA GLY K 421 17.75 17.97 -28.16
C GLY K 421 17.08 18.67 -26.99
N PRO K 422 17.84 19.52 -26.29
CA PRO K 422 17.25 20.36 -25.24
C PRO K 422 16.18 21.28 -25.79
N PRO K 423 16.32 21.81 -27.02
CA PRO K 423 15.16 22.44 -27.67
C PRO K 423 14.22 21.45 -28.33
N TYR K 424 14.56 20.16 -28.36
CA TYR K 424 13.72 19.13 -28.98
C TYR K 424 13.44 19.46 -30.46
N THR K 425 14.52 19.40 -31.24
CA THR K 425 14.46 19.68 -32.66
C THR K 425 13.36 18.87 -33.33
N THR K 426 12.73 19.48 -34.33
CA THR K 426 11.65 18.85 -35.11
C THR K 426 12.06 18.92 -36.59
N ASP K 427 12.59 17.84 -37.12
CA ASP K 427 13.18 17.84 -38.45
C ASP K 427 13.15 16.44 -39.02
N GLU K 428 13.90 16.21 -40.10
CA GLU K 428 13.99 14.91 -40.74
C GLU K 428 14.69 13.87 -39.86
N HIS K 429 15.32 14.29 -38.76
CA HIS K 429 15.92 13.32 -37.86
C HIS K 429 14.88 12.42 -37.22
N LEU K 430 13.68 12.94 -36.95
CA LEU K 430 12.61 12.10 -36.39
C LEU K 430 12.28 10.94 -37.32
N VAL K 431 12.00 11.26 -38.59
CA VAL K 431 11.69 10.22 -39.56
C VAL K 431 12.90 9.32 -39.80
N TYR K 432 14.11 9.88 -39.75
CA TYR K 432 15.31 9.07 -39.89
C TYR K 432 15.43 8.04 -38.79
N ASN K 433 15.09 8.44 -37.56
CA ASN K 433 15.27 7.58 -36.40
C ASN K 433 14.13 6.60 -36.21
N ALA K 434 12.93 6.93 -36.68
CA ALA K 434 11.80 6.01 -36.56
C ALA K 434 11.74 5.12 -37.80
N ALA K 435 11.58 3.82 -37.59
CA ALA K 435 11.62 2.87 -38.69
C ALA K 435 10.45 3.06 -39.63
N LYS K 436 9.24 3.11 -39.09
CA LYS K 436 8.05 3.15 -39.94
C LYS K 436 7.95 4.47 -40.70
N LEU K 437 8.32 5.58 -40.06
CA LEU K 437 8.01 6.89 -40.63
C LEU K 437 8.67 7.15 -41.97
N GLN K 438 9.76 6.46 -42.32
CA GLN K 438 10.36 6.68 -43.63
C GLN K 438 9.44 6.17 -44.74
N VAL K 439 8.99 4.92 -44.62
CA VAL K 439 8.03 4.39 -45.58
C VAL K 439 6.74 5.19 -45.49
N LEU K 440 6.39 5.65 -44.28
CA LEU K 440 5.19 6.47 -44.14
C LEU K 440 5.30 7.78 -44.91
N ASP K 441 6.45 8.43 -44.85
CA ASP K 441 6.64 9.68 -45.58
C ASP K 441 6.59 9.42 -47.09
N LYS K 442 7.22 8.33 -47.53
CA LYS K 442 7.12 7.97 -48.94
C LYS K 442 5.67 7.77 -49.35
N LEU K 443 4.91 7.03 -48.55
CA LEU K 443 3.50 6.76 -48.85
C LEU K 443 2.66 8.03 -48.80
N LEU K 444 2.97 8.95 -47.87
CA LEU K 444 2.25 10.21 -47.80
C LEU K 444 2.50 11.06 -49.04
N LYS K 445 3.76 11.13 -49.47
CA LYS K 445 4.06 11.86 -50.71
C LYS K 445 3.36 11.22 -51.89
N LYS K 446 3.25 9.89 -51.90
CA LYS K 446 2.54 9.21 -52.98
C LYS K 446 1.05 9.56 -52.95
N LEU K 447 0.41 9.39 -51.79
CA LEU K 447 -1.04 9.49 -51.70
C LEU K 447 -1.53 10.92 -51.75
N LYS K 448 -0.69 11.90 -51.38
CA LYS K 448 -1.06 13.29 -51.57
C LYS K 448 -1.26 13.59 -53.04
N GLU K 449 -0.37 13.08 -53.89
CA GLU K 449 -0.52 13.25 -55.33
C GLU K 449 -1.64 12.39 -55.87
N GLU K 450 -1.79 11.17 -55.33
CA GLU K 450 -2.84 10.27 -55.80
C GLU K 450 -4.23 10.66 -55.31
N GLY K 451 -4.32 11.65 -54.42
CA GLY K 451 -5.61 12.07 -53.92
C GLY K 451 -6.24 11.15 -52.91
N SER K 452 -5.46 10.23 -52.33
CA SER K 452 -6.00 9.31 -51.33
C SER K 452 -6.21 10.05 -50.01
N ARG K 453 -7.38 9.87 -49.43
CA ARG K 453 -7.76 10.58 -48.21
C ARG K 453 -7.60 9.58 -47.07
N VAL K 454 -6.56 9.78 -46.25
CA VAL K 454 -6.01 8.70 -45.42
C VAL K 454 -6.50 8.80 -43.98
N LEU K 455 -6.57 7.65 -43.32
CA LEU K 455 -6.90 7.53 -41.91
C LEU K 455 -5.81 6.72 -41.22
N ILE K 456 -5.46 7.11 -40.00
CA ILE K 456 -4.39 6.45 -39.24
C ILE K 456 -4.92 6.08 -37.87
N PHE K 457 -4.66 4.84 -37.44
CA PHE K 457 -5.07 4.35 -36.14
C PHE K 457 -3.86 3.95 -35.31
N SER K 458 -3.99 4.10 -34.00
CA SER K 458 -2.88 3.81 -33.09
C SER K 458 -3.44 3.48 -31.72
N GLN K 459 -2.59 2.89 -30.89
CA GLN K 459 -2.93 2.62 -29.49
C GLN K 459 -2.40 3.67 -28.54
N MET K 460 -1.27 4.28 -28.87
CA MET K 460 -0.57 5.19 -27.95
C MET K 460 -0.95 6.62 -28.26
N SER K 461 -1.66 7.26 -27.32
CA SER K 461 -1.97 8.67 -27.47
C SER K 461 -0.71 9.51 -27.50
N ARG K 462 0.34 9.10 -26.77
CA ARG K 462 1.62 9.78 -26.86
C ARG K 462 2.23 9.62 -28.25
N LEU K 463 2.10 8.44 -28.85
CA LEU K 463 2.57 8.27 -30.22
C LEU K 463 1.78 9.17 -31.17
N LEU K 464 0.48 9.32 -30.93
CA LEU K 464 -0.29 10.28 -31.72
C LEU K 464 0.17 11.71 -31.47
N ASP K 465 0.66 12.01 -30.27
CA ASP K 465 1.27 13.32 -30.03
C ASP K 465 2.48 13.53 -30.94
N ILE K 466 3.34 12.52 -31.03
CA ILE K 466 4.51 12.63 -31.90
C ILE K 466 4.07 12.77 -33.35
N LEU K 467 3.05 12.01 -33.77
CA LEU K 467 2.52 12.15 -35.12
C LEU K 467 1.95 13.54 -35.36
N GLU K 468 1.33 14.13 -34.35
CA GLU K 468 0.81 15.49 -34.49
C GLU K 468 1.94 16.48 -34.69
N ASP K 469 3.04 16.31 -33.95
CA ASP K 469 4.20 17.16 -34.18
C ASP K 469 4.77 16.97 -35.58
N TYR K 470 4.79 15.74 -36.07
CA TYR K 470 5.33 15.51 -37.41
C TYR K 470 4.40 16.05 -38.49
N CYS K 471 3.09 16.00 -38.25
CA CYS K 471 2.15 16.65 -39.16
C CYS K 471 2.36 18.15 -39.18
N TYR K 472 2.61 18.75 -38.01
CA TYR K 472 3.04 20.13 -37.97
C TYR K 472 4.29 20.35 -38.82
N PHE K 473 5.24 19.42 -38.75
CA PHE K 473 6.42 19.51 -39.61
C PHE K 473 6.01 19.57 -41.08
N ARG K 474 5.13 18.68 -41.51
CA ARG K 474 4.72 18.66 -42.90
C ARG K 474 3.51 19.55 -43.18
N ASN K 475 2.92 20.15 -42.14
CA ASN K 475 1.92 21.21 -42.31
C ASN K 475 0.69 20.72 -43.06
N TYR K 476 0.27 19.49 -42.79
CA TYR K 476 -0.94 18.97 -43.38
C TYR K 476 -2.15 19.39 -42.56
N GLU K 477 -3.28 19.57 -43.25
CA GLU K 477 -4.54 19.75 -42.55
C GLU K 477 -5.05 18.41 -42.07
N TYR K 478 -5.68 18.41 -40.91
CA TYR K 478 -6.21 17.18 -40.30
C TYR K 478 -7.09 17.58 -39.12
N CYS K 479 -7.58 16.57 -38.40
CA CYS K 479 -8.25 16.75 -37.13
C CYS K 479 -7.86 15.57 -36.26
N ARG K 480 -7.52 15.84 -35.01
CA ARG K 480 -7.06 14.82 -34.09
C ARG K 480 -8.17 14.47 -33.12
N ILE K 481 -8.79 13.31 -33.31
CA ILE K 481 -9.71 12.74 -32.35
C ILE K 481 -8.94 11.72 -31.51
N ASP K 482 -9.05 11.84 -30.20
CA ASP K 482 -8.40 10.93 -29.27
C ASP K 482 -9.39 10.61 -28.17
N GLY K 483 -9.00 9.66 -27.32
CA GLY K 483 -9.75 9.48 -26.09
C GLY K 483 -9.76 10.76 -25.27
N SER K 484 -10.94 11.08 -24.74
CA SER K 484 -11.11 12.22 -23.85
C SER K 484 -10.75 13.53 -24.54
N THR K 485 -11.41 13.80 -25.67
CA THR K 485 -11.31 15.13 -26.27
C THR K 485 -12.49 16.00 -25.83
N ALA K 486 -13.69 15.66 -26.27
CA ALA K 486 -14.89 16.40 -25.91
C ALA K 486 -16.13 15.65 -26.40
N HIS K 487 -17.29 16.25 -26.22
CA HIS K 487 -18.49 15.76 -26.90
C HIS K 487 -18.69 16.48 -28.24
N GLU K 488 -18.64 17.81 -28.21
CA GLU K 488 -18.83 18.61 -29.42
C GLU K 488 -17.62 18.61 -30.32
N ASP K 489 -16.41 18.53 -29.75
CA ASP K 489 -15.22 18.68 -30.58
C ASP K 489 -15.00 17.45 -31.45
N ARG K 490 -15.35 16.27 -30.94
CA ARG K 490 -15.36 15.07 -31.76
C ARG K 490 -16.23 15.29 -33.00
N ILE K 491 -17.43 15.82 -32.78
CA ILE K 491 -18.38 16.05 -33.86
C ILE K 491 -17.82 17.03 -34.88
N GLN K 492 -17.30 18.15 -34.39
CA GLN K 492 -16.87 19.19 -35.32
C GLN K 492 -15.64 18.74 -36.11
N ALA K 493 -14.74 17.99 -35.48
CA ALA K 493 -13.59 17.47 -36.21
C ALA K 493 -14.03 16.46 -37.27
N ILE K 494 -14.98 15.59 -36.93
CA ILE K 494 -15.49 14.63 -37.90
C ILE K 494 -16.10 15.36 -39.09
N ASP K 495 -16.91 16.39 -38.81
CA ASP K 495 -17.54 17.13 -39.90
C ASP K 495 -16.52 17.86 -40.75
N ASP K 496 -15.51 18.47 -40.12
CA ASP K 496 -14.48 19.16 -40.88
C ASP K 496 -13.74 18.20 -41.80
N TYR K 497 -13.43 17.00 -41.30
CA TYR K 497 -12.77 16.02 -42.16
C TYR K 497 -13.69 15.58 -43.28
N ASN K 498 -14.95 15.31 -42.98
CA ASN K 498 -15.91 14.83 -43.96
C ASN K 498 -16.61 15.95 -44.71
N ALA K 499 -16.23 17.20 -44.47
CA ALA K 499 -16.73 18.29 -45.29
C ALA K 499 -16.30 18.07 -46.74
N PRO K 500 -17.16 18.36 -47.72
CA PRO K 500 -16.77 18.15 -49.11
C PRO K 500 -15.59 19.01 -49.49
N ASP K 501 -14.66 18.42 -50.25
CA ASP K 501 -13.43 19.06 -50.66
C ASP K 501 -12.65 19.60 -49.47
N SER K 502 -12.54 18.78 -48.42
CA SER K 502 -11.76 19.13 -47.25
C SER K 502 -10.29 18.81 -47.54
N LYS K 503 -9.43 19.80 -47.38
CA LYS K 503 -8.00 19.62 -47.61
C LYS K 503 -7.31 18.90 -46.45
N LYS K 504 -8.09 18.37 -45.50
CA LYS K 504 -7.52 17.65 -44.37
C LYS K 504 -6.98 16.30 -44.86
N PHE K 505 -5.71 16.28 -45.25
CA PHE K 505 -5.17 15.11 -45.93
C PHE K 505 -5.09 13.91 -45.01
N VAL K 506 -4.62 14.10 -43.78
CA VAL K 506 -4.49 13.02 -42.81
C VAL K 506 -5.58 13.18 -41.76
N PHE K 507 -5.69 12.18 -40.88
CA PHE K 507 -6.66 12.23 -39.80
C PHE K 507 -6.14 11.33 -38.68
N LEU K 508 -5.60 11.94 -37.63
CA LEU K 508 -5.07 11.19 -36.51
C LEU K 508 -6.20 10.68 -35.63
N LEU K 509 -6.10 9.42 -35.23
CA LEU K 509 -7.15 8.77 -34.46
C LEU K 509 -6.54 7.63 -33.64
N THR K 510 -7.14 7.38 -32.47
CA THR K 510 -6.80 6.20 -31.70
C THR K 510 -7.56 5.01 -32.27
N THR K 511 -7.39 3.84 -31.64
CA THR K 511 -8.04 2.63 -32.12
C THR K 511 -9.30 2.32 -31.33
N ARG K 512 -9.18 2.13 -30.02
CA ARG K 512 -10.27 1.64 -29.20
C ARG K 512 -11.27 2.73 -28.83
N ALA K 513 -10.93 3.99 -29.06
CA ALA K 513 -11.88 5.09 -28.88
C ALA K 513 -12.43 5.61 -30.19
N GLY K 514 -11.71 5.46 -31.29
CA GLY K 514 -12.14 6.05 -32.54
C GLY K 514 -12.99 5.15 -33.42
N GLY K 515 -12.49 3.97 -33.73
CA GLY K 515 -13.13 3.10 -34.70
C GLY K 515 -14.16 2.15 -34.13
N LEU K 516 -15.30 2.66 -33.69
CA LEU K 516 -16.37 1.82 -33.17
C LEU K 516 -17.73 2.28 -33.70
N GLY K 517 -17.80 2.56 -34.99
CA GLY K 517 -19.11 2.74 -35.60
C GLY K 517 -19.28 3.93 -36.51
N ILE K 518 -18.32 4.85 -36.49
CA ILE K 518 -18.43 6.04 -37.32
C ILE K 518 -18.13 5.68 -38.78
N ASN K 519 -18.65 6.49 -39.69
CA ASN K 519 -18.49 6.29 -41.12
C ASN K 519 -17.61 7.38 -41.68
N LEU K 520 -16.60 6.98 -42.45
CA LEU K 520 -15.63 7.91 -43.03
C LEU K 520 -15.40 7.57 -44.50
N THR K 521 -16.50 7.41 -45.24
CA THR K 521 -16.40 7.11 -46.66
C THR K 521 -15.72 8.24 -47.45
N SER K 522 -15.73 9.47 -46.91
CA SER K 522 -14.98 10.54 -47.56
C SER K 522 -13.50 10.21 -47.64
N ALA K 523 -13.02 9.40 -46.70
CA ALA K 523 -11.69 8.82 -46.78
C ALA K 523 -11.75 7.49 -47.53
N ASP K 524 -10.61 7.08 -48.06
CA ASP K 524 -10.53 5.84 -48.82
C ASP K 524 -9.54 4.84 -48.26
N VAL K 525 -8.36 5.28 -47.85
CA VAL K 525 -7.28 4.40 -47.43
C VAL K 525 -7.11 4.49 -45.92
N VAL K 526 -6.92 3.32 -45.29
CA VAL K 526 -6.77 3.20 -43.84
C VAL K 526 -5.45 2.49 -43.57
N VAL K 527 -4.65 3.08 -42.68
CA VAL K 527 -3.35 2.52 -42.32
C VAL K 527 -3.30 2.30 -40.82
N LEU K 528 -2.75 1.16 -40.41
CA LEU K 528 -2.54 0.84 -39.01
C LEU K 528 -1.09 1.08 -38.66
N TYR K 529 -0.85 1.86 -37.61
CA TYR K 529 0.54 2.04 -37.18
C TYR K 529 1.04 0.83 -36.41
N ASP K 530 0.16 0.14 -35.68
CA ASP K 530 0.55 -0.97 -34.84
C ASP K 530 -0.51 -2.06 -34.91
N SER K 531 -0.16 -3.23 -34.39
CA SER K 531 -1.06 -4.36 -34.34
C SER K 531 -1.69 -4.46 -32.96
N ASP K 532 -2.93 -4.93 -32.91
CA ASP K 532 -3.70 -5.01 -31.69
C ASP K 532 -4.07 -6.46 -31.40
N TRP K 533 -4.01 -6.82 -30.14
CA TRP K 533 -4.37 -8.14 -29.61
C TRP K 533 -5.82 -8.43 -29.66
N ASN K 534 -6.60 -7.59 -30.35
CA ASN K 534 -7.98 -7.91 -30.71
C ASN K 534 -8.09 -7.79 -32.21
N PRO K 535 -7.80 -8.86 -32.96
CA PRO K 535 -7.88 -8.77 -34.42
C PRO K 535 -9.27 -8.46 -34.93
N GLN K 536 -10.31 -8.91 -34.21
CA GLN K 536 -11.65 -8.50 -34.59
C GLN K 536 -11.83 -7.00 -34.42
N ALA K 537 -11.18 -6.41 -33.42
CA ALA K 537 -11.16 -4.96 -33.31
C ALA K 537 -10.40 -4.32 -34.46
N ASP K 538 -9.31 -4.96 -34.90
CA ASP K 538 -8.60 -4.45 -36.07
C ASP K 538 -9.50 -4.42 -37.29
N LEU K 539 -10.24 -5.52 -37.52
CA LEU K 539 -11.20 -5.56 -38.62
C LEU K 539 -12.27 -4.49 -38.44
N GLN K 540 -12.74 -4.30 -37.21
CA GLN K 540 -13.63 -3.19 -36.91
C GLN K 540 -13.01 -1.87 -37.37
N ALA K 541 -11.69 -1.74 -37.23
CA ALA K 541 -11.02 -0.49 -37.53
C ALA K 541 -10.91 -0.24 -39.03
N MET K 542 -10.37 -1.22 -39.78
CA MET K 542 -10.07 -0.96 -41.18
C MET K 542 -11.33 -0.58 -41.96
N ASP K 543 -12.47 -1.17 -41.62
CA ASP K 543 -13.67 -0.97 -42.39
C ASP K 543 -14.38 0.36 -42.08
N ARG K 544 -13.68 1.30 -41.45
CA ARG K 544 -14.25 2.62 -41.22
C ARG K 544 -14.68 3.26 -42.52
N ALA K 545 -13.79 3.32 -43.51
CA ALA K 545 -14.11 3.88 -44.81
C ALA K 545 -14.75 2.87 -45.76
N HIS K 546 -14.68 1.57 -45.43
CA HIS K 546 -15.16 0.52 -46.31
C HIS K 546 -16.60 0.16 -45.94
N ARG K 547 -17.50 1.08 -46.27
CA ARG K 547 -18.92 0.92 -45.97
C ARG K 547 -19.73 1.35 -47.19
N ILE K 548 -21.04 1.44 -47.01
CA ILE K 548 -21.90 2.02 -48.03
C ILE K 548 -21.57 3.50 -48.18
N GLY K 549 -21.34 3.93 -49.41
CA GLY K 549 -20.86 5.26 -49.69
C GLY K 549 -19.40 5.34 -50.08
N GLN K 550 -18.71 4.20 -50.17
CA GLN K 550 -17.31 4.16 -50.58
C GLN K 550 -17.24 4.14 -52.10
N LYS K 551 -16.77 5.24 -52.68
CA LYS K 551 -16.69 5.37 -54.13
C LYS K 551 -15.29 5.15 -54.68
N LYS K 552 -14.35 4.71 -53.84
CA LYS K 552 -13.00 4.39 -54.28
C LYS K 552 -12.57 3.06 -53.68
N GLN K 553 -11.44 2.56 -54.16
CA GLN K 553 -10.92 1.28 -53.69
C GLN K 553 -10.18 1.48 -52.37
N VAL K 554 -10.55 0.67 -51.37
CA VAL K 554 -9.92 0.76 -50.05
C VAL K 554 -8.57 0.04 -50.10
N LYS K 555 -7.50 0.77 -49.77
CA LYS K 555 -6.15 0.25 -49.85
C LYS K 555 -5.58 0.23 -48.43
N VAL K 556 -5.62 -0.95 -47.81
CA VAL K 556 -5.20 -1.10 -46.42
C VAL K 556 -3.69 -1.34 -46.39
N PHE K 557 -3.01 -0.64 -45.49
CA PHE K 557 -1.56 -0.75 -45.34
C PHE K 557 -1.24 -0.89 -43.85
N ARG K 558 -1.25 -2.12 -43.35
CA ARG K 558 -0.84 -2.39 -41.98
C ARG K 558 0.68 -2.38 -41.89
N LEU K 559 1.20 -1.79 -40.82
CA LEU K 559 2.63 -1.74 -40.58
C LEU K 559 3.00 -2.82 -39.56
N VAL K 560 3.90 -3.71 -39.94
CA VAL K 560 4.43 -4.74 -39.05
C VAL K 560 5.94 -4.65 -39.11
N THR K 561 6.58 -4.62 -37.94
CA THR K 561 8.03 -4.49 -37.89
C THR K 561 8.68 -5.86 -38.06
N ASP K 562 9.62 -5.95 -38.99
CA ASP K 562 10.30 -7.21 -39.26
C ASP K 562 11.20 -7.60 -38.09
N ASN K 563 11.31 -8.91 -37.86
CA ASN K 563 12.17 -9.47 -36.82
C ASN K 563 11.87 -8.83 -35.46
N SER K 564 10.59 -8.65 -35.17
CA SER K 564 10.15 -8.04 -33.93
C SER K 564 9.08 -8.91 -33.29
N VAL K 565 8.79 -8.63 -32.01
CA VAL K 565 7.75 -9.36 -31.31
C VAL K 565 6.38 -9.09 -31.92
N GLU K 566 6.26 -8.01 -32.70
CA GLU K 566 5.01 -7.76 -33.41
C GLU K 566 4.69 -8.89 -34.39
N GLU K 567 5.72 -9.59 -34.87
CA GLU K 567 5.47 -10.77 -35.71
C GLU K 567 4.72 -11.84 -34.92
N LYS K 568 5.13 -12.09 -33.69
CA LYS K 568 4.41 -13.04 -32.85
C LYS K 568 3.03 -12.49 -32.48
N ILE K 569 2.92 -11.17 -32.34
CA ILE K 569 1.60 -10.55 -32.20
C ILE K 569 0.71 -10.95 -33.35
N LEU K 570 1.22 -10.81 -34.58
CA LEU K 570 0.42 -11.13 -35.76
C LEU K 570 0.11 -12.62 -35.83
N GLU K 571 1.06 -13.47 -35.43
CA GLU K 571 0.82 -14.90 -35.46
C GLU K 571 -0.29 -15.30 -34.50
N ARG K 572 -0.24 -14.78 -33.26
CA ARG K 572 -1.32 -15.06 -32.32
C ARG K 572 -2.63 -14.44 -32.77
N ALA K 573 -2.55 -13.28 -33.43
CA ALA K 573 -3.74 -12.67 -33.99
C ALA K 573 -4.40 -13.58 -35.02
N THR K 574 -3.60 -14.14 -35.92
CA THR K 574 -4.13 -15.08 -36.91
C THR K 574 -4.69 -16.32 -36.23
N GLN K 575 -4.00 -16.80 -35.19
CA GLN K 575 -4.50 -17.95 -34.44
C GLN K 575 -5.90 -17.68 -33.91
N LYS K 576 -6.10 -16.54 -33.25
CA LYS K 576 -7.41 -16.23 -32.71
C LYS K 576 -8.42 -15.87 -33.80
N LEU K 577 -7.97 -15.40 -34.96
CA LEU K 577 -8.88 -15.27 -36.09
C LEU K 577 -9.45 -16.62 -36.50
N ARG K 578 -8.57 -17.61 -36.67
CA ARG K 578 -9.02 -18.90 -37.19
C ARG K 578 -9.78 -19.70 -36.15
N LEU K 579 -9.48 -19.50 -34.85
CA LEU K 579 -10.23 -20.21 -33.82
C LEU K 579 -11.70 -19.83 -33.80
N ASP K 580 -12.07 -18.70 -34.40
CA ASP K 580 -13.45 -18.25 -34.44
C ASP K 580 -14.06 -18.26 -35.84
N GLN K 581 -13.30 -17.86 -36.85
CA GLN K 581 -13.88 -17.60 -38.17
C GLN K 581 -14.34 -18.88 -38.85
N LEU K 582 -13.70 -20.01 -38.55
CA LEU K 582 -14.18 -21.28 -39.11
C LEU K 582 -15.60 -21.55 -38.66
N VAL K 583 -15.88 -21.37 -37.37
CA VAL K 583 -17.24 -21.61 -36.87
C VAL K 583 -18.19 -20.51 -37.34
N ILE K 584 -17.71 -19.28 -37.45
CA ILE K 584 -18.56 -18.21 -37.99
C ILE K 584 -18.97 -18.54 -39.42
N GLN K 585 -18.04 -19.05 -40.22
CA GLN K 585 -18.36 -19.44 -41.59
C GLN K 585 -19.24 -20.68 -41.65
N GLN K 586 -19.14 -21.58 -40.65
CA GLN K 586 -20.05 -22.72 -40.62
C GLN K 586 -21.45 -22.30 -40.21
N ASN K 587 -21.58 -21.21 -39.45
CA ASN K 587 -22.90 -20.74 -39.03
C ASN K 587 -23.79 -20.42 -40.22
N ARG K 588 -23.24 -19.76 -41.23
CA ARG K 588 -24.05 -19.35 -42.37
C ARG K 588 -24.38 -20.53 -43.28
N THR K 589 -23.43 -21.44 -43.47
CA THR K 589 -23.66 -22.58 -44.34
C THR K 589 -24.61 -23.59 -43.70
N SER K 590 -24.47 -23.85 -42.41
CA SER K 590 -25.34 -24.79 -41.70
C SER K 590 -25.35 -24.52 -40.20
#